data_9G8Q
#
_entry.id   9G8Q
#
_cell.length_a   1.00
_cell.length_b   1.00
_cell.length_c   1.00
_cell.angle_alpha   90.00
_cell.angle_beta   90.00
_cell.angle_gamma   90.00
#
_symmetry.space_group_name_H-M   'P 1'
#
loop_
_entity.id
_entity.type
_entity.pdbx_description
1 polymer 'Helicase SKI2W'
2 polymer 'Superkiller complex protein 3'
3 polymer 'WD repeat-containing protein 61'
#
loop_
_entity_poly.entity_id
_entity_poly.type
_entity_poly.pdbx_seq_one_letter_code
_entity_poly.pdbx_strand_id
1 'polypeptide(L)'
;MMETERLVLPPPDPLDLPLRAVELGCTGHWELLNLPGAPESSLPHGLPPCAPDLQQEAEQLFLSSPAWLPLHGVEHSARK
WQRKTDPWSLLAVLGAPVPSDLQAQRHPTTGQILGYKEVLLENTNLSATTSLSLRRPPGPASQSLWGNPTQYPFWPGGMD
EPTITDLNTREEAEEEIDFEKDLLTIPPGFKKGMDFAPKDCPTPAPGLLSLSCMLEPLDLGGGDEDENEAVGQPGGPRGD
TVSASPCSAPLARASSLEDLVLKEASTAVSTPEAPEPPSQEQWAIPVDATSPVGDFYRLIPQPAFQWAFEPDVFQKQAIL
HLERHDSVFVAAHTSAGKTVVAEYAIALAQKHMTRTIYTSPIKALSNQKFRDFRNTFGDVGLLTGDVQLHPEASCLIMTT
EILRSMLYSGSDVIRDLEWVIFDEVHYINDVERGVVWEEVLIMLPDHVSIILLSATVPNALEFADWIGRLKRRQIYVIST
VTRPVPLEHYLFTGNSSKTQGELFLLLDSRGAFHTKGYYAAVEAKKERMSKHAQTFGAKQPTHQGGPAQDRGVYLSLLAS
LRTRAQLPVVVFTFSRGRCDEQASGLTSLDLTTSSEKSEIHLFLQRCLARLRGSDRQLPQVLHMSELLNRGLGVHHSGIL
PILKEIVEMLFSRGLVKVLFATETFAMGVNMPARTVVFDSMRKHDGSTFRDLLPGEYVQMAGRAGRRGLDPTGTVILLCK
GRVPEMADLHRMMMGKPSQLQSQFRLTYTMILNLLRVDALRVEDMMKRSFSEFPSRKDSKAHEQALAELTKRLGALEEPD
MTGQLVDLPEYYSWGEELTETQHMIQRRIMESVNGLKSLSAGRVVVVKNQEHHNALGVILQVSSNSTSRVFTTLVLCDKP
LSQDPQDRGPATAEVPYPDDLVGFKLFLPEGPCDHTVVKLQPGDMAAITTKVLRVNGEKILEDFSKRQQPKFKKDPPLAA
VTTAVQELLRLAQAHPAGPPTLDPVNDLQLKDMSVVEGGLRARKLEELIQGAQCVHSPRFPAQYLKLRERMQIQKEMERL
RFLLSDQSLLLLPEYHQRVEVLRTLGYVDEAGTVKLAGRVACAMSSHELLLTELMFDNALSTLRPEEIAALLSGLVCQSP
GDAGDQLPNTLKQGIERVRAVAKRIGEVQVACGLNQTVEEFVGELNFGLVEVVYEWARGMPFSELAGLSGTPEGLVVRCI
QRLAEMCRSLRGAARLVGEPVLGAKMETAATLLRRDIVFAASLYTQ
;
A
2 'polypeptide(L)'
;GPDSMSSKEVKTALKSARDAIRNKEYKEALKHCKTVLKQEKNNYNAWVFIGVAAAELEQPDQAQSAYKKAAELEPDQLLA
WQGLANLYEKYNHINAKDDLPGVYQKLLDLYESVDKQKWCDVCKKLVDLYYQEKKHLEVARTWHKLIKTRQEQGAENEEL
HQLWRKLTQFLAESTEDQNNETQQLLFTAFENALGLSDKIPSEDHQVLYRHFIQSLSKFPHESARLKKACEGMINIYPTV
QYPLEVLCLHLIESGNLTDEGQQYCCRLVEMDSKSGPGLIGLGIKALQDKKYEDAVRNLTEGLKESPVCTSGWYHLAEAQ
VKMHRPKEAVLSCSQALKIVDNLGASGNSLYQRNLCLHLKAEALIKLSDYDSSEEAIRTLDQISDADNIPGLLVLKSLAY
RNKGSFDEAAKIMEDLLSSYPDLAEVHALEALIHFTKKDYLQAEKCFQRALEKDTEVAEYHYQLGLTYWFMGEETRKDKT
KALTHFLKAARLDTYMGKVFCYLGHYYRDVVGDKNRARGCYRKAFELDDTDAESGAAAVDLSVELEDMEMALAILTTVTQ
KASAGTAKWAWLRRGLYYLKAGQHSQAVADLQAALRADPKDFNCWESLGEAYLSRGGYTTALKSFTKASELNPESIYSVF
KVAAIQQILGKYKEAVAQYQMIIKKKEDYVPALKGLGECHLMMAKAALVDYLDGKAVDYIEKALEYFTCALQHRADVSCL
WKLAGDACTCLYAVAPSKVNVHVLGVLLGQKEGKQVLKKNELLHLGGRCYGRALKLMSTSNTWCDLGINYYRQAQHLAET
GSNMNDLKELLEKSLHCLKKAVRLDSNNHLYWNALGVVACYSGIGNYALAQHCFIKSIQSEQINAVAWTNLGVLYLTNEN
IEQAHEAFKMAQSLDPSYLMCWIGQALIAEAVGSYDTMDLFRHTTELNMHTEGALGYAYWVCTTLQDKSNRETELYQYNI
LQMNAIPAAQVILNKYVERIQNYAPAFTMLGYLNEHLQLKKEAANAYQRAILLLQTAEDQDTYNVAIRNYGRLLCSTGEY
DKAIQAFKSTPLEVLEDIIGFALALFMKGLYKESSKAYERALSIVESEQDKAHILTALAITEYKQGKTDVAKTLLFKCSI
LKEPTTESLQALCALGLAMQDATLSKAALNELLKHIKHKDSNYQRCLLTSAIYALQGRSVAVQKQISKAVHSNPGDPALW
SLLSRVVAQYAQRNAKGGVVAGNVAHILDSNHGKKALLYTAVNQLAMGSSSAEDEKNTALKTIQKAALLSPGDPAIWAGL
MAACHADDKLALVNNTQPKRIDLYLALLSAVSASIKDEKFFENYNQSLEKWSLSQAVTGLIDTGRISEAETLCTKNLKSN
PDQPAVILLLRQVQCKPLLESQKPLPDAVLEELQKTVMSNSTSVPAWQWLAHVYQSQGMMRAAEMCYRKSLQLASQRGSW
SGKLSSLLRLALLALKVCMANISNDHWPSLVQEATTEALKLCFCPLAVLLQALLQFKRKMGARETRRLLERVVYQPGYPK
SIASTARWYLLRHLYAKDDYELIDVLVNNAKTHGDTRALELNQRLSSQ
;
B
3 'polypeptide(L)'
;MTNQYGILFKQEQAHDDAIWSVAWGTNKKENSETVVTGSLDDLVKVWKWRDERLDLQWSLEGHQLGVVSVDISHTLPIAA
SSSLDAHIRLWDLENGKQIKSIDAGPVDAWTLAFSPDSQYLATGTHVGKVNIFGVESGKKEYSLDTRGKFILSIAYSPDG
KYLASGAIDGIINIFDIATGKLLHTLEGHAMPIRSLTFSPDSQLLVTASDDGYIKIYDVQHANLAGTLSGHASWVLNVAF
CPDDTHFVSSSSDKSVKVWDVGTRTCVHTFFDHQDQVWGVKYNGNGSKIVSVGDDQEIHIYDCPI
;
C,D
#
# COMPACT_ATOMS: atom_id res chain seq x y z
N MET A 1 9.30 31.21 -53.34
CA MET A 1 8.25 31.86 -52.56
C MET A 1 8.48 33.36 -52.84
N MET A 2 7.37 34.02 -53.21
CA MET A 2 7.32 35.43 -53.59
C MET A 2 7.35 36.42 -52.43
N GLU A 3 6.74 36.11 -51.29
CA GLU A 3 6.60 37.05 -50.17
C GLU A 3 5.83 38.30 -50.61
N THR A 4 4.80 38.09 -51.42
CA THR A 4 3.79 39.12 -51.63
C THR A 4 2.65 38.95 -50.64
N GLU A 5 2.43 39.97 -49.82
CA GLU A 5 1.26 40.04 -48.96
C GLU A 5 -0.01 40.02 -49.80
N ARG A 6 -1.05 39.38 -49.27
CA ARG A 6 -2.31 39.23 -49.99
C ARG A 6 -3.46 39.61 -49.06
N LEU A 7 -3.93 40.85 -49.22
CA LEU A 7 -4.96 41.39 -48.35
C LEU A 7 -6.31 40.72 -48.62
N VAL A 8 -6.95 40.25 -47.56
CA VAL A 8 -8.25 39.60 -47.66
C VAL A 8 -9.29 40.59 -47.16
N LEU A 9 -10.48 40.53 -47.74
CA LEU A 9 -11.51 41.50 -47.38
C LEU A 9 -11.75 41.48 -45.87
N PRO A 10 -11.87 42.63 -45.22
CA PRO A 10 -12.05 42.66 -43.78
C PRO A 10 -13.38 42.07 -43.29
N PRO A 11 -14.52 42.30 -43.95
CA PRO A 11 -15.75 41.70 -43.43
C PRO A 11 -15.99 40.32 -44.02
N PRO A 12 -16.26 39.32 -43.18
CA PRO A 12 -16.52 37.98 -43.73
C PRO A 12 -17.75 37.96 -44.62
N ASP A 13 -18.85 38.56 -44.13
CA ASP A 13 -20.23 38.70 -44.62
C ASP A 13 -21.11 38.25 -43.46
N PRO A 14 -22.15 39.02 -43.10
CA PRO A 14 -23.02 38.58 -42.00
C PRO A 14 -23.71 37.26 -42.30
N LEU A 15 -24.11 37.05 -43.55
CA LEU A 15 -24.82 35.85 -43.97
C LEU A 15 -24.00 34.57 -43.82
N ASP A 16 -22.71 34.66 -43.46
CA ASP A 16 -21.87 33.48 -43.31
C ASP A 16 -20.85 33.68 -42.20
N LEU A 17 -20.56 32.61 -41.46
CA LEU A 17 -19.95 32.65 -40.14
C LEU A 17 -18.57 32.00 -40.22
N PRO A 18 -17.65 32.35 -39.32
CA PRO A 18 -16.25 31.98 -39.52
C PRO A 18 -16.02 30.51 -39.15
N LEU A 19 -14.84 30.03 -39.50
CA LEU A 19 -14.50 28.61 -39.46
C LEU A 19 -13.34 28.43 -38.48
N ARG A 20 -13.69 28.07 -37.25
CA ARG A 20 -12.76 27.92 -36.14
C ARG A 20 -12.77 26.48 -35.67
N ALA A 21 -11.66 25.79 -35.83
CA ALA A 21 -11.57 24.35 -35.58
C ALA A 21 -10.79 24.11 -34.30
N VAL A 22 -11.12 23.00 -33.62
CA VAL A 22 -10.48 22.61 -32.37
C VAL A 22 -10.20 21.12 -32.42
N GLU A 23 -9.02 20.72 -31.94
CA GLU A 23 -8.58 19.34 -31.95
C GLU A 23 -8.59 18.80 -30.51
N LEU A 24 -9.16 17.60 -30.33
CA LEU A 24 -9.37 17.02 -29.02
C LEU A 24 -8.70 15.66 -28.96
N GLY A 25 -7.62 15.56 -28.20
CA GLY A 25 -6.92 14.30 -28.01
C GLY A 25 -5.98 13.97 -29.15
N CYS A 26 -5.16 12.94 -28.92
CA CYS A 26 -4.27 12.45 -29.97
C CYS A 26 -5.05 11.65 -31.01
N THR A 27 -5.96 10.77 -30.57
CA THR A 27 -6.68 9.89 -31.48
C THR A 27 -7.84 10.69 -32.08
N GLY A 28 -7.76 10.91 -33.40
CA GLY A 28 -8.46 12.01 -34.06
C GLY A 28 -9.90 12.28 -33.66
N HIS A 29 -10.13 13.48 -33.11
CA HIS A 29 -11.47 13.90 -32.71
C HIS A 29 -11.48 15.42 -32.82
N TRP A 30 -12.02 15.93 -33.92
CA TRP A 30 -12.16 17.35 -34.17
C TRP A 30 -13.58 17.85 -33.95
N GLU A 31 -13.73 19.17 -34.01
CA GLU A 31 -15.01 19.85 -33.87
C GLU A 31 -14.81 21.29 -34.35
N LEU A 32 -15.83 22.12 -34.18
CA LEU A 32 -15.91 23.41 -34.87
C LEU A 32 -16.52 24.42 -33.92
N LEU A 33 -15.75 25.44 -33.53
CA LEU A 33 -16.27 26.55 -32.75
C LEU A 33 -16.69 27.70 -33.66
N ASN A 34 -17.57 28.56 -33.13
CA ASN A 34 -18.18 29.62 -33.91
C ASN A 34 -17.32 30.87 -33.98
N LEU A 35 -16.25 30.95 -33.20
CA LEU A 35 -15.71 32.24 -32.75
C LEU A 35 -14.26 32.38 -33.21
N PRO A 36 -13.95 33.33 -34.09
CA PRO A 36 -12.71 33.23 -34.88
C PRO A 36 -11.49 33.66 -34.06
N GLY A 37 -10.48 32.79 -34.02
CA GLY A 37 -9.37 33.00 -33.11
C GLY A 37 -8.26 31.97 -33.19
N ALA A 38 -7.78 31.51 -32.04
CA ALA A 38 -6.68 30.57 -31.99
C ALA A 38 -7.12 29.19 -32.47
N PRO A 39 -6.21 28.41 -33.04
CA PRO A 39 -6.52 26.99 -33.29
C PRO A 39 -6.86 26.22 -32.03
N GLU A 40 -6.35 26.64 -30.87
CA GLU A 40 -6.81 26.19 -29.56
C GLU A 40 -6.79 24.66 -29.48
N SER A 41 -5.59 24.10 -29.61
CA SER A 41 -5.40 22.67 -29.59
C SER A 41 -4.98 22.20 -28.20
N SER A 42 -5.56 21.09 -27.75
CA SER A 42 -5.30 20.54 -26.43
C SER A 42 -4.07 19.65 -26.47
N LEU A 43 -3.30 19.69 -25.39
CA LEU A 43 -1.93 19.16 -25.33
C LEU A 43 -1.14 19.55 -26.57
N PRO A 44 -0.78 20.83 -26.70
CA PRO A 44 -0.04 21.27 -27.91
C PRO A 44 1.28 20.52 -28.08
N HIS A 45 1.93 20.15 -26.99
CA HIS A 45 3.31 19.70 -26.99
C HIS A 45 3.40 18.19 -27.01
N GLY A 46 2.27 17.50 -27.06
CA GLY A 46 2.19 16.05 -27.03
C GLY A 46 1.73 15.55 -25.68
N LEU A 47 1.56 14.23 -25.60
CA LEU A 47 1.36 13.61 -24.30
C LEU A 47 2.60 13.78 -23.44
N PRO A 48 2.47 13.72 -22.13
CA PRO A 48 3.64 13.88 -21.27
C PRO A 48 4.51 12.64 -21.29
N PRO A 49 5.62 12.64 -20.55
CA PRO A 49 6.62 11.57 -20.75
C PRO A 49 6.18 10.22 -20.22
N CYS A 50 5.40 10.18 -19.13
CA CYS A 50 4.92 8.94 -18.55
C CYS A 50 6.10 8.14 -18.02
N ALA A 51 6.19 6.86 -18.34
CA ALA A 51 7.23 5.99 -17.82
C ALA A 51 8.36 5.84 -18.82
N PRO A 52 9.58 5.53 -18.36
CA PRO A 52 10.70 5.33 -19.28
C PRO A 52 10.53 4.09 -20.15
N ASP A 53 11.43 3.98 -21.13
CA ASP A 53 11.37 2.92 -22.12
C ASP A 53 11.96 1.62 -21.57
N LEU A 54 11.59 0.51 -22.23
CA LEU A 54 11.85 -0.82 -21.70
C LEU A 54 13.34 -1.17 -21.69
N GLN A 55 14.12 -0.60 -22.62
CA GLN A 55 15.55 -0.88 -22.66
C GLN A 55 16.27 -0.32 -21.45
N GLN A 56 16.05 0.96 -21.15
CA GLN A 56 16.57 1.53 -19.90
C GLN A 56 16.05 0.76 -18.70
N GLU A 57 14.79 0.32 -18.74
CA GLU A 57 14.21 -0.36 -17.59
C GLU A 57 14.93 -1.67 -17.31
N ALA A 58 15.24 -2.44 -18.37
CA ALA A 58 15.95 -3.70 -18.17
C ALA A 58 17.41 -3.47 -17.82
N GLU A 59 18.06 -2.48 -18.45
CA GLU A 59 19.39 -2.06 -18.00
C GLU A 59 19.43 -1.78 -16.51
N GLN A 60 18.37 -1.16 -15.98
CA GLN A 60 18.33 -0.78 -14.57
C GLN A 60 17.97 -1.94 -13.67
N LEU A 61 17.10 -2.84 -14.12
CA LEU A 61 16.70 -3.98 -13.30
C LEU A 61 17.86 -4.89 -12.94
N PHE A 62 18.78 -5.12 -13.86
CA PHE A 62 19.92 -6.00 -13.58
C PHE A 62 21.24 -5.24 -13.50
N LEU A 63 21.60 -4.49 -14.54
CA LEU A 63 22.96 -4.00 -14.67
C LEU A 63 23.23 -2.76 -13.85
N SER A 64 22.35 -2.42 -12.90
CA SER A 64 22.69 -1.43 -11.89
C SER A 64 23.88 -1.88 -11.05
N SER A 65 23.81 -3.09 -10.50
CA SER A 65 24.76 -3.54 -9.49
C SER A 65 24.54 -5.03 -9.22
N PRO A 66 25.48 -5.69 -8.53
CA PRO A 66 25.28 -7.09 -8.13
C PRO A 66 24.54 -7.29 -6.81
N ALA A 67 23.92 -6.24 -6.26
CA ALA A 67 23.25 -6.35 -4.97
C ALA A 67 21.97 -7.17 -5.03
N TRP A 68 21.38 -7.34 -6.22
CA TRP A 68 20.16 -8.13 -6.34
C TRP A 68 20.46 -9.61 -6.50
N LEU A 69 21.73 -10.00 -6.59
CA LEU A 69 22.11 -11.39 -6.63
C LEU A 69 21.82 -12.07 -5.29
N PRO A 70 21.59 -13.39 -5.30
CA PRO A 70 21.22 -14.07 -4.05
C PRO A 70 22.39 -14.42 -3.16
N LEU A 71 23.62 -14.10 -3.58
CA LEU A 71 24.78 -14.25 -2.73
C LEU A 71 24.91 -13.12 -1.71
N HIS A 72 24.16 -12.04 -1.90
CA HIS A 72 24.03 -10.98 -0.90
C HIS A 72 22.60 -10.89 -0.40
N GLY A 73 22.00 -12.06 -0.15
CA GLY A 73 20.62 -12.17 0.29
C GLY A 73 20.53 -12.37 1.80
N VAL A 74 19.29 -12.41 2.28
CA VAL A 74 19.07 -12.69 3.70
C VAL A 74 19.45 -14.13 4.03
N GLU A 75 19.18 -15.05 3.10
CA GLU A 75 19.75 -16.39 3.15
C GLU A 75 21.21 -16.35 2.71
N HIS A 76 21.83 -17.54 2.65
CA HIS A 76 23.23 -17.69 2.23
C HIS A 76 24.21 -17.17 3.27
N SER A 77 23.89 -17.32 4.55
CA SER A 77 24.88 -16.98 5.57
C SER A 77 25.07 -18.12 6.57
N ALA A 78 24.05 -18.96 6.75
CA ALA A 78 24.11 -20.13 7.62
C ALA A 78 24.52 -19.74 9.04
N ARG A 79 23.70 -18.90 9.68
CA ARG A 79 23.97 -18.52 11.05
C ARG A 79 23.49 -19.59 12.03
N LYS A 80 23.86 -19.41 13.29
CA LYS A 80 23.54 -20.37 14.35
C LYS A 80 23.89 -19.74 15.69
N TRP A 81 23.07 -20.00 16.70
CA TRP A 81 23.29 -19.49 18.05
C TRP A 81 23.27 -20.63 19.05
N GLN A 82 23.65 -20.32 20.29
CA GLN A 82 23.93 -21.31 21.31
C GLN A 82 23.11 -21.01 22.56
N ARG A 83 22.33 -21.98 23.01
CA ARG A 83 21.26 -21.74 23.96
C ARG A 83 21.77 -21.85 25.40
N LYS A 84 21.46 -20.84 26.20
CA LYS A 84 21.73 -20.85 27.63
C LYS A 84 20.40 -20.65 28.36
N THR A 85 20.12 -21.51 29.33
CA THR A 85 18.96 -21.35 30.18
C THR A 85 19.36 -21.04 31.62
N ASP A 86 18.39 -20.56 32.38
CA ASP A 86 18.64 -20.02 33.72
C ASP A 86 17.36 -20.26 34.52
N PRO A 87 17.22 -21.45 35.11
CA PRO A 87 16.05 -21.69 35.98
C PRO A 87 15.95 -20.75 37.16
N TRP A 88 17.09 -20.23 37.66
CA TRP A 88 17.09 -19.59 38.97
C TRP A 88 16.33 -18.27 38.98
N SER A 89 16.07 -17.68 37.81
CA SER A 89 15.32 -16.44 37.69
C SER A 89 13.83 -16.60 37.91
N LEU A 90 13.37 -17.80 38.27
CA LEU A 90 11.96 -18.07 38.49
C LEU A 90 11.60 -18.10 39.98
N LEU A 91 12.46 -17.55 40.83
CA LEU A 91 12.16 -17.41 42.25
C LEU A 91 11.45 -16.09 42.51
N ALA A 92 10.46 -16.12 43.41
CA ALA A 92 9.66 -14.96 43.73
C ALA A 92 9.59 -14.70 45.24
N VAL A 93 9.63 -13.42 45.61
CA VAL A 93 9.55 -12.98 47.00
C VAL A 93 8.54 -11.84 47.09
N LEU A 94 7.75 -11.84 48.16
CA LEU A 94 6.75 -10.81 48.41
C LEU A 94 7.15 -9.93 49.60
N GLY A 95 6.55 -8.76 49.68
CA GLY A 95 6.82 -7.79 50.74
C GLY A 95 5.68 -7.70 51.74
N ALA A 96 6.05 -7.62 53.02
CA ALA A 96 5.08 -7.53 54.09
C ALA A 96 4.34 -6.19 54.06
N PRO A 97 3.04 -6.18 54.37
CA PRO A 97 2.26 -4.93 54.37
C PRO A 97 2.68 -4.00 55.50
N VAL A 98 2.39 -2.71 55.30
CA VAL A 98 2.76 -1.68 56.27
C VAL A 98 2.05 -1.97 57.60
N PRO A 99 2.71 -1.79 58.74
CA PRO A 99 2.07 -2.08 60.04
C PRO A 99 1.33 -0.92 60.71
N SER A 100 1.13 0.22 60.06
CA SER A 100 0.36 1.28 60.70
C SER A 100 -0.36 2.14 59.67
N ASP A 101 -1.50 2.70 60.08
CA ASP A 101 -2.34 3.49 59.21
C ASP A 101 -2.30 4.99 59.51
N LEU A 102 -1.71 5.39 60.65
CA LEU A 102 -1.64 6.79 61.06
C LEU A 102 -3.04 7.41 61.17
N GLN A 103 -3.84 6.86 62.07
CA GLN A 103 -5.23 7.27 62.21
C GLN A 103 -5.36 8.49 63.12
N ALA A 104 -6.25 9.39 62.73
CA ALA A 104 -6.48 10.64 63.44
C ALA A 104 -7.00 10.40 64.85
N GLN A 105 -6.99 11.46 65.65
CA GLN A 105 -7.49 11.46 67.02
C GLN A 105 -8.72 12.34 67.09
N ARG A 106 -9.43 12.26 68.22
CA ARG A 106 -10.62 13.09 68.39
C ARG A 106 -10.80 13.50 69.84
N HIS A 107 -11.13 14.77 70.05
CA HIS A 107 -11.57 15.25 71.36
C HIS A 107 -12.84 14.51 71.77
N PRO A 108 -12.91 13.98 72.99
CA PRO A 108 -14.15 13.34 73.46
C PRO A 108 -15.17 14.40 73.86
N THR A 109 -16.37 14.32 73.26
CA THR A 109 -17.43 15.33 73.27
C THR A 109 -17.09 16.47 72.32
N THR A 110 -18.04 16.84 71.46
CA THR A 110 -17.84 17.84 70.42
C THR A 110 -16.61 17.50 69.58
N GLY A 111 -16.72 16.34 68.91
CA GLY A 111 -15.62 15.76 68.17
C GLY A 111 -14.82 16.71 67.30
N GLN A 112 -13.53 16.84 67.61
CA GLN A 112 -12.62 17.71 66.89
C GLN A 112 -11.26 17.01 66.83
N ILE A 113 -10.45 17.38 65.85
CA ILE A 113 -9.17 16.71 65.61
C ILE A 113 -8.07 17.51 66.29
N LEU A 114 -7.47 16.91 67.32
CA LEU A 114 -6.33 17.52 67.99
C LEU A 114 -5.03 17.26 67.23
N GLY A 115 -4.82 16.04 66.77
CA GLY A 115 -3.59 15.71 66.09
C GLY A 115 -3.64 14.30 65.55
N TYR A 116 -2.48 13.83 65.07
CA TYR A 116 -2.35 12.52 64.45
C TYR A 116 -1.29 11.72 65.20
N LYS A 117 -1.65 10.52 65.62
CA LYS A 117 -0.76 9.59 66.31
C LYS A 117 -0.86 8.22 65.64
N GLU A 118 0.27 7.52 65.59
CA GLU A 118 0.37 6.26 64.87
C GLU A 118 -0.12 5.10 65.74
N VAL A 119 -1.08 4.35 65.21
CA VAL A 119 -1.67 3.21 65.91
C VAL A 119 -1.33 1.95 65.14
N LEU A 120 -1.32 0.82 65.84
CA LEU A 120 -0.98 -0.45 65.22
C LEU A 120 -2.18 -1.02 64.48
N LEU A 121 -1.91 -1.79 63.44
CA LEU A 121 -2.92 -2.49 62.68
C LEU A 121 -2.91 -3.98 63.00
N GLU A 122 -3.93 -4.68 62.51
CA GLU A 122 -4.10 -6.10 62.80
C GLU A 122 -4.39 -6.88 61.53
N GLY A 157 17.63 11.76 68.03
CA GLY A 157 18.58 12.86 68.00
C GLY A 157 19.56 12.77 66.85
N GLY A 158 19.75 13.89 66.15
CA GLY A 158 20.64 13.91 65.01
C GLY A 158 20.11 13.12 63.83
N MET A 159 19.01 13.59 63.24
CA MET A 159 18.31 12.84 62.20
C MET A 159 19.16 12.95 60.94
N ASP A 160 20.11 12.03 60.81
CA ASP A 160 20.83 11.80 59.56
C ASP A 160 21.04 10.33 59.25
N GLU A 161 20.47 9.40 60.05
CA GLU A 161 20.73 7.97 60.15
C GLU A 161 22.22 7.60 60.18
N PRO A 162 22.91 7.92 61.28
CA PRO A 162 24.33 7.58 61.41
C PRO A 162 24.55 6.16 61.93
N THR A 163 25.23 5.30 61.15
CA THR A 163 25.79 4.06 61.69
C THR A 163 24.68 3.20 62.33
N ILE A 164 23.53 3.14 61.67
CA ILE A 164 22.30 2.66 62.30
C ILE A 164 22.21 1.14 62.33
N THR A 165 23.26 0.45 61.86
CA THR A 165 23.31 -1.00 61.71
C THR A 165 22.96 -1.64 63.06
N ASP A 166 22.50 -2.89 63.06
CA ASP A 166 22.10 -3.56 64.29
C ASP A 166 23.17 -4.58 64.68
N LEU A 167 23.65 -4.44 65.90
CA LEU A 167 24.67 -5.27 66.53
C LEU A 167 24.19 -5.69 67.91
N ASN A 168 24.80 -6.76 68.44
CA ASN A 168 24.43 -7.35 69.72
C ASN A 168 23.01 -7.95 69.64
N THR A 169 22.86 -8.87 68.71
CA THR A 169 21.67 -9.60 68.32
C THR A 169 21.36 -10.67 69.38
N ARG A 170 20.20 -11.33 69.25
CA ARG A 170 19.82 -12.37 70.22
C ARG A 170 19.66 -11.77 71.61
N GLU A 171 18.64 -10.91 71.70
CA GLU A 171 18.26 -10.22 72.92
C GLU A 171 16.91 -10.66 73.49
N GLU A 172 15.93 -11.05 72.67
CA GLU A 172 14.67 -11.48 73.28
C GLU A 172 14.43 -12.96 73.01
N ALA A 173 13.37 -13.48 73.62
CA ALA A 173 12.89 -14.85 73.46
C ALA A 173 11.50 -14.93 72.85
N GLU A 174 11.37 -15.58 71.69
CA GLU A 174 10.13 -15.49 70.91
C GLU A 174 9.43 -16.84 70.89
N GLU A 175 10.08 -17.91 70.43
CA GLU A 175 9.70 -19.25 70.87
C GLU A 175 10.90 -20.17 71.10
N GLU A 176 12.13 -19.68 70.94
CA GLU A 176 13.33 -20.53 70.87
C GLU A 176 13.16 -21.70 69.90
N ILE A 177 12.96 -21.36 68.62
CA ILE A 177 12.82 -22.36 67.58
C ILE A 177 14.19 -22.74 67.05
N ASP A 178 14.34 -24.01 66.67
CA ASP A 178 15.60 -24.56 66.14
C ASP A 178 15.46 -24.89 64.65
N PHE A 179 16.28 -24.26 63.82
CA PHE A 179 16.29 -24.48 62.38
C PHE A 179 17.47 -25.31 61.91
N GLU A 180 18.34 -25.77 62.81
CA GLU A 180 19.58 -26.41 62.43
C GLU A 180 19.64 -27.91 62.67
N LYS A 181 18.73 -28.48 63.45
CA LYS A 181 18.84 -29.89 63.84
C LYS A 181 17.80 -30.78 63.20
N ASP A 182 16.52 -30.48 63.34
CA ASP A 182 15.46 -31.33 62.81
C ASP A 182 14.75 -30.60 61.68
N LEU A 183 14.97 -31.05 60.44
CA LEU A 183 14.46 -30.38 59.27
C LEU A 183 13.45 -31.28 58.57
N LEU A 184 12.41 -30.67 57.99
CA LEU A 184 11.41 -31.45 57.27
C LEU A 184 12.01 -32.02 55.98
N THR A 185 11.49 -33.17 55.55
CA THR A 185 11.92 -33.73 54.28
C THR A 185 10.73 -34.01 53.36
N ILE A 186 9.60 -34.39 53.95
CA ILE A 186 8.44 -34.86 53.19
C ILE A 186 7.59 -33.66 52.80
N PRO A 187 7.45 -33.33 51.52
CA PRO A 187 6.53 -32.28 51.13
C PRO A 187 5.09 -32.73 51.34
N PRO A 188 4.17 -31.81 51.61
CA PRO A 188 2.76 -32.19 51.71
C PRO A 188 2.23 -32.74 50.39
N GLY A 189 1.43 -33.80 50.48
CA GLY A 189 0.86 -34.42 49.31
C GLY A 189 1.73 -35.44 48.60
N PHE A 190 2.93 -35.71 49.12
CA PHE A 190 4.01 -36.35 48.38
C PHE A 190 4.59 -37.48 49.21
N LYS A 191 4.90 -38.60 48.56
CA LYS A 191 5.19 -39.82 49.31
C LYS A 191 6.57 -39.75 49.96
N LYS A 192 7.57 -39.31 49.19
CA LYS A 192 8.92 -39.18 49.71
C LYS A 192 9.58 -37.95 49.12
N GLY A 193 10.72 -37.59 49.68
CA GLY A 193 11.34 -36.31 49.39
C GLY A 193 12.75 -36.48 48.91
N MET A 194 13.17 -35.59 48.02
CA MET A 194 14.54 -35.62 47.52
C MET A 194 15.47 -35.19 48.65
N ASP A 195 16.56 -35.94 48.81
CA ASP A 195 17.47 -35.85 49.96
C ASP A 195 18.85 -35.32 49.61
N PHE A 196 19.35 -34.41 50.45
CA PHE A 196 20.65 -33.77 50.26
C PHE A 196 21.54 -34.17 51.44
N ALA A 197 22.77 -34.54 51.15
CA ALA A 197 23.73 -34.89 52.19
C ALA A 197 24.10 -33.68 53.02
N SER B 635 -13.31 22.82 57.13
CA SER B 635 -12.60 21.62 57.61
C SER B 635 -11.86 20.94 56.47
N ILE B 636 -10.65 20.47 56.74
CA ILE B 636 -9.85 19.80 55.73
C ILE B 636 -9.87 18.29 55.88
N TYR B 637 -10.20 17.76 57.06
CA TYR B 637 -10.12 16.32 57.27
C TYR B 637 -11.09 15.57 56.35
N SER B 638 -12.27 16.13 56.12
CA SER B 638 -13.28 15.48 55.28
C SER B 638 -12.81 15.37 53.84
N VAL B 639 -12.26 16.46 53.28
CA VAL B 639 -11.78 16.40 51.90
C VAL B 639 -10.60 15.44 51.78
N PHE B 640 -9.72 15.42 52.78
CA PHE B 640 -8.60 14.47 52.75
C PHE B 640 -9.10 13.04 52.77
N LYS B 641 -10.11 12.74 53.59
CA LYS B 641 -10.62 11.38 53.63
C LYS B 641 -11.35 11.03 52.33
N VAL B 642 -12.01 12.01 51.71
CA VAL B 642 -12.63 11.79 50.41
C VAL B 642 -11.56 11.43 49.38
N ALA B 643 -10.44 12.17 49.39
CA ALA B 643 -9.35 11.86 48.47
C ALA B 643 -8.74 10.50 48.76
N ALA B 644 -8.65 10.12 50.04
CA ALA B 644 -8.11 8.81 50.37
C ALA B 644 -9.01 7.71 49.84
N ILE B 645 -10.33 7.87 49.98
CA ILE B 645 -11.29 6.91 49.45
C ILE B 645 -11.15 6.84 47.94
N GLN B 646 -11.01 8.00 47.30
CA GLN B 646 -10.83 8.07 45.86
C GLN B 646 -9.60 7.28 45.46
N GLN B 647 -8.52 7.38 46.25
CA GLN B 647 -7.32 6.59 46.01
C GLN B 647 -7.56 5.08 46.12
N ILE B 648 -8.35 4.62 47.12
CA ILE B 648 -8.55 3.17 47.25
C ILE B 648 -9.22 2.59 46.00
N LEU B 649 -10.23 3.27 45.47
CA LEU B 649 -10.95 2.73 44.31
C LEU B 649 -10.35 3.24 43.00
N GLY B 650 -9.07 2.91 42.84
CA GLY B 650 -8.30 3.18 41.64
C GLY B 650 -8.14 4.65 41.36
N LYS B 651 -8.18 5.00 40.06
CA LYS B 651 -8.14 6.37 39.55
C LYS B 651 -7.13 7.21 40.33
N TYR B 652 -5.88 6.73 40.29
CA TYR B 652 -4.80 7.31 41.07
C TYR B 652 -4.43 8.72 40.62
N LYS B 653 -4.59 9.03 39.33
CA LYS B 653 -4.20 10.35 38.84
C LYS B 653 -5.08 11.43 39.45
N GLU B 654 -6.39 11.17 39.54
CA GLU B 654 -7.30 12.12 40.16
C GLU B 654 -6.94 12.32 41.63
N ALA B 655 -6.61 11.24 42.33
CA ALA B 655 -6.19 11.37 43.73
C ALA B 655 -4.92 12.20 43.86
N VAL B 656 -3.97 12.02 42.95
CA VAL B 656 -2.74 12.82 42.99
C VAL B 656 -3.06 14.30 42.78
N ALA B 657 -3.95 14.59 41.82
CA ALA B 657 -4.37 15.97 41.56
C ALA B 657 -5.07 16.56 42.78
N GLN B 658 -5.95 15.78 43.40
CA GLN B 658 -6.66 16.23 44.59
C GLN B 658 -5.68 16.51 45.73
N TYR B 659 -4.69 15.64 45.91
CA TYR B 659 -3.69 15.84 46.95
C TYR B 659 -2.89 17.11 46.68
N GLN B 660 -2.55 17.37 45.42
CA GLN B 660 -1.85 18.61 45.09
C GLN B 660 -2.72 19.83 45.41
N MET B 661 -4.01 19.75 45.08
CA MET B 661 -4.92 20.85 45.38
C MET B 661 -5.03 21.08 46.89
N ILE B 662 -5.08 20.00 47.68
CA ILE B 662 -5.11 20.15 49.12
C ILE B 662 -3.81 20.77 49.63
N ILE B 663 -2.67 20.30 49.10
CA ILE B 663 -1.38 20.82 49.55
C ILE B 663 -1.22 22.28 49.18
N LYS B 664 -1.99 22.75 48.18
CA LYS B 664 -1.93 24.15 47.78
C LYS B 664 -2.28 25.06 48.94
N LYS B 665 -3.46 24.84 49.55
CA LYS B 665 -3.90 25.69 50.65
C LYS B 665 -2.96 25.61 51.84
N LYS B 666 -2.54 24.41 52.22
CA LYS B 666 -1.64 24.21 53.35
C LYS B 666 -0.47 23.35 52.89
N GLU B 667 0.75 23.86 53.08
CA GLU B 667 1.95 23.21 52.60
C GLU B 667 2.59 22.25 53.60
N ASP B 668 2.07 22.14 54.83
CA ASP B 668 2.70 21.27 55.82
C ASP B 668 1.84 20.10 56.24
N TYR B 669 0.75 19.80 55.54
CA TYR B 669 -0.09 18.67 55.93
C TYR B 669 0.65 17.37 55.61
N VAL B 670 0.95 16.59 56.64
CA VAL B 670 1.69 15.33 56.51
C VAL B 670 0.91 14.22 55.81
N PRO B 671 -0.37 13.96 56.17
CA PRO B 671 -1.11 12.89 55.50
C PRO B 671 -1.17 13.00 53.99
N ALA B 672 -1.28 14.22 53.44
CA ALA B 672 -1.33 14.36 52.00
C ALA B 672 0.01 13.97 51.36
N LEU B 673 1.11 14.36 52.00
CA LEU B 673 2.43 13.95 51.52
C LEU B 673 2.57 12.43 51.54
N LYS B 674 2.11 11.80 52.64
CA LYS B 674 2.16 10.34 52.72
C LYS B 674 1.34 9.68 51.62
N GLY B 675 0.14 10.22 51.37
CA GLY B 675 -0.70 9.67 50.31
C GLY B 675 -0.07 9.81 48.95
N LEU B 676 0.53 10.97 48.67
CA LEU B 676 1.22 11.17 47.41
C LEU B 676 2.38 10.22 47.26
N GLY B 677 3.17 10.03 48.32
CA GLY B 677 4.27 9.09 48.24
C GLY B 677 3.81 7.68 47.95
N GLU B 678 2.76 7.22 48.65
CA GLU B 678 2.24 5.87 48.41
C GLU B 678 1.71 5.72 46.98
N CYS B 679 1.00 6.75 46.50
CA CYS B 679 0.48 6.71 45.14
C CYS B 679 1.60 6.65 44.12
N HIS B 680 2.66 7.45 44.33
CA HIS B 680 3.77 7.46 43.40
C HIS B 680 4.52 6.13 43.41
N LEU B 681 4.66 5.52 44.58
CA LEU B 681 5.29 4.20 44.65
C LEU B 681 4.48 3.15 43.92
N MET B 682 3.16 3.13 44.13
CA MET B 682 2.36 2.12 43.43
C MET B 682 2.37 2.34 41.93
N MET B 683 2.30 3.59 41.45
CA MET B 683 2.37 3.78 40.00
C MET B 683 3.73 3.36 39.46
N ALA B 684 4.81 3.63 40.22
CA ALA B 684 6.12 3.19 39.77
C ALA B 684 6.19 1.67 39.69
N LYS B 685 5.63 0.96 40.66
CA LYS B 685 5.63 -0.50 40.59
C LYS B 685 4.77 -0.99 39.42
N ALA B 686 3.64 -0.33 39.18
CA ALA B 686 2.80 -0.70 38.03
C ALA B 686 3.54 -0.48 36.71
N ALA B 687 4.31 0.62 36.62
CA ALA B 687 5.12 0.87 35.43
C ALA B 687 6.20 -0.19 35.29
N LEU B 688 6.80 -0.60 36.41
CA LEU B 688 7.81 -1.64 36.39
C LEU B 688 7.23 -3.00 36.05
N VAL B 689 5.92 -3.19 36.22
CA VAL B 689 5.27 -4.40 35.73
C VAL B 689 5.45 -4.52 34.23
N ASP B 690 5.22 -3.43 33.49
CA ASP B 690 5.68 -3.36 32.13
C ASP B 690 7.15 -2.98 32.09
N TYR B 691 7.72 -2.88 30.89
CA TYR B 691 9.14 -2.54 30.74
C TYR B 691 9.28 -1.06 30.42
N LEU B 692 9.12 -0.22 31.44
CA LEU B 692 9.29 1.24 31.29
C LEU B 692 10.24 1.76 32.36
N ASP B 693 11.54 1.73 32.09
CA ASP B 693 12.51 2.05 33.14
C ASP B 693 12.59 3.56 33.42
N GLY B 694 12.52 4.39 32.38
CA GLY B 694 12.54 5.83 32.59
C GLY B 694 11.35 6.35 33.38
N LYS B 695 10.15 5.84 33.06
CA LYS B 695 8.98 6.22 33.83
C LYS B 695 9.13 5.80 35.28
N ALA B 696 9.60 4.58 35.52
CA ALA B 696 9.80 4.11 36.88
C ALA B 696 10.81 4.96 37.63
N VAL B 697 11.93 5.33 36.99
CA VAL B 697 12.95 6.11 37.68
C VAL B 697 12.38 7.48 38.05
N ASP B 698 11.64 8.10 37.12
CA ASP B 698 11.05 9.39 37.42
C ASP B 698 10.05 9.28 38.57
N TYR B 699 9.21 8.24 38.57
CA TYR B 699 8.25 8.08 39.66
C TYR B 699 8.93 7.87 41.00
N ILE B 700 10.00 7.06 41.05
CA ILE B 700 10.73 6.90 42.32
C ILE B 700 11.34 8.23 42.76
N GLU B 701 11.90 9.00 41.83
CA GLU B 701 12.49 10.28 42.23
C GLU B 701 11.42 11.21 42.82
N LYS B 702 10.25 11.28 42.18
CA LYS B 702 9.17 12.10 42.71
C LYS B 702 8.72 11.60 44.08
N ALA B 703 8.59 10.28 44.24
CA ALA B 703 8.18 9.74 45.52
C ALA B 703 9.19 10.06 46.60
N LEU B 704 10.50 9.94 46.28
CA LEU B 704 11.53 10.28 47.26
C LEU B 704 11.50 11.76 47.65
N GLU B 705 11.30 12.66 46.67
CA GLU B 705 11.18 14.08 47.01
C GLU B 705 10.01 14.31 47.97
N TYR B 706 8.85 13.71 47.67
CA TYR B 706 7.69 13.91 48.54
C TYR B 706 7.94 13.30 49.92
N PHE B 707 8.59 12.13 49.96
CA PHE B 707 8.86 11.47 51.23
C PHE B 707 9.81 12.28 52.10
N THR B 708 10.86 12.85 51.52
CA THR B 708 11.75 13.67 52.34
C THR B 708 11.08 14.97 52.75
N CYS B 709 10.22 15.53 51.88
CA CYS B 709 9.47 16.71 52.29
C CYS B 709 8.59 16.42 53.49
N ALA B 710 7.95 15.24 53.52
CA ALA B 710 7.14 14.88 54.67
C ALA B 710 7.99 14.57 55.90
N LEU B 711 9.14 13.93 55.70
CA LEU B 711 10.06 13.62 56.80
C LEU B 711 10.65 14.88 57.43
N GLN B 712 10.73 15.98 56.69
CA GLN B 712 11.15 17.25 57.28
C GLN B 712 10.29 17.62 58.47
N HIS B 713 8.97 17.41 58.39
CA HIS B 713 8.07 17.86 59.43
C HIS B 713 7.89 16.87 60.58
N ARG B 714 7.67 15.59 60.28
CA ARG B 714 7.47 14.58 61.31
C ARG B 714 8.47 13.44 61.12
N ALA B 715 9.52 13.43 61.94
CA ALA B 715 10.61 12.48 61.80
C ALA B 715 10.52 11.30 62.75
N ASP B 716 9.46 11.20 63.56
CA ASP B 716 9.33 10.13 64.54
C ASP B 716 8.32 9.06 64.14
N VAL B 717 7.86 9.08 62.89
CA VAL B 717 6.77 8.23 62.44
C VAL B 717 7.35 7.07 61.65
N SER B 718 7.13 5.85 62.17
CA SER B 718 7.64 4.65 61.52
C SER B 718 7.04 4.43 60.14
N CYS B 719 5.83 4.95 59.89
CA CYS B 719 5.24 4.86 58.56
C CYS B 719 6.10 5.55 57.51
N LEU B 720 6.52 6.78 57.78
CA LEU B 720 7.34 7.50 56.82
C LEU B 720 8.70 6.81 56.63
N TRP B 721 9.32 6.37 57.73
CA TRP B 721 10.62 5.71 57.60
C TRP B 721 10.53 4.43 56.79
N LYS B 722 9.51 3.60 57.06
CA LYS B 722 9.35 2.36 56.31
C LYS B 722 9.03 2.63 54.85
N LEU B 723 8.21 3.64 54.56
CA LEU B 723 7.93 3.97 53.16
C LEU B 723 9.16 4.50 52.45
N ALA B 724 9.98 5.31 53.13
CA ALA B 724 11.22 5.77 52.53
C ALA B 724 12.17 4.61 52.24
N GLY B 725 12.29 3.66 53.18
CA GLY B 725 13.09 2.48 52.93
C GLY B 725 12.57 1.67 51.76
N ASP B 726 11.25 1.50 51.68
CA ASP B 726 10.64 0.77 50.57
C ASP B 726 10.93 1.47 49.26
N ALA B 727 10.79 2.79 49.23
CA ALA B 727 11.06 3.55 48.01
C ALA B 727 12.51 3.43 47.59
N CYS B 728 13.44 3.47 48.55
CA CYS B 728 14.84 3.35 48.20
C CYS B 728 15.17 1.97 47.65
N THR B 729 14.64 0.91 48.27
CA THR B 729 14.98 -0.44 47.84
C THR B 729 14.11 -0.98 46.71
N CYS B 730 13.06 -0.24 46.32
CA CYS B 730 12.17 -0.75 45.27
C CYS B 730 12.86 -0.83 43.91
N LEU B 731 13.78 0.08 43.63
CA LEU B 731 14.44 0.12 42.32
C LEU B 731 15.62 -0.85 42.32
N TYR B 732 15.29 -2.12 42.40
CA TYR B 732 16.27 -3.19 42.34
C TYR B 732 16.15 -3.97 41.02
N ALA B 733 17.28 -4.47 40.55
CA ALA B 733 17.35 -5.27 39.32
C ALA B 733 16.74 -4.53 38.13
N VAL B 734 17.03 -3.23 38.02
CA VAL B 734 16.54 -2.41 36.91
C VAL B 734 17.76 -1.73 36.28
N ALA B 735 18.32 -2.35 35.24
CA ALA B 735 19.24 -1.74 34.30
C ALA B 735 20.31 -0.87 34.97
N PRO B 736 21.28 -1.48 35.66
CA PRO B 736 22.36 -0.68 36.25
C PRO B 736 23.08 0.15 35.19
N SER B 737 23.52 1.34 35.60
CA SER B 737 24.11 2.41 34.78
C SER B 737 23.03 3.15 34.01
N LYS B 738 21.75 2.87 34.28
CA LYS B 738 20.64 3.66 33.80
C LYS B 738 19.87 4.34 34.93
N VAL B 739 20.16 4.00 36.19
CA VAL B 739 19.46 4.54 37.34
C VAL B 739 20.35 5.60 37.99
N ASN B 740 19.92 6.85 37.90
CA ASN B 740 20.58 7.99 38.56
C ASN B 740 19.49 8.88 39.13
N VAL B 741 19.41 8.92 40.47
CA VAL B 741 18.31 9.55 41.18
C VAL B 741 18.85 10.75 41.95
N HIS B 742 18.07 11.84 41.95
CA HIS B 742 18.41 13.04 42.70
C HIS B 742 17.74 13.00 44.07
N VAL B 743 18.56 12.93 45.12
CA VAL B 743 18.10 12.97 46.50
C VAL B 743 18.68 14.22 47.15
N LEU B 744 17.82 14.98 47.82
CA LEU B 744 18.15 16.32 48.28
C LEU B 744 18.15 16.40 49.80
N GLY B 745 19.09 17.16 50.33
CA GLY B 745 18.98 17.67 51.70
C GLY B 745 19.52 16.71 52.74
N VAL B 746 18.72 16.47 53.78
CA VAL B 746 19.22 15.88 55.02
C VAL B 746 19.64 14.41 54.85
N LEU B 747 19.14 13.72 53.82
CA LEU B 747 19.35 12.28 53.75
C LEU B 747 20.84 11.95 53.67
N LEU B 748 21.59 12.73 52.91
CA LEU B 748 23.02 12.48 52.73
C LEU B 748 23.80 13.33 53.73
N GLY B 749 23.71 12.92 54.99
CA GLY B 749 24.44 13.60 56.05
C GLY B 749 24.00 15.05 56.20
N GLN B 750 24.97 15.95 56.09
CA GLN B 750 24.71 17.39 56.17
C GLN B 750 23.85 17.86 55.00
N LYS B 751 22.94 18.78 55.30
CA LYS B 751 22.00 19.29 54.29
C LYS B 751 22.76 20.11 53.26
N GLU B 752 22.84 19.59 52.03
CA GLU B 752 23.60 20.24 50.97
C GLU B 752 22.87 20.06 49.64
N GLY B 753 22.12 21.10 49.24
CA GLY B 753 21.51 21.18 47.92
C GLY B 753 20.86 19.91 47.40
N LYS B 754 21.34 19.42 46.27
CA LYS B 754 20.88 18.19 45.67
C LYS B 754 22.08 17.37 45.21
N GLN B 755 21.99 16.06 45.36
CA GLN B 755 23.08 15.15 45.06
C GLN B 755 22.58 14.01 44.17
N VAL B 756 23.53 13.32 43.55
CA VAL B 756 23.25 12.19 42.67
C VAL B 756 23.84 10.94 43.30
N LEU B 757 23.01 9.90 43.45
CA LEU B 757 23.41 8.65 44.05
C LEU B 757 23.32 7.52 43.03
N LYS B 758 24.16 6.51 43.21
CA LYS B 758 24.17 5.33 42.37
C LYS B 758 23.29 4.24 43.00
N LYS B 759 23.27 3.05 42.38
CA LYS B 759 22.41 1.97 42.84
C LYS B 759 22.84 1.47 44.21
N ASN B 760 24.14 1.24 44.40
CA ASN B 760 24.64 0.74 45.68
C ASN B 760 24.41 1.76 46.79
N GLU B 761 24.64 3.04 46.49
CA GLU B 761 24.41 4.07 47.48
C GLU B 761 22.93 4.16 47.83
N LEU B 762 22.05 4.02 46.83
CA LEU B 762 20.62 4.02 47.10
C LEU B 762 20.23 2.84 47.99
N LEU B 763 20.81 1.67 47.73
CA LEU B 763 20.52 0.51 48.57
C LEU B 763 21.02 0.72 50.00
N HIS B 764 22.19 1.35 50.15
CA HIS B 764 22.69 1.66 51.49
C HIS B 764 21.77 2.62 52.22
N LEU B 765 21.25 3.63 51.52
CA LEU B 765 20.29 4.55 52.12
C LEU B 765 19.01 3.82 52.53
N GLY B 766 18.54 2.90 51.68
CA GLY B 766 17.38 2.11 52.04
C GLY B 766 17.62 1.27 53.27
N GLY B 767 18.81 0.67 53.38
CA GLY B 767 19.15 -0.09 54.58
C GLY B 767 19.16 0.79 55.82
N ARG B 768 19.70 2.01 55.68
CA ARG B 768 19.71 2.95 56.80
C ARG B 768 18.29 3.32 57.23
N CYS B 769 17.43 3.60 56.25
CA CYS B 769 16.04 3.95 56.56
C CYS B 769 15.33 2.78 57.23
N TYR B 770 15.57 1.56 56.75
CA TYR B 770 14.99 0.38 57.38
C TYR B 770 15.49 0.24 58.82
N GLY B 771 16.78 0.51 59.04
CA GLY B 771 17.31 0.45 60.40
C GLY B 771 16.66 1.47 61.31
N ARG B 772 16.44 2.68 60.80
CA ARG B 772 15.76 3.70 61.60
C ARG B 772 14.34 3.29 61.93
N ALA B 773 13.62 2.72 60.95
CA ALA B 773 12.26 2.26 61.19
C ALA B 773 12.24 1.14 62.23
N LEU B 774 13.21 0.23 62.14
CA LEU B 774 13.32 -0.84 63.13
C LEU B 774 13.61 -0.28 64.52
N LYS B 775 14.49 0.72 64.61
CA LYS B 775 14.80 1.32 65.90
C LYS B 775 13.58 1.98 66.51
N LEU B 776 12.79 2.70 65.70
CA LEU B 776 11.58 3.32 66.24
C LEU B 776 10.49 2.30 66.51
N MET B 777 10.42 1.22 65.74
CA MET B 777 9.39 0.20 65.92
C MET B 777 9.97 -1.16 65.55
N SER B 778 10.02 -2.08 66.51
CA SER B 778 10.57 -3.41 66.28
C SER B 778 9.43 -4.36 65.93
N THR B 779 9.36 -4.74 64.65
CA THR B 779 8.34 -5.65 64.16
C THR B 779 9.00 -6.64 63.20
N SER B 780 8.49 -7.87 63.17
CA SER B 780 9.08 -8.88 62.28
C SER B 780 8.99 -8.48 60.81
N ASN B 781 7.96 -7.74 60.41
CA ASN B 781 7.85 -7.29 59.03
C ASN B 781 9.02 -6.39 58.63
N THR B 782 9.37 -5.42 59.47
CA THR B 782 10.50 -4.55 59.14
C THR B 782 11.82 -5.32 59.18
N TRP B 783 11.93 -6.31 60.07
CA TRP B 783 13.12 -7.17 60.07
C TRP B 783 13.26 -7.89 58.74
N CYS B 784 12.15 -8.47 58.25
CA CYS B 784 12.18 -9.15 56.96
C CYS B 784 12.50 -8.17 55.83
N ASP B 785 11.96 -6.95 55.90
CA ASP B 785 12.25 -5.95 54.89
C ASP B 785 13.73 -5.58 54.88
N LEU B 786 14.34 -5.45 56.06
CA LEU B 786 15.77 -5.18 56.13
C LEU B 786 16.57 -6.34 55.56
N GLY B 787 16.14 -7.57 55.85
CA GLY B 787 16.79 -8.73 55.28
C GLY B 787 16.71 -8.76 53.76
N ILE B 788 15.53 -8.45 53.21
CA ILE B 788 15.37 -8.43 51.76
C ILE B 788 16.23 -7.32 51.16
N ASN B 789 16.36 -6.18 51.85
CA ASN B 789 17.22 -5.12 51.36
C ASN B 789 18.67 -5.57 51.31
N TYR B 790 19.13 -6.25 52.36
CA TYR B 790 20.48 -6.79 52.36
C TYR B 790 20.67 -7.83 51.25
N TYR B 791 19.65 -8.65 51.03
CA TYR B 791 19.70 -9.64 49.95
C TYR B 791 19.84 -8.95 48.60
N ARG B 792 19.07 -7.88 48.37
CA ARG B 792 19.19 -7.12 47.12
C ARG B 792 20.57 -6.51 46.97
N GLN B 793 21.12 -5.97 48.06
CA GLN B 793 22.46 -5.39 48.01
C GLN B 793 23.49 -6.45 47.63
N ALA B 794 23.42 -7.62 48.27
CA ALA B 794 24.34 -8.71 47.94
C ALA B 794 24.16 -9.17 46.51
N GLN B 795 22.91 -9.27 46.04
CA GLN B 795 22.65 -9.68 44.67
C GLN B 795 23.27 -8.70 43.68
N HIS B 796 23.10 -7.39 43.93
CA HIS B 796 23.68 -6.39 43.04
C HIS B 796 25.21 -6.46 43.06
N LEU B 797 25.80 -6.64 44.24
CA LEU B 797 27.25 -6.75 44.32
C LEU B 797 27.76 -7.98 43.58
N ALA B 798 27.03 -9.10 43.66
CA ALA B 798 27.47 -10.33 43.01
C ALA B 798 27.28 -10.25 41.50
N GLU B 799 26.20 -9.60 41.05
CA GLU B 799 25.85 -9.63 39.63
C GLU B 799 26.96 -9.02 38.77
N THR B 800 27.44 -7.85 39.18
CA THR B 800 28.42 -7.12 38.38
C THR B 800 29.81 -7.72 38.44
N GLY B 801 30.03 -8.74 39.27
CA GLY B 801 31.36 -9.30 39.39
C GLY B 801 32.35 -8.43 40.11
N SER B 802 31.87 -7.46 40.91
CA SER B 802 32.78 -6.56 41.61
C SER B 802 33.60 -7.28 42.67
N ASN B 803 33.05 -8.31 43.31
CA ASN B 803 33.77 -8.98 44.38
C ASN B 803 33.23 -10.40 44.54
N MET B 804 33.97 -11.21 45.30
CA MET B 804 33.55 -12.56 45.64
C MET B 804 34.19 -12.88 46.99
N ASN B 805 33.45 -13.62 47.83
CA ASN B 805 33.84 -14.02 49.18
C ASN B 805 33.90 -12.87 50.16
N ASP B 806 33.56 -11.65 49.75
CA ASP B 806 33.50 -10.50 50.66
C ASP B 806 32.07 -10.08 50.96
N LEU B 807 31.09 -10.86 50.50
CA LEU B 807 29.69 -10.62 50.81
C LEU B 807 29.16 -11.53 51.92
N LYS B 808 30.03 -12.30 52.56
CA LYS B 808 29.58 -13.24 53.58
C LYS B 808 28.98 -12.53 54.79
N GLU B 809 29.50 -11.37 55.15
CA GLU B 809 28.91 -10.61 56.26
C GLU B 809 27.48 -10.19 55.93
N LEU B 810 27.26 -9.69 54.71
CA LEU B 810 25.92 -9.28 54.30
C LEU B 810 24.96 -10.47 54.28
N LEU B 811 25.44 -11.61 53.75
CA LEU B 811 24.59 -12.80 53.72
C LEU B 811 24.25 -13.27 55.13
N GLU B 812 25.22 -13.23 56.04
CA GLU B 812 24.96 -13.62 57.43
C GLU B 812 23.95 -12.69 58.08
N LYS B 813 24.07 -11.38 57.81
CA LYS B 813 23.11 -10.42 58.35
C LYS B 813 21.71 -10.69 57.81
N SER B 814 21.59 -10.93 56.51
CA SER B 814 20.28 -11.21 55.93
C SER B 814 19.68 -12.48 56.50
N LEU B 815 20.49 -13.53 56.65
CA LEU B 815 19.99 -14.79 57.22
C LEU B 815 19.53 -14.58 58.65
N HIS B 816 20.31 -13.84 59.44
CA HIS B 816 19.91 -13.59 60.82
C HIS B 816 18.62 -12.80 60.89
N CYS B 817 18.48 -11.76 60.07
CA CYS B 817 17.26 -10.97 60.10
C CYS B 817 16.05 -11.80 59.70
N LEU B 818 16.18 -12.62 58.65
CA LEU B 818 15.04 -13.41 58.23
C LEU B 818 14.68 -14.49 59.25
N LYS B 819 15.68 -15.14 59.88
CA LYS B 819 15.35 -16.11 60.91
C LYS B 819 14.70 -15.43 62.12
N LYS B 820 15.21 -14.26 62.51
CA LYS B 820 14.59 -13.52 63.61
C LYS B 820 13.15 -13.16 63.27
N ALA B 821 12.90 -12.69 62.05
CA ALA B 821 11.53 -12.33 61.67
C ALA B 821 10.62 -13.55 61.72
N VAL B 822 11.08 -14.67 61.18
CA VAL B 822 10.22 -15.86 61.12
C VAL B 822 10.00 -16.42 62.53
N ARG B 823 10.97 -16.25 63.43
CA ARG B 823 10.80 -16.69 64.81
C ARG B 823 9.94 -15.74 65.64
N LEU B 824 9.86 -14.45 65.29
CA LEU B 824 8.90 -13.59 65.97
C LEU B 824 7.47 -14.06 65.74
N ASP B 825 7.15 -14.47 64.51
CA ASP B 825 5.83 -15.02 64.21
C ASP B 825 6.03 -16.16 63.20
N SER B 826 6.04 -17.39 63.70
CA SER B 826 6.18 -18.57 62.85
C SER B 826 4.83 -19.11 62.40
N ASN B 827 4.03 -18.23 61.80
CA ASN B 827 2.75 -18.65 61.23
C ASN B 827 2.49 -17.95 59.89
N ASN B 828 3.49 -17.30 59.31
CA ASN B 828 3.34 -16.53 58.08
C ASN B 828 4.09 -17.25 56.96
N HIS B 829 3.35 -17.68 55.94
CA HIS B 829 3.95 -18.28 54.77
C HIS B 829 4.93 -17.33 54.08
N LEU B 830 4.69 -16.02 54.17
CA LEU B 830 5.61 -15.03 53.60
C LEU B 830 6.98 -15.13 54.23
N TYR B 831 7.06 -15.11 55.57
CA TYR B 831 8.35 -15.19 56.24
C TYR B 831 9.06 -16.49 55.93
N TRP B 832 8.33 -17.61 55.95
CA TRP B 832 8.94 -18.90 55.67
C TRP B 832 9.49 -18.95 54.25
N ASN B 833 8.71 -18.46 53.29
CA ASN B 833 9.16 -18.46 51.90
C ASN B 833 10.38 -17.57 51.71
N ALA B 834 10.38 -16.40 52.36
CA ALA B 834 11.53 -15.51 52.26
C ALA B 834 12.79 -16.17 52.85
N LEU B 835 12.63 -16.82 54.01
CA LEU B 835 13.75 -17.53 54.62
C LEU B 835 14.28 -18.61 53.67
N GLY B 836 13.38 -19.37 53.06
CA GLY B 836 13.80 -20.40 52.14
C GLY B 836 14.53 -19.83 50.94
N VAL B 837 14.01 -18.74 50.38
CA VAL B 837 14.63 -18.12 49.22
C VAL B 837 16.02 -17.60 49.55
N VAL B 838 16.18 -16.93 50.68
CA VAL B 838 17.50 -16.42 51.03
C VAL B 838 18.46 -17.58 51.34
N ALA B 839 17.96 -18.66 51.94
CA ALA B 839 18.82 -19.80 52.24
C ALA B 839 19.32 -20.49 50.97
N CYS B 840 18.47 -20.61 49.95
CA CYS B 840 18.83 -21.33 48.74
C CYS B 840 19.69 -20.51 47.77
N TYR B 841 20.17 -19.34 48.18
CA TYR B 841 20.99 -18.53 47.28
C TYR B 841 22.28 -19.28 46.91
N SER B 842 22.76 -19.02 45.69
CA SER B 842 23.93 -19.72 45.17
C SER B 842 25.15 -19.53 46.07
N GLY B 843 25.26 -18.39 46.75
CA GLY B 843 26.38 -18.18 47.66
C GLY B 843 26.29 -18.97 48.95
N ILE B 844 25.10 -19.42 49.33
CA ILE B 844 24.90 -20.18 50.56
C ILE B 844 24.60 -21.65 50.26
N GLY B 845 23.52 -21.90 49.52
CA GLY B 845 23.16 -23.24 49.10
C GLY B 845 22.79 -24.19 50.22
N ASN B 846 21.91 -23.76 51.13
CA ASN B 846 21.43 -24.64 52.20
C ASN B 846 20.07 -25.15 51.76
N TYR B 847 20.10 -26.20 50.93
CA TYR B 847 18.88 -26.68 50.29
C TYR B 847 17.95 -27.38 51.28
N ALA B 848 18.49 -28.03 52.31
CA ALA B 848 17.65 -28.66 53.31
C ALA B 848 16.80 -27.64 54.05
N LEU B 849 17.42 -26.54 54.50
CA LEU B 849 16.66 -25.49 55.17
C LEU B 849 15.67 -24.83 54.23
N ALA B 850 16.04 -24.66 52.96
CA ALA B 850 15.11 -24.09 51.98
C ALA B 850 13.88 -24.98 51.82
N GLN B 851 14.08 -26.29 51.71
CA GLN B 851 12.96 -27.22 51.59
C GLN B 851 12.09 -27.19 52.85
N HIS B 852 12.73 -27.16 54.02
CA HIS B 852 11.97 -27.08 55.28
C HIS B 852 11.11 -25.83 55.31
N CYS B 853 11.70 -24.68 54.96
CA CYS B 853 10.97 -23.42 54.99
C CYS B 853 9.83 -23.41 53.99
N PHE B 854 10.05 -23.96 52.79
CA PHE B 854 8.98 -24.00 51.80
C PHE B 854 7.84 -24.91 52.28
N ILE B 855 8.17 -26.05 52.89
CA ILE B 855 7.13 -26.92 53.42
C ILE B 855 6.36 -26.22 54.53
N LYS B 856 7.07 -25.48 55.39
CA LYS B 856 6.41 -24.76 56.46
C LYS B 856 5.49 -23.67 55.92
N SER B 857 5.94 -22.97 54.87
CA SER B 857 5.09 -21.94 54.27
C SER B 857 3.85 -22.56 53.64
N ILE B 858 4.00 -23.72 53.00
CA ILE B 858 2.84 -24.42 52.45
C ILE B 858 1.88 -24.82 53.57
N GLN B 859 2.42 -25.33 54.68
CA GLN B 859 1.58 -25.78 55.79
C GLN B 859 0.86 -24.61 56.45
N SER B 860 1.50 -23.44 56.53
CA SER B 860 0.89 -22.31 57.21
C SER B 860 -0.39 -21.87 56.52
N GLU B 861 -0.40 -21.85 55.19
CA GLU B 861 -1.58 -21.46 54.42
C GLU B 861 -1.63 -22.35 53.19
N GLN B 862 -2.79 -22.96 52.97
CA GLN B 862 -2.88 -24.03 51.97
C GLN B 862 -2.67 -23.51 50.54
N ILE B 863 -3.27 -22.38 50.19
CA ILE B 863 -3.22 -21.89 48.80
C ILE B 863 -1.96 -21.04 48.67
N ASN B 864 -0.84 -21.71 48.40
CA ASN B 864 0.46 -21.05 48.27
C ASN B 864 1.08 -21.51 46.95
N ALA B 865 0.73 -20.81 45.87
CA ALA B 865 1.29 -21.14 44.57
C ALA B 865 2.78 -20.77 44.49
N VAL B 866 3.18 -19.69 45.15
CA VAL B 866 4.57 -19.24 45.08
C VAL B 866 5.51 -20.25 45.73
N ALA B 867 5.17 -20.74 46.93
CA ALA B 867 6.02 -21.74 47.57
C ALA B 867 6.05 -23.04 46.79
N TRP B 868 4.90 -23.46 46.27
CA TRP B 868 4.85 -24.69 45.50
C TRP B 868 5.72 -24.60 44.25
N THR B 869 5.66 -23.46 43.55
CA THR B 869 6.47 -23.35 42.33
C THR B 869 7.93 -23.16 42.65
N ASN B 870 8.25 -22.57 43.82
CA ASN B 870 9.65 -22.52 44.24
C ASN B 870 10.20 -23.92 44.49
N LEU B 871 9.41 -24.76 45.17
CA LEU B 871 9.82 -26.15 45.35
C LEU B 871 9.95 -26.86 44.01
N GLY B 872 9.04 -26.60 43.08
CA GLY B 872 9.15 -27.22 41.77
C GLY B 872 10.39 -26.79 41.02
N VAL B 873 10.76 -25.51 41.12
CA VAL B 873 11.98 -25.03 40.48
C VAL B 873 13.21 -25.67 41.11
N LEU B 874 13.22 -25.78 42.44
CA LEU B 874 14.33 -26.43 43.13
C LEU B 874 14.46 -27.88 42.70
N TYR B 875 13.35 -28.60 42.65
CA TYR B 875 13.38 -29.99 42.22
C TYR B 875 13.85 -30.10 40.77
N LEU B 876 13.37 -29.20 39.90
CA LEU B 876 13.74 -29.27 38.49
C LEU B 876 15.22 -29.03 38.28
N THR B 877 15.80 -28.04 38.97
CA THR B 877 17.24 -27.84 38.76
C THR B 877 18.08 -28.95 39.38
N ASN B 878 17.58 -29.65 40.40
CA ASN B 878 18.26 -30.85 40.90
C ASN B 878 17.66 -32.12 40.28
N GLU B 879 17.70 -32.17 38.95
CA GLU B 879 17.44 -33.39 38.15
C GLU B 879 16.29 -34.24 38.73
N ASN B 880 15.12 -33.62 38.87
CA ASN B 880 13.98 -34.27 39.49
C ASN B 880 12.71 -34.05 38.65
N ILE B 881 12.85 -34.27 37.35
CA ILE B 881 11.84 -33.92 36.34
C ILE B 881 10.43 -34.31 36.77
N GLU B 882 10.25 -35.53 37.28
CA GLU B 882 8.91 -36.03 37.59
C GLU B 882 8.26 -35.23 38.72
N GLN B 883 8.95 -35.08 39.85
CA GLN B 883 8.36 -34.36 40.97
C GLN B 883 8.26 -32.87 40.70
N ALA B 884 9.19 -32.31 39.93
CA ALA B 884 9.05 -30.93 39.50
C ALA B 884 7.80 -30.73 38.64
N HIS B 885 7.54 -31.66 37.73
CA HIS B 885 6.32 -31.61 36.93
C HIS B 885 5.08 -31.72 37.80
N GLU B 886 5.11 -32.61 38.80
CA GLU B 886 3.97 -32.75 39.70
C GLU B 886 3.71 -31.46 40.48
N ALA B 887 4.78 -30.85 41.01
CA ALA B 887 4.62 -29.62 41.77
C ALA B 887 4.14 -28.48 40.89
N PHE B 888 4.69 -28.36 39.68
CA PHE B 888 4.21 -27.30 38.79
C PHE B 888 2.76 -27.52 38.39
N LYS B 889 2.35 -28.77 38.17
CA LYS B 889 0.94 -29.02 37.84
C LYS B 889 0.01 -28.69 39.00
N MET B 890 0.39 -29.04 40.22
CA MET B 890 -0.43 -28.69 41.38
C MET B 890 -0.51 -27.18 41.55
N ALA B 891 0.62 -26.48 41.42
CA ALA B 891 0.62 -25.02 41.54
C ALA B 891 -0.24 -24.38 40.46
N GLN B 892 -0.16 -24.90 39.23
CA GLN B 892 -0.97 -24.37 38.13
C GLN B 892 -2.45 -24.58 38.44
N SER B 893 -2.81 -25.74 38.98
CA SER B 893 -4.19 -26.00 39.36
C SER B 893 -4.64 -25.04 40.44
N LEU B 894 -3.77 -24.76 41.42
CA LEU B 894 -4.11 -23.84 42.50
C LEU B 894 -4.19 -22.40 42.03
N ASP B 895 -3.51 -22.03 40.95
CA ASP B 895 -3.59 -20.68 40.39
C ASP B 895 -3.40 -20.77 38.88
N PRO B 896 -4.48 -20.65 38.11
CA PRO B 896 -4.36 -20.79 36.65
C PRO B 896 -3.64 -19.64 35.96
N SER B 897 -3.46 -18.50 36.62
CA SER B 897 -2.90 -17.31 36.00
C SER B 897 -1.57 -16.91 36.65
N TYR B 898 -0.73 -17.89 36.94
CA TYR B 898 0.60 -17.63 37.46
C TYR B 898 1.62 -17.93 36.37
N LEU B 899 2.61 -17.06 36.21
CA LEU B 899 3.48 -17.16 35.04
C LEU B 899 4.67 -18.10 35.28
N MET B 900 5.21 -18.12 36.49
CA MET B 900 6.40 -18.92 36.78
C MET B 900 6.13 -20.41 36.65
N CYS B 901 4.95 -20.87 37.07
CA CYS B 901 4.64 -22.29 36.91
C CYS B 901 4.57 -22.67 35.43
N TRP B 902 3.98 -21.80 34.62
CA TRP B 902 3.95 -22.04 33.17
C TRP B 902 5.36 -22.06 32.59
N ILE B 903 6.23 -21.16 33.05
CA ILE B 903 7.61 -21.16 32.56
C ILE B 903 8.31 -22.46 32.95
N GLY B 904 8.04 -22.95 34.16
CA GLY B 904 8.59 -24.23 34.57
C GLY B 904 8.11 -25.38 33.71
N GLN B 905 6.81 -25.39 33.38
CA GLN B 905 6.28 -26.42 32.50
C GLN B 905 6.97 -26.36 31.15
N ALA B 906 7.17 -25.16 30.62
CA ALA B 906 7.86 -25.01 29.35
C ALA B 906 9.29 -25.52 29.44
N LEU B 907 9.98 -25.23 30.55
CA LEU B 907 11.35 -25.72 30.70
C LEU B 907 11.41 -27.25 30.73
N ILE B 908 10.49 -27.91 31.43
CA ILE B 908 10.50 -29.38 31.41
C ILE B 908 10.17 -29.90 30.01
N ALA B 909 9.19 -29.30 29.34
CA ALA B 909 8.87 -29.75 27.99
C ALA B 909 10.06 -29.59 27.05
N GLU B 910 10.78 -28.47 27.14
CA GLU B 910 11.98 -28.30 26.34
C GLU B 910 13.05 -29.34 26.70
N ALA B 911 13.23 -29.60 28.00
CA ALA B 911 14.21 -30.59 28.43
C ALA B 911 13.86 -32.01 27.98
N VAL B 912 12.58 -32.29 27.75
CA VAL B 912 12.18 -33.62 27.28
C VAL B 912 12.04 -33.69 25.77
N GLY B 913 12.08 -32.55 25.07
CA GLY B 913 11.97 -32.56 23.63
C GLY B 913 10.58 -32.93 23.15
N SER B 914 9.61 -32.11 23.49
CA SER B 914 8.23 -32.34 23.09
C SER B 914 7.93 -31.57 21.80
N TYR B 915 6.67 -31.59 21.36
CA TYR B 915 6.25 -30.90 20.16
C TYR B 915 5.55 -29.59 20.43
N ASP B 916 5.10 -29.33 21.66
CA ASP B 916 4.34 -28.14 21.99
C ASP B 916 5.15 -27.13 22.79
N THR B 917 6.48 -27.22 22.75
CA THR B 917 7.34 -26.28 23.47
C THR B 917 7.17 -24.86 22.95
N MET B 918 7.09 -24.69 21.64
CA MET B 918 6.88 -23.37 21.07
C MET B 918 5.55 -22.77 21.50
N ASP B 919 4.49 -23.58 21.55
CA ASP B 919 3.19 -23.06 21.97
C ASP B 919 3.22 -22.66 23.45
N LEU B 920 3.89 -23.46 24.28
CA LEU B 920 4.01 -23.08 25.68
C LEU B 920 4.78 -21.77 25.85
N PHE B 921 5.89 -21.62 25.10
CA PHE B 921 6.63 -20.37 25.17
C PHE B 921 5.82 -19.18 24.66
N ARG B 922 5.05 -19.35 23.59
CA ARG B 922 4.23 -18.25 23.10
C ARG B 922 3.18 -17.84 24.13
N HIS B 923 2.52 -18.83 24.75
CA HIS B 923 1.54 -18.52 25.77
C HIS B 923 2.18 -17.81 26.96
N THR B 924 3.36 -18.28 27.37
CA THR B 924 4.09 -17.63 28.46
C THR B 924 4.44 -16.18 28.13
N THR B 925 4.94 -15.93 26.92
CA THR B 925 5.27 -14.57 26.53
C THR B 925 4.03 -13.68 26.47
N GLU B 926 2.93 -14.22 25.95
CA GLU B 926 1.69 -13.45 25.91
C GLU B 926 1.18 -13.11 27.31
N LEU B 927 1.36 -14.01 28.28
CA LEU B 927 0.77 -13.76 29.59
C LEU B 927 1.32 -12.52 30.28
N ASN B 928 2.61 -12.48 30.61
CA ASN B 928 3.11 -11.37 31.40
C ASN B 928 4.49 -10.85 30.99
N MET B 929 5.03 -11.25 29.84
CA MET B 929 6.26 -10.66 29.29
C MET B 929 7.42 -10.81 30.30
N HIS B 930 7.77 -12.06 30.57
CA HIS B 930 8.95 -12.34 31.37
C HIS B 930 10.16 -12.69 30.50
N THR B 931 11.34 -12.46 31.05
CA THR B 931 12.59 -12.58 30.30
C THR B 931 12.87 -14.01 29.86
N GLU B 932 12.65 -15.00 30.75
CA GLU B 932 12.98 -16.38 30.41
C GLU B 932 12.13 -16.90 29.26
N GLY B 933 10.81 -16.71 29.36
CA GLY B 933 9.95 -17.10 28.25
C GLY B 933 10.28 -16.33 26.98
N ALA B 934 10.68 -15.06 27.14
CA ALA B 934 11.10 -14.25 26.01
C ALA B 934 12.27 -14.89 25.29
N LEU B 935 13.33 -15.22 26.03
CA LEU B 935 14.52 -15.81 25.44
C LEU B 935 14.21 -17.17 24.82
N GLY B 936 13.39 -17.99 25.49
CA GLY B 936 13.05 -19.29 24.94
C GLY B 936 12.30 -19.18 23.63
N TYR B 937 11.28 -18.32 23.59
CA TYR B 937 10.51 -18.13 22.37
C TYR B 937 11.39 -17.57 21.25
N ALA B 938 12.25 -16.60 21.58
CA ALA B 938 13.14 -16.03 20.58
C ALA B 938 14.07 -17.08 20.01
N TYR B 939 14.66 -17.91 20.87
CA TYR B 939 15.56 -18.94 20.38
C TYR B 939 14.83 -19.93 19.49
N TRP B 940 13.64 -20.37 19.90
CA TRP B 940 12.91 -21.34 19.09
C TRP B 940 12.50 -20.76 17.74
N VAL B 941 12.00 -19.52 17.72
CA VAL B 941 11.61 -18.90 16.45
C VAL B 941 12.83 -18.73 15.55
N CYS B 942 13.96 -18.28 16.12
CA CYS B 942 15.17 -18.09 15.32
C CYS B 942 15.65 -19.41 14.74
N THR B 943 15.63 -20.48 15.54
CA THR B 943 16.08 -21.78 15.03
C THR B 943 15.15 -22.27 13.93
N THR B 944 13.83 -22.12 14.13
CA THR B 944 12.88 -22.57 13.10
C THR B 944 13.06 -21.79 11.80
N LEU B 945 13.28 -20.47 11.91
CA LEU B 945 13.56 -19.67 10.71
C LEU B 945 14.87 -20.08 10.05
N GLN B 946 15.90 -20.39 10.84
CA GLN B 946 17.19 -20.74 10.28
C GLN B 946 17.12 -22.00 9.44
N ASP B 947 16.41 -23.02 9.92
CA ASP B 947 16.25 -24.24 9.15
C ASP B 947 15.42 -23.96 7.90
N LYS B 948 15.91 -24.41 6.76
CA LYS B 948 15.31 -24.07 5.47
C LYS B 948 14.51 -25.21 4.85
N SER B 949 14.44 -26.37 5.49
CA SER B 949 13.71 -27.51 4.94
C SER B 949 12.30 -27.67 5.53
N ASN B 950 11.83 -26.71 6.31
CA ASN B 950 10.53 -26.81 6.96
C ASN B 950 9.44 -26.06 6.21
N ARG B 951 9.73 -25.57 5.01
CA ARG B 951 8.89 -24.57 4.37
C ARG B 951 7.47 -25.05 4.12
N GLU B 952 7.24 -26.37 4.03
CA GLU B 952 5.92 -26.90 3.73
C GLU B 952 5.50 -28.00 4.71
N THR B 953 6.08 -28.04 5.90
CA THR B 953 5.79 -29.13 6.82
C THR B 953 4.54 -28.90 7.66
N GLU B 954 3.86 -27.77 7.45
CA GLU B 954 2.65 -27.32 8.14
C GLU B 954 2.91 -26.92 9.59
N LEU B 955 4.14 -27.06 10.08
CA LEU B 955 4.51 -26.51 11.38
C LEU B 955 5.08 -25.09 11.25
N TYR B 956 6.03 -24.91 10.32
CA TYR B 956 6.53 -23.58 10.01
C TYR B 956 5.42 -22.68 9.49
N GLN B 957 4.60 -23.20 8.58
CA GLN B 957 3.53 -22.40 7.99
C GLN B 957 2.62 -21.82 9.07
N TYR B 958 1.97 -22.70 9.85
CA TYR B 958 1.05 -22.23 10.88
C TYR B 958 1.78 -21.36 11.89
N ASN B 959 2.90 -21.86 12.43
CA ASN B 959 3.60 -21.18 13.51
C ASN B 959 3.99 -19.76 13.13
N ILE B 960 4.54 -19.56 11.93
CA ILE B 960 5.15 -18.29 11.59
C ILE B 960 4.26 -17.44 10.67
N LEU B 961 3.10 -17.95 10.27
CA LEU B 961 2.22 -17.13 9.44
C LEU B 961 0.84 -16.90 10.05
N GLN B 962 0.24 -17.92 10.68
CA GLN B 962 -1.10 -17.72 11.23
C GLN B 962 -1.07 -16.95 12.54
N MET B 963 -0.02 -17.12 13.33
CA MET B 963 0.14 -16.41 14.59
C MET B 963 0.87 -15.09 14.47
N ASN B 964 1.43 -14.77 13.31
CA ASN B 964 2.21 -13.55 13.11
C ASN B 964 3.32 -13.47 14.17
N ALA B 965 4.20 -14.48 14.10
CA ALA B 965 5.22 -14.67 15.13
C ALA B 965 6.27 -13.57 15.09
N ILE B 966 6.63 -13.11 13.89
CA ILE B 966 7.78 -12.22 13.75
C ILE B 966 7.58 -10.88 14.45
N PRO B 967 6.47 -10.16 14.28
CA PRO B 967 6.33 -8.87 14.99
C PRO B 967 6.27 -9.01 16.51
N ALA B 968 5.56 -10.02 17.01
CA ALA B 968 5.52 -10.23 18.45
C ALA B 968 6.90 -10.58 18.98
N ALA B 969 7.65 -11.39 18.25
CA ALA B 969 9.01 -11.70 18.65
C ALA B 969 9.88 -10.45 18.64
N GLN B 970 9.68 -9.57 17.65
CA GLN B 970 10.46 -8.34 17.57
C GLN B 970 10.20 -7.44 18.78
N VAL B 971 8.94 -7.23 19.13
CA VAL B 971 8.62 -6.39 20.29
C VAL B 971 9.19 -7.02 21.56
N ILE B 972 9.05 -8.35 21.68
CA ILE B 972 9.58 -9.04 22.85
C ILE B 972 11.08 -8.80 22.96
N LEU B 973 11.80 -8.90 21.83
CA LEU B 973 13.24 -8.68 21.90
C LEU B 973 13.61 -7.23 22.23
N ASN B 974 12.83 -6.23 21.75
CA ASN B 974 13.13 -4.87 22.18
C ASN B 974 13.00 -4.73 23.68
N LYS B 975 11.91 -5.25 24.25
CA LYS B 975 11.74 -5.16 25.70
C LYS B 975 12.85 -5.91 26.44
N TYR B 976 13.20 -7.12 25.98
CA TYR B 976 14.24 -7.89 26.66
C TYR B 976 15.58 -7.18 26.61
N VAL B 977 15.95 -6.61 25.45
CA VAL B 977 17.24 -5.95 25.35
C VAL B 977 17.24 -4.65 26.13
N GLU B 978 16.07 -4.01 26.27
CA GLU B 978 15.98 -2.84 27.13
C GLU B 978 16.22 -3.23 28.58
N ARG B 979 15.65 -4.35 29.03
CA ARG B 979 15.78 -4.73 30.44
C ARG B 979 17.21 -5.19 30.77
N ILE B 980 17.80 -6.02 29.92
CA ILE B 980 19.04 -6.70 30.26
C ILE B 980 20.25 -5.96 29.68
N GLN B 981 20.26 -5.80 28.36
CA GLN B 981 21.23 -4.98 27.62
C GLN B 981 22.69 -5.36 27.92
N ASN B 982 22.95 -6.63 28.22
CA ASN B 982 24.35 -7.08 28.21
C ASN B 982 24.50 -8.46 27.59
N TYR B 983 23.64 -8.80 26.62
CA TYR B 983 23.69 -10.10 25.95
C TYR B 983 23.90 -9.88 24.46
N ALA B 984 25.13 -10.06 23.99
CA ALA B 984 25.41 -9.94 22.56
C ALA B 984 24.61 -10.90 21.71
N PRO B 985 24.45 -12.19 22.06
CA PRO B 985 23.57 -13.06 21.25
C PRO B 985 22.15 -12.54 21.13
N ALA B 986 21.58 -11.97 22.20
CA ALA B 986 20.24 -11.42 22.11
C ALA B 986 20.20 -10.26 21.12
N PHE B 987 21.24 -9.43 21.13
CA PHE B 987 21.34 -8.35 20.17
C PHE B 987 21.40 -8.90 18.75
N THR B 988 22.15 -9.98 18.55
CA THR B 988 22.24 -10.56 17.21
C THR B 988 20.91 -11.15 16.75
N MET B 989 20.17 -11.81 17.65
CA MET B 989 18.84 -12.28 17.24
C MET B 989 17.91 -11.12 16.90
N LEU B 990 17.94 -10.05 17.71
CA LEU B 990 17.11 -8.89 17.39
C LEU B 990 17.50 -8.30 16.04
N GLY B 991 18.81 -8.22 15.77
CA GLY B 991 19.26 -7.73 14.49
C GLY B 991 18.81 -8.60 13.33
N TYR B 992 18.87 -9.93 13.51
CA TYR B 992 18.41 -10.82 12.46
C TYR B 992 16.92 -10.65 12.16
N LEU B 993 16.10 -10.54 13.22
CA LEU B 993 14.67 -10.33 12.98
C LEU B 993 14.41 -8.97 12.34
N ASN B 994 15.10 -7.93 12.77
CA ASN B 994 14.92 -6.62 12.16
C ASN B 994 15.36 -6.60 10.70
N GLU B 995 16.45 -7.30 10.40
CA GLU B 995 16.88 -7.46 9.01
C GLU B 995 15.83 -8.18 8.18
N HIS B 996 15.24 -9.25 8.74
CA HIS B 996 14.19 -9.97 8.03
C HIS B 996 12.95 -9.11 7.83
N LEU B 997 12.71 -8.17 8.74
CA LEU B 997 11.55 -7.29 8.70
C LEU B 997 11.80 -5.99 7.92
N GLN B 998 12.97 -5.85 7.29
CA GLN B 998 13.34 -4.62 6.59
C GLN B 998 13.34 -3.42 7.54
N LEU B 999 14.13 -3.55 8.60
CA LEU B 999 14.31 -2.57 9.67
C LEU B 999 15.80 -2.27 9.83
N LYS B 1000 16.45 -2.03 8.69
CA LYS B 1000 17.90 -2.04 8.59
C LYS B 1000 18.57 -1.09 9.58
N LYS B 1001 17.96 0.06 9.86
CA LYS B 1001 18.57 0.99 10.82
C LYS B 1001 18.63 0.39 12.22
N GLU B 1002 17.53 -0.22 12.68
CA GLU B 1002 17.54 -0.88 13.97
C GLU B 1002 18.51 -2.05 13.99
N ALA B 1003 18.59 -2.80 12.89
CA ALA B 1003 19.55 -3.89 12.81
C ALA B 1003 20.98 -3.38 12.93
N ALA B 1004 21.28 -2.27 12.26
CA ALA B 1004 22.61 -1.68 12.36
C ALA B 1004 22.90 -1.22 13.78
N ASN B 1005 21.92 -0.62 14.45
CA ASN B 1005 22.12 -0.21 15.84
C ASN B 1005 22.38 -1.41 16.74
N ALA B 1006 21.62 -2.49 16.56
CA ALA B 1006 21.81 -3.69 17.35
C ALA B 1006 23.19 -4.29 17.10
N TYR B 1007 23.62 -4.30 15.84
CA TYR B 1007 24.95 -4.81 15.50
C TYR B 1007 26.03 -3.94 16.13
N GLN B 1008 25.81 -2.62 16.16
CA GLN B 1008 26.77 -1.73 16.81
C GLN B 1008 26.89 -2.04 18.29
N ARG B 1009 25.76 -2.23 18.96
CA ARG B 1009 25.80 -2.57 20.39
C ARG B 1009 26.48 -3.91 20.61
N ALA B 1010 26.21 -4.88 19.75
CA ALA B 1010 26.88 -6.18 19.85
C ALA B 1010 28.39 -6.03 19.63
N ILE B 1011 28.80 -5.15 18.71
CA ILE B 1011 30.23 -4.91 18.49
C ILE B 1011 30.88 -4.33 19.74
N LEU B 1012 30.23 -3.32 20.33
CA LEU B 1012 30.78 -2.71 21.55
C LEU B 1012 30.87 -3.72 22.68
N LEU B 1013 29.88 -4.60 22.80
CA LEU B 1013 29.96 -5.64 23.83
C LEU B 1013 31.04 -6.67 23.53
N LEU B 1014 31.23 -7.04 22.25
CA LEU B 1014 32.05 -8.20 21.89
C LEU B 1014 33.54 -7.96 21.65
N GLN B 1015 34.08 -6.73 21.67
CA GLN B 1015 35.51 -6.61 21.39
C GLN B 1015 36.36 -7.36 22.40
N THR B 1016 35.94 -7.36 23.67
CA THR B 1016 36.66 -8.05 24.74
C THR B 1016 36.11 -9.47 24.94
N ALA B 1017 36.17 -10.24 23.85
CA ALA B 1017 35.67 -11.61 23.83
C ALA B 1017 36.69 -12.54 23.16
N GLU B 1018 36.30 -13.80 22.93
CA GLU B 1018 37.24 -14.76 22.36
C GLU B 1018 37.57 -14.42 20.91
N ASP B 1019 36.64 -13.79 20.20
CA ASP B 1019 36.67 -13.07 18.90
C ASP B 1019 36.87 -13.99 17.71
N GLN B 1020 36.76 -15.31 17.89
CA GLN B 1020 36.97 -16.22 16.77
C GLN B 1020 35.76 -16.24 15.83
N ASP B 1021 34.59 -16.60 16.34
CA ASP B 1021 33.38 -16.69 15.53
C ASP B 1021 32.39 -15.57 15.81
N THR B 1022 32.23 -15.17 17.07
CA THR B 1022 31.20 -14.18 17.42
C THR B 1022 31.54 -12.81 16.85
N TYR B 1023 32.78 -12.37 17.07
CA TYR B 1023 33.13 -10.99 16.73
C TYR B 1023 33.33 -10.80 15.24
N ASN B 1024 33.94 -11.77 14.56
CA ASN B 1024 34.14 -11.61 13.12
C ASN B 1024 32.79 -11.62 12.39
N VAL B 1025 31.88 -12.51 12.79
CA VAL B 1025 30.55 -12.54 12.21
C VAL B 1025 29.81 -11.23 12.51
N ALA B 1026 29.98 -10.70 13.72
CA ALA B 1026 29.37 -9.42 14.06
C ALA B 1026 29.92 -8.30 13.19
N ILE B 1027 31.23 -8.30 12.96
CA ILE B 1027 31.85 -7.30 12.09
C ILE B 1027 31.27 -7.40 10.68
N ARG B 1028 31.19 -8.62 10.15
CA ARG B 1028 30.69 -8.78 8.79
C ARG B 1028 29.24 -8.34 8.66
N ASN B 1029 28.40 -8.72 9.63
CA ASN B 1029 26.99 -8.33 9.56
C ASN B 1029 26.82 -6.83 9.69
N TYR B 1030 27.58 -6.20 10.60
CA TYR B 1030 27.53 -4.76 10.73
C TYR B 1030 27.96 -4.07 9.44
N GLY B 1031 29.03 -4.58 8.82
CA GLY B 1031 29.46 -3.99 7.56
C GLY B 1031 28.43 -4.13 6.45
N ARG B 1032 27.80 -5.30 6.34
CA ARG B 1032 26.78 -5.50 5.32
C ARG B 1032 25.59 -4.57 5.53
N LEU B 1033 25.09 -4.50 6.77
CA LEU B 1033 23.95 -3.63 7.04
C LEU B 1033 24.30 -2.16 6.82
N LEU B 1034 25.49 -1.74 7.26
CA LEU B 1034 25.91 -0.36 7.09
C LEU B 1034 26.02 -0.01 5.61
N CYS B 1035 26.60 -0.90 4.82
CA CYS B 1035 26.69 -0.67 3.38
C CYS B 1035 25.30 -0.59 2.74
N SER B 1036 24.37 -1.42 3.20
CA SER B 1036 23.03 -1.38 2.64
C SER B 1036 22.37 -0.01 2.87
N THR B 1037 22.57 0.58 4.05
CA THR B 1037 22.03 1.92 4.32
C THR B 1037 23.07 3.01 4.08
N GLY B 1038 23.48 3.12 2.82
CA GLY B 1038 24.45 4.15 2.43
C GLY B 1038 25.78 3.97 3.13
N GLU B 1039 26.31 5.11 3.62
CA GLU B 1039 27.48 5.16 4.50
C GLU B 1039 28.59 4.24 4.00
N TYR B 1040 28.97 4.44 2.74
CA TYR B 1040 29.87 3.50 2.08
C TYR B 1040 31.30 3.55 2.63
N ASP B 1041 31.77 4.74 3.01
CA ASP B 1041 33.11 4.84 3.58
C ASP B 1041 33.26 4.07 4.89
N LYS B 1042 32.27 4.20 5.77
CA LYS B 1042 32.31 3.45 7.03
C LYS B 1042 32.23 1.95 6.79
N ALA B 1043 31.41 1.53 5.81
CA ALA B 1043 31.34 0.11 5.47
C ALA B 1043 32.68 -0.40 4.95
N ILE B 1044 33.35 0.40 4.12
CA ILE B 1044 34.68 0.01 3.63
C ILE B 1044 35.66 -0.12 4.78
N GLN B 1045 35.61 0.83 5.71
CA GLN B 1045 36.49 0.75 6.88
C GLN B 1045 36.18 -0.49 7.71
N ALA B 1046 34.90 -0.79 7.91
CA ALA B 1046 34.50 -1.94 8.71
C ALA B 1046 34.97 -3.24 8.07
N PHE B 1047 34.85 -3.35 6.74
CA PHE B 1047 35.34 -4.54 6.06
C PHE B 1047 36.86 -4.57 5.97
N LYS B 1048 37.52 -3.44 6.16
CA LYS B 1048 38.97 -3.43 6.28
C LYS B 1048 39.41 -4.01 7.62
N SER B 1049 38.66 -3.72 8.68
CA SER B 1049 38.99 -4.14 10.03
C SER B 1049 38.53 -5.57 10.32
N THR B 1050 38.96 -6.52 9.50
CA THR B 1050 38.65 -7.92 9.72
C THR B 1050 39.61 -8.76 8.89
N PRO B 1051 39.98 -9.96 9.34
CA PRO B 1051 40.83 -10.84 8.52
C PRO B 1051 40.10 -11.36 7.29
N LEU B 1052 40.56 -10.95 6.12
CA LEU B 1052 39.94 -11.33 4.84
C LEU B 1052 40.40 -12.70 4.33
N GLU B 1053 39.95 -13.74 5.01
CA GLU B 1053 40.25 -15.11 4.61
C GLU B 1053 39.01 -15.95 4.37
N VAL B 1054 37.81 -15.40 4.57
CA VAL B 1054 36.58 -16.14 4.41
C VAL B 1054 35.80 -15.55 3.24
N LEU B 1055 34.98 -16.39 2.61
CA LEU B 1055 34.23 -15.98 1.43
C LEU B 1055 33.28 -14.83 1.75
N GLU B 1056 32.60 -14.90 2.90
CA GLU B 1056 31.62 -13.88 3.26
C GLU B 1056 32.26 -12.49 3.41
N ASP B 1057 33.37 -12.39 4.14
CA ASP B 1057 34.00 -11.08 4.33
C ASP B 1057 34.52 -10.50 3.03
N ILE B 1058 35.19 -11.32 2.21
CA ILE B 1058 35.73 -10.83 0.95
C ILE B 1058 34.59 -10.39 0.02
N ILE B 1059 33.50 -11.16 -0.04
CA ILE B 1059 32.42 -10.81 -0.96
C ILE B 1059 31.71 -9.55 -0.49
N GLY B 1060 31.48 -9.40 0.81
CA GLY B 1060 30.88 -8.16 1.31
C GLY B 1060 31.77 -6.96 1.06
N PHE B 1061 33.09 -7.12 1.25
CA PHE B 1061 34.03 -6.06 0.95
C PHE B 1061 33.99 -5.69 -0.53
N ALA B 1062 33.93 -6.70 -1.40
CA ALA B 1062 33.85 -6.45 -2.84
C ALA B 1062 32.59 -5.70 -3.20
N LEU B 1063 31.44 -6.10 -2.62
CA LEU B 1063 30.20 -5.42 -2.94
C LEU B 1063 30.22 -3.97 -2.48
N ALA B 1064 30.73 -3.71 -1.27
CA ALA B 1064 30.82 -2.33 -0.79
C ALA B 1064 31.75 -1.50 -1.67
N LEU B 1065 32.88 -2.11 -2.06
CA LEU B 1065 33.86 -1.44 -2.92
C LEU B 1065 33.24 -1.08 -4.25
N PHE B 1066 32.50 -2.01 -4.87
CA PHE B 1066 31.82 -1.74 -6.13
C PHE B 1066 30.77 -0.65 -5.95
N MET B 1067 30.04 -0.68 -4.84
CA MET B 1067 29.00 0.31 -4.58
C MET B 1067 29.57 1.71 -4.50
N LYS B 1068 30.72 1.88 -3.85
CA LYS B 1068 31.29 3.22 -3.81
C LYS B 1068 31.83 3.63 -5.19
N GLY B 1069 32.35 2.68 -5.95
CA GLY B 1069 32.96 2.93 -7.25
C GLY B 1069 34.14 1.99 -7.43
N LEU B 1070 35.31 2.52 -7.75
CA LEU B 1070 36.60 1.85 -7.59
C LEU B 1070 36.52 0.37 -7.98
N TYR B 1071 36.10 0.16 -9.22
CA TYR B 1071 35.79 -1.17 -9.76
C TYR B 1071 36.99 -2.11 -9.84
N LYS B 1072 38.22 -1.59 -10.01
CA LYS B 1072 39.37 -2.49 -10.14
C LYS B 1072 39.66 -3.32 -8.89
N GLU B 1073 39.69 -2.71 -7.70
CA GLU B 1073 39.91 -3.54 -6.52
C GLU B 1073 38.75 -4.51 -6.31
N SER B 1074 37.53 -4.07 -6.62
CA SER B 1074 36.39 -4.96 -6.52
C SER B 1074 36.58 -6.16 -7.43
N SER B 1075 37.06 -5.94 -8.65
CA SER B 1075 37.28 -7.06 -9.56
C SER B 1075 38.37 -7.99 -9.03
N LYS B 1076 39.45 -7.46 -8.45
CA LYS B 1076 40.47 -8.37 -7.87
C LYS B 1076 39.87 -9.23 -6.77
N ALA B 1077 39.10 -8.62 -5.88
CA ALA B 1077 38.50 -9.39 -4.80
C ALA B 1077 37.53 -10.42 -5.35
N TYR B 1078 36.77 -10.08 -6.38
CA TYR B 1078 35.88 -11.08 -6.95
C TYR B 1078 36.63 -12.25 -7.61
N GLU B 1079 37.77 -12.02 -8.27
CA GLU B 1079 38.50 -13.20 -8.77
C GLU B 1079 39.01 -14.02 -7.60
N ARG B 1080 39.44 -13.36 -6.51
CA ARG B 1080 39.84 -14.10 -5.32
C ARG B 1080 38.71 -14.97 -4.80
N ALA B 1081 37.50 -14.42 -4.75
CA ALA B 1081 36.35 -15.21 -4.31
C ALA B 1081 36.11 -16.37 -5.25
N LEU B 1082 36.29 -16.14 -6.56
CA LEU B 1082 36.17 -17.22 -7.53
C LEU B 1082 37.21 -18.32 -7.29
N SER B 1083 38.44 -17.93 -6.95
CA SER B 1083 39.45 -18.93 -6.63
C SER B 1083 39.05 -19.74 -5.39
N ILE B 1084 38.52 -19.07 -4.37
CA ILE B 1084 38.12 -19.77 -3.15
C ILE B 1084 36.83 -20.56 -3.32
N VAL B 1085 35.98 -20.18 -4.27
CA VAL B 1085 34.57 -20.58 -4.27
C VAL B 1085 34.41 -22.10 -4.26
N GLU B 1086 33.31 -22.56 -3.69
CA GLU B 1086 32.75 -23.89 -3.84
C GLU B 1086 31.25 -23.70 -4.03
N SER B 1087 30.46 -24.78 -3.99
CA SER B 1087 29.00 -24.63 -4.06
C SER B 1087 28.63 -23.90 -5.36
N GLU B 1088 28.90 -24.61 -6.46
CA GLU B 1088 28.99 -24.11 -7.83
C GLU B 1088 27.94 -23.07 -8.21
N GLN B 1089 26.69 -23.20 -7.75
CA GLN B 1089 25.73 -22.12 -7.97
C GLN B 1089 26.32 -20.79 -7.53
N ASP B 1090 26.99 -20.77 -6.38
CA ASP B 1090 27.65 -19.57 -5.90
C ASP B 1090 28.73 -19.13 -6.87
N LYS B 1091 29.46 -20.09 -7.45
CA LYS B 1091 30.49 -19.76 -8.43
C LYS B 1091 29.89 -19.09 -9.66
N ALA B 1092 28.76 -19.61 -10.14
CA ALA B 1092 28.08 -19.02 -11.29
C ALA B 1092 27.64 -17.60 -10.98
N HIS B 1093 27.14 -17.39 -9.76
CA HIS B 1093 26.74 -16.03 -9.37
C HIS B 1093 27.95 -15.12 -9.30
N ILE B 1094 29.09 -15.64 -8.84
CA ILE B 1094 30.32 -14.84 -8.81
C ILE B 1094 30.76 -14.45 -10.22
N LEU B 1095 30.67 -15.39 -11.17
CA LEU B 1095 30.96 -15.05 -12.57
C LEU B 1095 30.02 -13.96 -13.08
N THR B 1096 28.73 -14.07 -12.76
CA THR B 1096 27.78 -13.04 -13.19
C THR B 1096 28.15 -11.68 -12.60
N ALA B 1097 28.51 -11.67 -11.31
CA ALA B 1097 28.93 -10.42 -10.68
C ALA B 1097 30.18 -9.87 -11.33
N LEU B 1098 31.13 -10.74 -11.67
CA LEU B 1098 32.34 -10.30 -12.37
C LEU B 1098 32.01 -9.68 -13.71
N ALA B 1099 31.10 -10.29 -14.46
CA ALA B 1099 30.70 -9.69 -15.73
C ALA B 1099 30.07 -8.33 -15.53
N ILE B 1100 29.20 -8.20 -14.52
CA ILE B 1100 28.53 -6.92 -14.29
C ILE B 1100 29.53 -5.83 -13.92
N THR B 1101 30.44 -6.11 -12.99
CA THR B 1101 31.39 -5.09 -12.56
C THR B 1101 32.41 -4.77 -13.65
N GLU B 1102 32.84 -5.80 -14.40
CA GLU B 1102 33.75 -5.58 -15.52
C GLU B 1102 33.10 -4.71 -16.59
N TYR B 1103 31.82 -4.98 -16.88
CA TYR B 1103 31.06 -4.18 -17.84
C TYR B 1103 30.93 -2.74 -17.39
N LYS B 1104 30.74 -2.51 -16.09
CA LYS B 1104 30.69 -1.14 -15.62
C LYS B 1104 31.98 -0.40 -15.95
N GLN B 1105 33.09 -1.12 -16.09
CA GLN B 1105 34.35 -0.57 -16.56
C GLN B 1105 34.47 -0.54 -18.09
N GLY B 1106 33.36 -0.68 -18.81
CA GLY B 1106 33.40 -0.87 -20.26
C GLY B 1106 33.85 -2.27 -20.65
N LYS B 1107 34.71 -2.34 -21.67
CA LYS B 1107 35.44 -3.57 -22.05
C LYS B 1107 34.51 -4.78 -22.10
N THR B 1108 33.52 -4.68 -22.99
CA THR B 1108 32.42 -5.64 -23.05
C THR B 1108 32.82 -7.03 -23.58
N ASP B 1109 33.90 -7.15 -24.35
CA ASP B 1109 34.20 -8.44 -24.97
C ASP B 1109 34.57 -9.49 -23.92
N VAL B 1110 35.39 -9.13 -22.94
CA VAL B 1110 35.79 -10.10 -21.93
C VAL B 1110 34.60 -10.47 -21.05
N ALA B 1111 33.72 -9.52 -20.74
CA ALA B 1111 32.50 -9.84 -20.00
C ALA B 1111 31.62 -10.79 -20.80
N LYS B 1112 31.52 -10.59 -22.11
CA LYS B 1112 30.77 -11.52 -22.95
C LYS B 1112 31.37 -12.92 -22.88
N THR B 1113 32.70 -13.02 -22.92
CA THR B 1113 33.33 -14.33 -22.83
C THR B 1113 33.13 -14.94 -21.45
N LEU B 1114 33.11 -14.13 -20.40
CA LEU B 1114 32.85 -14.64 -19.06
C LEU B 1114 31.43 -15.18 -18.93
N LEU B 1115 30.45 -14.47 -19.49
CA LEU B 1115 29.08 -14.96 -19.45
C LEU B 1115 28.92 -16.23 -20.29
N PHE B 1116 29.63 -16.30 -21.43
CA PHE B 1116 29.61 -17.53 -22.21
C PHE B 1116 30.22 -18.69 -21.43
N LYS B 1117 31.32 -18.43 -20.72
CA LYS B 1117 31.93 -19.46 -19.87
C LYS B 1117 30.95 -19.91 -18.79
N CYS B 1118 30.21 -18.97 -18.20
CA CYS B 1118 29.21 -19.35 -17.22
C CYS B 1118 28.11 -20.21 -17.85
N SER B 1119 27.71 -19.87 -19.08
CA SER B 1119 26.68 -20.66 -19.77
C SER B 1119 27.16 -22.07 -20.11
N ILE B 1120 28.43 -22.24 -20.47
CA ILE B 1120 28.92 -23.57 -20.82
C ILE B 1120 28.88 -24.51 -19.63
N LEU B 1121 28.94 -23.98 -18.41
CA LEU B 1121 28.95 -24.76 -17.18
C LEU B 1121 27.77 -25.72 -17.13
N LYS B 1122 27.90 -26.79 -16.34
CA LYS B 1122 26.96 -27.91 -16.39
C LYS B 1122 25.50 -27.47 -16.23
N GLU B 1123 25.24 -26.49 -15.37
CA GLU B 1123 23.86 -26.03 -15.25
C GLU B 1123 23.79 -24.53 -15.07
N PRO B 1124 23.29 -23.80 -16.07
CA PRO B 1124 23.15 -22.35 -15.93
C PRO B 1124 22.18 -21.95 -14.84
N THR B 1125 22.34 -20.71 -14.37
CA THR B 1125 21.42 -20.13 -13.40
C THR B 1125 20.61 -19.02 -14.07
N THR B 1126 19.41 -18.78 -13.53
CA THR B 1126 18.50 -17.82 -14.15
C THR B 1126 19.08 -16.42 -14.15
N GLU B 1127 19.79 -16.05 -13.08
CA GLU B 1127 20.36 -14.71 -12.99
C GLU B 1127 21.41 -14.49 -14.07
N SER B 1128 22.22 -15.50 -14.35
CA SER B 1128 23.26 -15.35 -15.37
C SER B 1128 22.63 -15.15 -16.74
N LEU B 1129 21.59 -15.93 -17.06
CA LEU B 1129 20.92 -15.80 -18.35
C LEU B 1129 20.25 -14.44 -18.47
N GLN B 1130 19.60 -13.97 -17.40
CA GLN B 1130 18.99 -12.64 -17.44
C GLN B 1130 20.03 -11.56 -17.63
N ALA B 1131 21.18 -11.68 -16.96
CA ALA B 1131 22.25 -10.71 -17.13
C ALA B 1131 22.78 -10.72 -18.55
N LEU B 1132 22.93 -11.91 -19.14
CA LEU B 1132 23.40 -12.01 -20.52
C LEU B 1132 22.40 -11.38 -21.49
N CYS B 1133 21.11 -11.65 -21.29
CA CYS B 1133 20.09 -11.06 -22.15
C CYS B 1133 20.09 -9.53 -22.03
N ALA B 1134 20.21 -9.01 -20.80
CA ALA B 1134 20.23 -7.56 -20.62
C ALA B 1134 21.48 -6.94 -21.23
N LEU B 1135 22.62 -7.64 -21.12
CA LEU B 1135 23.85 -7.13 -21.75
C LEU B 1135 23.70 -7.09 -23.26
N GLY B 1136 23.12 -8.13 -23.85
CA GLY B 1136 22.83 -8.10 -25.27
C GLY B 1136 21.87 -6.99 -25.63
N LEU B 1137 20.92 -6.69 -24.73
CA LEU B 1137 19.99 -5.59 -24.94
C LEU B 1137 20.70 -4.25 -24.93
N ALA B 1138 21.76 -4.12 -24.12
CA ALA B 1138 22.49 -2.86 -24.05
C ALA B 1138 23.07 -2.48 -25.40
N MET B 1139 23.64 -3.45 -26.13
CA MET B 1139 24.05 -3.19 -27.50
C MET B 1139 22.87 -3.33 -28.45
N GLN B 1140 23.10 -2.92 -29.69
CA GLN B 1140 22.09 -3.00 -30.74
C GLN B 1140 22.23 -4.27 -31.58
N ASP B 1141 22.88 -5.30 -31.02
CA ASP B 1141 23.10 -6.54 -31.78
C ASP B 1141 21.79 -7.28 -32.01
N ALA B 1142 21.04 -7.53 -30.94
CA ALA B 1142 19.69 -8.09 -30.95
C ALA B 1142 19.65 -9.56 -31.37
N THR B 1143 20.78 -10.18 -31.69
CA THR B 1143 20.81 -11.60 -32.01
C THR B 1143 21.29 -12.46 -30.85
N LEU B 1144 22.38 -12.04 -30.18
CA LEU B 1144 22.78 -12.72 -28.94
C LEU B 1144 21.67 -12.69 -27.91
N SER B 1145 20.92 -11.58 -27.86
CA SER B 1145 19.79 -11.48 -26.95
C SER B 1145 18.72 -12.50 -27.27
N LYS B 1146 18.44 -12.71 -28.56
CA LYS B 1146 17.45 -13.71 -28.94
C LYS B 1146 17.90 -15.10 -28.53
N ALA B 1147 19.18 -15.42 -28.73
CA ALA B 1147 19.69 -16.72 -28.32
C ALA B 1147 19.59 -16.91 -26.80
N ALA B 1148 19.96 -15.88 -26.03
CA ALA B 1148 19.87 -15.99 -24.58
C ALA B 1148 18.43 -16.14 -24.11
N LEU B 1149 17.49 -15.41 -24.73
CA LEU B 1149 16.09 -15.56 -24.37
C LEU B 1149 15.57 -16.95 -24.73
N ASN B 1150 15.99 -17.48 -25.87
CA ASN B 1150 15.62 -18.84 -26.24
C ASN B 1150 16.16 -19.84 -25.22
N GLU B 1151 17.42 -19.66 -24.80
CA GLU B 1151 17.98 -20.53 -23.76
C GLU B 1151 17.16 -20.47 -22.49
N LEU B 1152 16.78 -19.27 -22.06
CA LEU B 1152 15.99 -19.13 -20.84
C LEU B 1152 14.64 -19.81 -20.98
N LEU B 1153 14.00 -19.66 -22.15
CA LEU B 1153 12.68 -20.23 -22.36
C LEU B 1153 12.72 -21.75 -22.48
N LYS B 1154 13.83 -22.32 -22.97
CA LYS B 1154 13.86 -23.74 -23.31
C LYS B 1154 13.67 -24.63 -22.09
N HIS B 1155 14.48 -24.42 -21.04
CA HIS B 1155 14.60 -25.41 -19.98
C HIS B 1155 14.50 -24.81 -18.59
N ILE B 1156 13.97 -23.59 -18.46
CA ILE B 1156 13.82 -22.95 -17.16
C ILE B 1156 12.33 -22.70 -16.95
N LYS B 1157 11.75 -23.38 -15.95
CA LYS B 1157 10.35 -23.20 -15.60
C LYS B 1157 10.10 -22.94 -14.13
N HIS B 1158 11.06 -23.24 -13.24
CA HIS B 1158 10.84 -23.05 -11.81
C HIS B 1158 10.73 -21.59 -11.41
N LYS B 1159 11.15 -20.66 -12.27
CA LYS B 1159 10.97 -19.24 -11.96
C LYS B 1159 9.49 -18.89 -11.92
N ASP B 1160 9.11 -18.11 -10.91
CA ASP B 1160 7.72 -17.76 -10.66
C ASP B 1160 7.50 -16.26 -10.81
N SER B 1161 8.12 -15.65 -11.82
CA SER B 1161 7.99 -14.22 -12.08
C SER B 1161 7.74 -14.02 -13.57
N ASN B 1162 6.45 -13.98 -13.95
CA ASN B 1162 6.08 -13.75 -15.34
C ASN B 1162 6.42 -12.32 -15.78
N TYR B 1163 6.45 -11.39 -14.82
CA TYR B 1163 6.68 -9.98 -15.17
C TYR B 1163 8.06 -9.77 -15.78
N GLN B 1164 9.08 -10.40 -15.20
CA GLN B 1164 10.44 -10.15 -15.71
C GLN B 1164 10.61 -10.70 -17.12
N ARG B 1165 10.13 -11.92 -17.35
CA ARG B 1165 10.25 -12.52 -18.68
C ARG B 1165 9.42 -11.75 -19.71
N CYS B 1166 8.21 -11.35 -19.35
CA CYS B 1166 7.40 -10.57 -20.28
C CYS B 1166 8.05 -9.23 -20.59
N LEU B 1167 8.62 -8.57 -19.58
CA LEU B 1167 9.32 -7.31 -19.80
C LEU B 1167 10.52 -7.49 -20.72
N LEU B 1168 11.29 -8.56 -20.50
CA LEU B 1168 12.46 -8.82 -21.35
C LEU B 1168 12.04 -9.07 -22.79
N THR B 1169 11.00 -9.89 -22.99
CA THR B 1169 10.53 -10.16 -24.35
C THR B 1169 10.01 -8.89 -25.02
N SER B 1170 9.27 -8.06 -24.29
CA SER B 1170 8.75 -6.83 -24.86
C SER B 1170 9.89 -5.89 -25.25
N ALA B 1171 10.92 -5.79 -24.41
CA ALA B 1171 12.08 -4.97 -24.75
C ALA B 1171 12.82 -5.52 -25.97
N ILE B 1172 12.93 -6.85 -26.06
CA ILE B 1172 13.53 -7.48 -27.23
C ILE B 1172 12.79 -7.07 -28.49
N TYR B 1173 11.47 -7.18 -28.47
CA TYR B 1173 10.68 -6.83 -29.65
C TYR B 1173 10.77 -5.33 -29.95
N ALA B 1174 10.80 -4.51 -28.92
CA ALA B 1174 10.79 -3.06 -29.10
C ALA B 1174 12.14 -2.56 -29.62
N LEU B 1175 13.23 -3.27 -29.31
CA LEU B 1175 14.55 -2.83 -29.76
C LEU B 1175 14.65 -2.80 -31.28
N GLN B 1176 14.10 -3.80 -31.96
CA GLN B 1176 14.19 -3.81 -33.41
C GLN B 1176 13.30 -2.75 -34.07
N GLY B 1177 12.56 -1.96 -33.29
CA GLY B 1177 11.76 -0.88 -33.83
C GLY B 1177 10.44 -1.29 -34.45
N ARG B 1178 9.99 -2.52 -34.24
CA ARG B 1178 8.71 -2.95 -34.80
C ARG B 1178 7.55 -2.17 -34.21
N SER B 1179 7.50 -2.08 -32.87
CA SER B 1179 6.57 -1.26 -32.11
C SER B 1179 5.12 -1.76 -32.18
N VAL B 1180 4.85 -2.82 -32.93
CA VAL B 1180 3.50 -3.40 -32.99
C VAL B 1180 3.44 -4.77 -32.34
N ALA B 1181 4.49 -5.59 -32.48
CA ALA B 1181 4.48 -6.92 -31.89
C ALA B 1181 4.52 -6.88 -30.36
N VAL B 1182 4.84 -5.73 -29.79
CA VAL B 1182 4.86 -5.59 -28.33
C VAL B 1182 3.46 -5.80 -27.77
N GLN B 1183 2.46 -5.17 -28.39
CA GLN B 1183 1.09 -5.34 -27.93
C GLN B 1183 0.62 -6.79 -28.07
N LYS B 1184 1.01 -7.45 -29.16
CA LYS B 1184 0.64 -8.85 -29.34
C LYS B 1184 1.26 -9.73 -28.26
N GLN B 1185 2.54 -9.52 -27.98
CA GLN B 1185 3.21 -10.34 -26.96
C GLN B 1185 2.60 -10.12 -25.59
N ILE B 1186 2.30 -8.87 -25.22
CA ILE B 1186 1.74 -8.61 -23.91
C ILE B 1186 0.31 -9.10 -23.81
N SER B 1187 -0.47 -9.01 -24.89
CA SER B 1187 -1.80 -9.59 -24.87
C SER B 1187 -1.75 -11.11 -24.72
N LYS B 1188 -0.80 -11.75 -25.39
CA LYS B 1188 -0.62 -13.20 -25.22
C LYS B 1188 -0.26 -13.53 -23.78
N ALA B 1189 0.64 -12.76 -23.17
CA ALA B 1189 1.01 -13.01 -21.78
C ALA B 1189 -0.17 -12.83 -20.84
N VAL B 1190 -0.97 -11.78 -21.05
CA VAL B 1190 -2.14 -11.56 -20.21
C VAL B 1190 -3.14 -12.70 -20.36
N HIS B 1191 -3.35 -13.17 -21.60
CA HIS B 1191 -4.24 -14.29 -21.83
C HIS B 1191 -3.74 -15.55 -21.14
N SER B 1192 -2.43 -15.80 -21.18
CA SER B 1192 -1.88 -16.97 -20.52
C SER B 1192 -2.09 -16.93 -19.02
N ASN B 1193 -1.92 -15.75 -18.41
CA ASN B 1193 -2.06 -15.57 -16.97
C ASN B 1193 -3.08 -14.46 -16.71
N PRO B 1194 -4.37 -14.80 -16.62
CA PRO B 1194 -5.38 -13.74 -16.44
C PRO B 1194 -5.25 -12.99 -15.12
N GLY B 1195 -4.58 -13.58 -14.13
CA GLY B 1195 -4.31 -12.91 -12.88
C GLY B 1195 -3.12 -11.98 -13.01
N ASP B 1196 -2.28 -11.91 -11.96
CA ASP B 1196 -1.04 -11.13 -11.99
C ASP B 1196 -1.30 -9.70 -12.44
N PRO B 1197 -1.94 -8.87 -11.59
CA PRO B 1197 -2.27 -7.48 -11.97
C PRO B 1197 -1.09 -6.70 -12.53
N ALA B 1198 0.13 -7.14 -12.23
CA ALA B 1198 1.31 -6.49 -12.79
C ALA B 1198 1.29 -6.56 -14.32
N LEU B 1199 0.83 -7.70 -14.86
CA LEU B 1199 0.74 -7.83 -16.31
C LEU B 1199 -0.29 -6.85 -16.87
N TRP B 1200 -1.43 -6.68 -16.18
CA TRP B 1200 -2.43 -5.72 -16.63
C TRP B 1200 -1.87 -4.31 -16.62
N SER B 1201 -1.14 -3.95 -15.56
CA SER B 1201 -0.53 -2.62 -15.49
C SER B 1201 0.49 -2.43 -16.60
N LEU B 1202 1.29 -3.46 -16.89
CA LEU B 1202 2.26 -3.38 -17.97
C LEU B 1202 1.56 -3.19 -19.32
N LEU B 1203 0.44 -3.91 -19.52
CA LEU B 1203 -0.32 -3.74 -20.76
C LEU B 1203 -0.83 -2.32 -20.90
N SER B 1204 -1.38 -1.77 -19.81
CA SER B 1204 -1.88 -0.39 -19.83
C SER B 1204 -0.75 0.58 -20.15
N ARG B 1205 0.40 0.41 -19.50
CA ARG B 1205 1.53 1.29 -19.72
C ARG B 1205 2.03 1.21 -21.16
N VAL B 1206 2.08 0.00 -21.72
CA VAL B 1206 2.62 -0.19 -23.05
C VAL B 1206 1.67 0.39 -24.09
N VAL B 1207 0.35 0.22 -23.88
CA VAL B 1207 -0.60 0.84 -24.80
C VAL B 1207 -0.60 2.35 -24.62
N ALA B 1208 -0.20 2.84 -23.45
CA ALA B 1208 -0.04 4.28 -23.28
C ALA B 1208 1.14 4.79 -24.10
N GLN B 1209 2.24 4.03 -24.14
CA GLN B 1209 3.44 4.49 -24.83
C GLN B 1209 3.44 4.14 -26.32
N TYR B 1210 3.37 2.84 -26.63
CA TYR B 1210 3.39 2.34 -28.00
C TYR B 1210 1.98 2.11 -28.54
N ALA B 1211 1.76 2.54 -29.79
CA ALA B 1211 0.49 2.33 -30.49
C ALA B 1211 -0.67 2.90 -29.69
N GLN B 1212 -0.64 4.22 -29.51
CA GLN B 1212 -1.65 4.89 -28.71
C GLN B 1212 -2.92 5.17 -29.51
N ARG B 1213 -3.48 4.12 -30.12
CA ARG B 1213 -4.78 4.20 -30.78
C ARG B 1213 -5.85 3.38 -30.08
N ASN B 1214 -5.45 2.43 -29.24
CA ASN B 1214 -6.35 1.69 -28.37
C ASN B 1214 -6.48 2.36 -26.99
N ALA B 1215 -6.84 3.64 -27.02
CA ALA B 1215 -6.93 4.39 -25.77
C ALA B 1215 -8.03 3.83 -24.87
N LYS B 1216 -9.15 3.42 -25.46
CA LYS B 1216 -10.21 2.79 -24.68
C LYS B 1216 -9.71 1.50 -24.03
N GLY B 1217 -8.98 0.68 -24.79
CA GLY B 1217 -8.41 -0.53 -24.23
C GLY B 1217 -7.43 -0.24 -23.10
N GLY B 1218 -6.63 0.81 -23.25
CA GLY B 1218 -5.72 1.18 -22.18
C GLY B 1218 -6.43 1.62 -20.93
N VAL B 1219 -7.48 2.44 -21.08
CA VAL B 1219 -8.28 2.85 -19.93
C VAL B 1219 -8.89 1.63 -19.25
N VAL B 1220 -9.40 0.69 -20.05
CA VAL B 1220 -10.01 -0.52 -19.49
C VAL B 1220 -8.98 -1.33 -18.73
N ALA B 1221 -7.79 -1.51 -19.31
CA ALA B 1221 -6.74 -2.28 -18.65
C ALA B 1221 -6.32 -1.62 -17.35
N GLY B 1222 -6.20 -0.29 -17.33
CA GLY B 1222 -5.86 0.40 -16.09
C GLY B 1222 -6.92 0.22 -15.03
N ASN B 1223 -8.20 0.34 -15.42
CA ASN B 1223 -9.29 0.14 -14.47
C ASN B 1223 -9.29 -1.28 -13.91
N VAL B 1224 -9.07 -2.27 -14.77
CA VAL B 1224 -9.04 -3.66 -14.32
C VAL B 1224 -7.86 -3.89 -13.38
N ALA B 1225 -6.69 -3.34 -13.73
CA ALA B 1225 -5.52 -3.49 -12.87
C ALA B 1225 -5.76 -2.87 -11.50
N HIS B 1226 -6.45 -1.72 -11.47
CA HIS B 1226 -6.81 -1.12 -10.19
C HIS B 1226 -7.80 -1.99 -9.43
N ILE B 1227 -8.73 -2.63 -10.14
CA ILE B 1227 -9.73 -3.46 -9.46
C ILE B 1227 -9.08 -4.68 -8.81
N LEU B 1228 -8.14 -5.33 -9.51
CA LEU B 1228 -7.63 -6.63 -9.06
C LEU B 1228 -6.89 -6.56 -7.73
N ASP B 1229 -6.41 -5.40 -7.31
CA ASP B 1229 -5.62 -5.30 -6.08
C ASP B 1229 -5.69 -3.86 -5.59
N SER B 1230 -4.83 -3.53 -4.63
CA SER B 1230 -4.83 -2.20 -4.03
C SER B 1230 -3.50 -1.48 -4.16
N ASN B 1231 -2.37 -2.19 -4.03
CA ASN B 1231 -1.08 -1.51 -4.06
C ASN B 1231 -0.58 -1.23 -5.47
N HIS B 1232 -1.26 -1.70 -6.50
CA HIS B 1232 -1.00 -1.31 -7.88
C HIS B 1232 -1.86 -0.13 -8.33
N GLY B 1233 -2.71 0.40 -7.46
CA GLY B 1233 -3.64 1.43 -7.90
C GLY B 1233 -2.95 2.69 -8.42
N LYS B 1234 -1.82 3.05 -7.83
CA LYS B 1234 -1.11 4.26 -8.25
C LYS B 1234 -0.76 4.22 -9.74
N LYS B 1235 0.05 3.23 -10.15
CA LYS B 1235 0.47 3.15 -11.54
C LYS B 1235 -0.70 2.88 -12.47
N ALA B 1236 -1.65 2.03 -12.05
CA ALA B 1236 -2.79 1.72 -12.89
C ALA B 1236 -3.60 2.99 -13.17
N LEU B 1237 -3.86 3.79 -12.14
CA LEU B 1237 -4.61 5.02 -12.33
C LEU B 1237 -3.84 6.03 -13.17
N LEU B 1238 -2.51 6.12 -12.97
CA LEU B 1238 -1.70 6.98 -13.83
C LEU B 1238 -1.85 6.59 -15.29
N TYR B 1239 -1.71 5.30 -15.59
CA TYR B 1239 -1.75 4.86 -16.97
C TYR B 1239 -3.13 5.06 -17.58
N THR B 1240 -4.19 4.76 -16.83
CA THR B 1240 -5.53 4.94 -17.40
C THR B 1240 -5.85 6.43 -17.55
N ALA B 1241 -5.33 7.28 -16.66
CA ALA B 1241 -5.50 8.72 -16.81
C ALA B 1241 -4.83 9.21 -18.09
N VAL B 1242 -3.61 8.75 -18.35
CA VAL B 1242 -2.93 9.17 -19.57
C VAL B 1242 -3.65 8.63 -20.80
N ASN B 1243 -4.17 7.41 -20.73
CA ASN B 1243 -4.92 6.87 -21.86
C ASN B 1243 -6.21 7.65 -22.10
N GLN B 1244 -6.90 8.06 -21.03
CA GLN B 1244 -8.07 8.90 -21.17
C GLN B 1244 -7.72 10.26 -21.78
N LEU B 1245 -6.59 10.83 -21.35
CA LEU B 1245 -6.13 12.10 -21.92
C LEU B 1245 -5.86 11.96 -23.41
N ALA B 1246 -5.22 10.86 -23.81
CA ALA B 1246 -5.00 10.61 -25.23
C ALA B 1246 -6.32 10.45 -25.97
N MET B 1247 -7.28 9.75 -25.37
CA MET B 1247 -8.58 9.54 -26.00
C MET B 1247 -9.30 10.86 -26.22
N GLY B 1248 -9.27 11.75 -25.23
CA GLY B 1248 -9.94 13.03 -25.32
C GLY B 1248 -11.27 13.06 -24.59
N SER B 1249 -12.37 13.10 -25.34
CA SER B 1249 -13.71 13.13 -24.75
C SER B 1249 -14.62 12.15 -25.46
N SER B 1250 -14.09 11.00 -25.86
CA SER B 1250 -14.88 9.98 -26.56
C SER B 1250 -15.61 9.09 -25.55
N SER B 1251 -16.54 9.72 -24.83
CA SER B 1251 -17.35 9.04 -23.84
C SER B 1251 -18.78 9.56 -23.95
N ALA B 1252 -19.62 9.18 -22.98
CA ALA B 1252 -21.00 9.64 -22.92
C ALA B 1252 -21.17 10.91 -22.11
N GLU B 1253 -20.09 11.70 -21.97
CA GLU B 1253 -20.10 12.93 -21.19
C GLU B 1253 -20.57 12.69 -19.76
N ASP B 1254 -20.12 11.58 -19.17
CA ASP B 1254 -20.50 11.21 -17.82
C ASP B 1254 -19.46 11.76 -16.84
N GLU B 1255 -19.95 12.31 -15.73
CA GLU B 1255 -19.03 12.78 -14.70
C GLU B 1255 -18.44 11.61 -13.93
N LYS B 1256 -17.58 11.94 -12.95
CA LYS B 1256 -16.99 11.02 -11.98
C LYS B 1256 -16.10 9.99 -12.66
N ASN B 1257 -15.92 10.10 -13.98
CA ASN B 1257 -15.11 9.17 -14.74
C ASN B 1257 -14.15 9.87 -15.69
N THR B 1258 -13.86 11.14 -15.45
CA THR B 1258 -13.00 11.88 -16.36
C THR B 1258 -11.54 11.81 -15.90
N ALA B 1259 -10.64 12.21 -16.80
CA ALA B 1259 -9.21 12.15 -16.52
C ALA B 1259 -8.85 12.93 -15.26
N LEU B 1260 -9.53 14.05 -15.02
CA LEU B 1260 -9.28 14.84 -13.82
C LEU B 1260 -9.57 14.05 -12.55
N LYS B 1261 -10.70 13.33 -12.52
CA LYS B 1261 -11.05 12.56 -11.33
C LYS B 1261 -10.03 11.46 -11.07
N THR B 1262 -9.64 10.74 -12.13
CA THR B 1262 -8.68 9.64 -11.95
C THR B 1262 -7.31 10.17 -11.56
N ILE B 1263 -6.89 11.31 -12.12
CA ILE B 1263 -5.58 11.84 -11.75
C ILE B 1263 -5.61 12.36 -10.32
N GLN B 1264 -6.74 12.90 -9.86
CA GLN B 1264 -6.83 13.29 -8.46
C GLN B 1264 -6.76 12.07 -7.55
N LYS B 1265 -7.42 10.98 -7.93
CA LYS B 1265 -7.34 9.75 -7.14
C LYS B 1265 -5.90 9.23 -7.08
N ALA B 1266 -5.20 9.25 -8.22
CA ALA B 1266 -3.81 8.82 -8.24
C ALA B 1266 -2.94 9.71 -7.37
N ALA B 1267 -3.17 11.03 -7.43
CA ALA B 1267 -2.39 11.95 -6.62
C ALA B 1267 -2.61 11.70 -5.13
N LEU B 1268 -3.86 11.43 -4.74
CA LEU B 1268 -4.12 11.07 -3.34
C LEU B 1268 -3.42 9.78 -2.95
N LEU B 1269 -3.43 8.78 -3.83
CA LEU B 1269 -2.83 7.49 -3.47
C LEU B 1269 -1.33 7.60 -3.24
N SER B 1270 -0.61 8.34 -4.08
CA SER B 1270 0.84 8.47 -3.95
C SER B 1270 1.31 9.81 -4.49
N PRO B 1271 1.42 10.82 -3.64
CA PRO B 1271 1.86 12.15 -4.07
C PRO B 1271 3.38 12.29 -4.08
N GLY B 1272 4.07 11.35 -4.73
CA GLY B 1272 5.52 11.37 -4.75
C GLY B 1272 6.16 11.47 -6.11
N ASP B 1273 5.46 11.02 -7.15
CA ASP B 1273 6.04 10.96 -8.49
C ASP B 1273 5.71 12.21 -9.30
N PRO B 1274 6.56 12.56 -10.26
CA PRO B 1274 6.34 13.78 -11.07
C PRO B 1274 5.28 13.58 -12.15
N ALA B 1275 5.13 12.34 -12.60
CA ALA B 1275 4.20 12.06 -13.69
C ALA B 1275 2.77 12.39 -13.30
N ILE B 1276 2.42 12.22 -12.03
CA ILE B 1276 1.07 12.55 -11.59
C ILE B 1276 0.83 14.05 -11.73
N TRP B 1277 1.80 14.87 -11.33
CA TRP B 1277 1.66 16.31 -11.46
C TRP B 1277 1.63 16.75 -12.93
N ALA B 1278 2.45 16.12 -13.77
CA ALA B 1278 2.40 16.44 -15.20
C ALA B 1278 1.03 16.10 -15.79
N GLY B 1279 0.49 14.93 -15.43
CA GLY B 1279 -0.84 14.59 -15.87
C GLY B 1279 -1.88 15.54 -15.32
N LEU B 1280 -1.67 16.06 -14.12
CA LEU B 1280 -2.56 17.07 -13.57
C LEU B 1280 -2.54 18.34 -14.42
N MET B 1281 -1.34 18.78 -14.84
CA MET B 1281 -1.25 19.92 -15.74
C MET B 1281 -2.00 19.67 -17.03
N ALA B 1282 -1.79 18.50 -17.63
CA ALA B 1282 -2.46 18.18 -18.90
C ALA B 1282 -3.98 18.13 -18.73
N ALA B 1283 -4.44 17.53 -17.63
CA ALA B 1283 -5.87 17.45 -17.37
C ALA B 1283 -6.48 18.81 -17.13
N CYS B 1284 -5.78 19.69 -16.41
CA CYS B 1284 -6.27 21.04 -16.21
C CYS B 1284 -6.37 21.79 -17.53
N HIS B 1285 -5.37 21.67 -18.39
CA HIS B 1285 -5.44 22.32 -19.69
C HIS B 1285 -6.59 21.79 -20.53
N ALA B 1286 -6.77 20.46 -20.54
CA ALA B 1286 -7.86 19.86 -21.31
C ALA B 1286 -9.22 20.28 -20.76
N ASP B 1287 -9.35 20.35 -19.44
CA ASP B 1287 -10.60 20.81 -18.83
C ASP B 1287 -10.86 22.27 -19.15
N ASP B 1288 -9.81 23.09 -19.20
CA ASP B 1288 -9.98 24.47 -19.61
C ASP B 1288 -10.50 24.56 -21.04
N LYS B 1289 -9.93 23.76 -21.94
CA LYS B 1289 -10.41 23.79 -23.32
C LYS B 1289 -11.84 23.29 -23.42
N LEU B 1290 -12.19 22.24 -22.68
CA LEU B 1290 -13.55 21.73 -22.71
C LEU B 1290 -14.54 22.76 -22.16
N ALA B 1291 -14.18 23.46 -21.08
CA ALA B 1291 -15.08 24.48 -20.56
C ALA B 1291 -15.24 25.65 -21.51
N LEU B 1292 -14.16 26.02 -22.22
CA LEU B 1292 -14.29 27.02 -23.27
C LEU B 1292 -15.21 26.55 -24.39
N VAL B 1293 -15.06 25.29 -24.81
CA VAL B 1293 -15.89 24.75 -25.89
C VAL B 1293 -17.36 24.73 -25.49
N ASN B 1294 -17.64 24.28 -24.26
CA ASN B 1294 -19.03 24.27 -23.82
C ASN B 1294 -19.52 25.67 -23.46
N ASN B 1295 -18.59 26.60 -23.24
CA ASN B 1295 -18.88 28.00 -22.95
C ASN B 1295 -19.80 28.14 -21.73
N THR B 1296 -19.35 27.58 -20.60
CA THR B 1296 -20.07 27.78 -19.34
C THR B 1296 -19.25 28.59 -18.35
N GLN B 1297 -18.03 28.16 -18.02
CA GLN B 1297 -17.16 28.91 -17.12
C GLN B 1297 -15.75 28.36 -17.16
N PRO B 1298 -14.72 29.21 -17.27
CA PRO B 1298 -13.36 28.73 -17.02
C PRO B 1298 -13.13 28.45 -15.54
N LYS B 1299 -12.37 27.39 -15.26
CA LYS B 1299 -12.09 26.99 -13.89
C LYS B 1299 -10.68 26.45 -13.80
N ARG B 1300 -10.14 26.41 -12.58
CA ARG B 1300 -8.77 25.95 -12.33
C ARG B 1300 -7.77 26.78 -13.15
N ILE B 1301 -7.73 28.08 -12.88
CA ILE B 1301 -7.05 29.00 -13.78
C ILE B 1301 -5.54 29.02 -13.51
N ASP B 1302 -5.13 29.39 -12.30
CA ASP B 1302 -3.73 29.69 -12.03
C ASP B 1302 -3.19 28.78 -10.93
N LEU B 1303 -2.67 27.61 -11.33
CA LEU B 1303 -1.88 26.78 -10.42
C LEU B 1303 -0.65 26.18 -11.09
N TYR B 1304 -0.28 26.64 -12.28
CA TYR B 1304 0.82 26.02 -13.01
C TYR B 1304 2.15 26.18 -12.30
N LEU B 1305 2.39 27.36 -11.70
CA LEU B 1305 3.65 27.58 -11.00
C LEU B 1305 3.83 26.64 -9.81
N ALA B 1306 2.78 26.45 -9.00
CA ALA B 1306 2.87 25.54 -7.87
C ALA B 1306 3.11 24.11 -8.34
N LEU B 1307 2.42 23.69 -9.40
CA LEU B 1307 2.59 22.34 -9.91
C LEU B 1307 4.00 22.13 -10.47
N LEU B 1308 4.54 23.16 -11.13
CA LEU B 1308 5.91 23.10 -11.64
C LEU B 1308 6.91 22.98 -10.51
N SER B 1309 6.72 23.75 -9.44
CA SER B 1309 7.61 23.65 -8.29
C SER B 1309 7.52 22.27 -7.66
N ALA B 1310 6.32 21.71 -7.57
CA ALA B 1310 6.16 20.36 -7.05
C ALA B 1310 6.86 19.34 -7.95
N VAL B 1311 6.76 19.53 -9.28
CA VAL B 1311 7.41 18.62 -10.21
C VAL B 1311 8.92 18.65 -10.00
N SER B 1312 9.49 19.85 -9.90
CA SER B 1312 10.94 19.96 -9.70
C SER B 1312 11.36 19.34 -8.37
N ALA B 1313 10.61 19.62 -7.30
CA ALA B 1313 10.98 19.09 -5.99
C ALA B 1313 10.91 17.57 -5.97
N SER B 1314 9.89 16.99 -6.61
CA SER B 1314 9.77 15.54 -6.63
C SER B 1314 10.76 14.89 -7.58
N ILE B 1315 11.18 15.62 -8.62
CA ILE B 1315 12.22 15.09 -9.52
C ILE B 1315 13.55 15.03 -8.79
N LYS B 1316 13.82 16.04 -7.95
CA LYS B 1316 15.15 16.17 -7.36
C LYS B 1316 15.53 14.98 -6.47
N ASP B 1317 14.56 14.16 -6.07
CA ASP B 1317 14.79 13.12 -5.07
C ASP B 1317 14.80 11.71 -5.64
N GLU B 1318 15.10 11.54 -6.93
CA GLU B 1318 15.19 10.21 -7.51
C GLU B 1318 16.64 9.84 -7.76
N LYS B 1319 16.94 8.53 -7.70
CA LYS B 1319 18.33 8.08 -7.77
C LYS B 1319 18.98 8.46 -9.11
N PHE B 1320 18.49 7.92 -10.23
CA PHE B 1320 18.98 8.35 -11.54
C PHE B 1320 17.96 7.94 -12.60
N PHE B 1321 17.35 8.91 -13.26
CA PHE B 1321 16.64 8.69 -14.52
C PHE B 1321 17.00 9.80 -15.50
N GLU B 1322 18.29 10.11 -15.61
CA GLU B 1322 18.77 11.38 -16.15
C GLU B 1322 18.02 11.82 -17.42
N ASN B 1323 18.04 10.99 -18.47
CA ASN B 1323 17.39 11.39 -19.71
C ASN B 1323 15.89 11.56 -19.53
N TYR B 1324 15.28 10.62 -18.81
CA TYR B 1324 13.85 10.68 -18.54
C TYR B 1324 13.50 11.90 -17.70
N ASN B 1325 14.32 12.22 -16.70
CA ASN B 1325 14.09 13.40 -15.89
C ASN B 1325 14.18 14.68 -16.71
N GLN B 1326 15.19 14.76 -17.59
CA GLN B 1326 15.33 15.94 -18.44
C GLN B 1326 14.11 16.11 -19.34
N SER B 1327 13.65 15.01 -19.95
CA SER B 1327 12.47 15.10 -20.81
C SER B 1327 11.25 15.52 -20.00
N LEU B 1328 11.09 14.97 -18.79
CA LEU B 1328 9.96 15.32 -17.93
C LEU B 1328 9.98 16.81 -17.60
N GLU B 1329 11.13 17.32 -17.19
CA GLU B 1329 11.23 18.73 -16.83
C GLU B 1329 10.98 19.63 -18.03
N LYS B 1330 11.54 19.28 -19.19
CA LYS B 1330 11.32 20.09 -20.39
C LYS B 1330 9.85 20.15 -20.75
N TRP B 1331 9.18 18.99 -20.77
CA TRP B 1331 7.76 18.96 -21.12
C TRP B 1331 6.94 19.75 -20.10
N SER B 1332 7.22 19.59 -18.81
CA SER B 1332 6.46 20.29 -17.78
C SER B 1332 6.63 21.81 -17.91
N LEU B 1333 7.87 22.27 -18.09
CA LEU B 1333 8.12 23.70 -18.20
C LEU B 1333 7.44 24.27 -19.44
N SER B 1334 7.57 23.57 -20.58
CA SER B 1334 6.96 24.08 -21.81
C SER B 1334 5.45 24.15 -21.69
N GLN B 1335 4.83 23.10 -21.11
CA GLN B 1335 3.38 23.10 -20.96
C GLN B 1335 2.93 24.20 -20.00
N ALA B 1336 3.69 24.43 -18.92
CA ALA B 1336 3.33 25.49 -17.99
C ALA B 1336 3.41 26.86 -18.66
N VAL B 1337 4.46 27.09 -19.46
CA VAL B 1337 4.58 28.37 -20.16
C VAL B 1337 3.42 28.55 -21.13
N THR B 1338 3.08 27.48 -21.85
CA THR B 1338 1.98 27.57 -22.81
C THR B 1338 0.67 27.89 -22.11
N GLY B 1339 0.43 27.25 -20.96
CA GLY B 1339 -0.79 27.52 -20.22
C GLY B 1339 -0.85 28.95 -19.70
N LEU B 1340 0.28 29.47 -19.20
CA LEU B 1340 0.31 30.87 -18.76
C LEU B 1340 0.06 31.82 -19.93
N ILE B 1341 0.64 31.52 -21.10
CA ILE B 1341 0.39 32.35 -22.27
C ILE B 1341 -1.09 32.34 -22.62
N ASP B 1342 -1.69 31.15 -22.61
CA ASP B 1342 -3.10 31.03 -22.97
C ASP B 1342 -3.99 31.78 -21.99
N THR B 1343 -3.70 31.69 -20.70
CA THR B 1343 -4.57 32.33 -19.71
C THR B 1343 -4.40 33.84 -19.66
N GLY B 1344 -3.24 34.36 -20.01
CA GLY B 1344 -3.01 35.79 -20.10
C GLY B 1344 -2.01 36.38 -19.11
N ARG B 1345 -1.18 35.55 -18.46
CA ARG B 1345 -0.15 36.05 -17.55
C ARG B 1345 1.18 36.18 -18.30
N ILE B 1346 1.20 37.16 -19.21
CA ILE B 1346 2.35 37.35 -20.10
C ILE B 1346 3.58 37.74 -19.31
N SER B 1347 3.43 38.61 -18.31
CA SER B 1347 4.57 39.06 -17.52
C SER B 1347 5.22 37.92 -16.75
N GLU B 1348 4.42 37.07 -16.10
CA GLU B 1348 4.99 35.95 -15.37
C GLU B 1348 5.70 34.99 -16.29
N ALA B 1349 5.12 34.69 -17.46
CA ALA B 1349 5.78 33.81 -18.41
C ALA B 1349 7.11 34.39 -18.87
N GLU B 1350 7.14 35.70 -19.15
CA GLU B 1350 8.38 36.33 -19.59
C GLU B 1350 9.44 36.30 -18.51
N THR B 1351 9.05 36.56 -17.25
CA THR B 1351 10.02 36.49 -16.16
C THR B 1351 10.55 35.07 -16.00
N LEU B 1352 9.68 34.06 -16.11
CA LEU B 1352 10.11 32.67 -16.01
C LEU B 1352 11.12 32.33 -17.11
N CYS B 1353 10.80 32.72 -18.35
CA CYS B 1353 11.69 32.44 -19.47
C CYS B 1353 13.03 33.14 -19.30
N THR B 1354 13.02 34.41 -18.86
CA THR B 1354 14.27 35.13 -18.67
C THR B 1354 15.10 34.50 -17.57
N LYS B 1355 14.46 34.06 -16.48
CA LYS B 1355 15.19 33.38 -15.42
C LYS B 1355 15.80 32.08 -15.92
N ASN B 1356 15.04 31.32 -16.72
CA ASN B 1356 15.57 30.06 -17.26
C ASN B 1356 16.75 30.31 -18.17
N LEU B 1357 16.68 31.36 -19.00
CA LEU B 1357 17.78 31.65 -19.91
C LEU B 1357 18.97 32.27 -19.18
N LYS B 1358 18.75 32.90 -18.02
CA LYS B 1358 19.86 33.42 -17.23
C LYS B 1358 20.56 32.30 -16.47
N SER B 1359 19.81 31.26 -16.06
CA SER B 1359 20.39 30.19 -15.26
C SER B 1359 21.50 29.46 -16.01
N ASN B 1360 21.30 29.19 -17.29
CA ASN B 1360 22.23 28.41 -18.09
C ASN B 1360 22.34 29.06 -19.46
N PRO B 1361 23.41 28.77 -20.21
CA PRO B 1361 23.52 29.28 -21.58
C PRO B 1361 22.35 28.85 -22.45
N ASP B 1362 22.17 29.58 -23.55
CA ASP B 1362 20.96 29.48 -24.34
C ASP B 1362 20.80 28.08 -24.96
N GLN B 1363 19.56 27.61 -25.01
CA GLN B 1363 19.18 26.44 -25.78
C GLN B 1363 18.02 26.81 -26.69
N PRO B 1364 18.00 26.30 -27.92
CA PRO B 1364 17.04 26.81 -28.91
C PRO B 1364 15.58 26.73 -28.49
N ALA B 1365 15.19 25.68 -27.74
CA ALA B 1365 13.79 25.53 -27.38
C ALA B 1365 13.31 26.68 -26.51
N VAL B 1366 14.13 27.08 -25.53
CA VAL B 1366 13.73 28.16 -24.64
C VAL B 1366 13.69 29.49 -25.38
N ILE B 1367 14.61 29.70 -26.33
CA ILE B 1367 14.57 30.93 -27.11
C ILE B 1367 13.32 30.98 -27.99
N LEU B 1368 12.91 29.84 -28.54
CA LEU B 1368 11.65 29.80 -29.28
C LEU B 1368 10.47 30.08 -28.36
N LEU B 1369 10.49 29.50 -27.16
CA LEU B 1369 9.42 29.72 -26.20
C LEU B 1369 9.34 31.19 -25.81
N LEU B 1370 10.48 31.84 -25.62
CA LEU B 1370 10.50 33.28 -25.30
C LEU B 1370 9.97 34.10 -26.47
N ARG B 1371 10.32 33.70 -27.70
CA ARG B 1371 9.79 34.40 -28.86
C ARG B 1371 8.27 34.30 -28.90
N GLN B 1372 7.73 33.11 -28.64
CA GLN B 1372 6.28 32.95 -28.61
C GLN B 1372 5.66 33.79 -27.51
N VAL B 1373 6.32 33.87 -26.36
CA VAL B 1373 5.83 34.71 -25.25
C VAL B 1373 5.80 36.18 -25.67
N GLN B 1374 6.88 36.63 -26.32
CA GLN B 1374 7.02 38.02 -26.72
C GLN B 1374 5.99 38.41 -27.78
N CYS B 1375 5.67 37.49 -28.68
CA CYS B 1375 4.81 37.80 -29.83
C CYS B 1375 3.33 37.68 -29.52
N LYS B 1376 2.95 37.60 -28.24
CA LYS B 1376 1.53 37.58 -27.88
C LYS B 1376 0.96 38.99 -27.92
N PRO B 1377 1.61 40.01 -27.35
CA PRO B 1377 1.03 41.38 -27.41
C PRO B 1377 0.87 41.88 -28.84
N LEU B 1378 1.95 41.82 -29.62
CA LEU B 1378 1.87 42.12 -31.04
C LEU B 1378 1.19 41.00 -31.83
N LEU B 1379 0.35 41.39 -32.79
CA LEU B 1379 -0.43 40.59 -33.74
C LEU B 1379 -1.78 39.96 -33.28
N GLU B 1380 -2.23 40.08 -32.02
CA GLU B 1380 -3.61 39.61 -31.78
C GLU B 1380 -4.58 40.45 -32.58
N SER B 1381 -4.40 41.76 -32.57
CA SER B 1381 -5.15 42.70 -33.39
C SER B 1381 -4.33 43.00 -34.63
N GLN B 1382 -5.01 43.25 -35.74
CA GLN B 1382 -4.32 43.42 -37.01
C GLN B 1382 -3.36 44.61 -36.98
N LYS B 1383 -2.13 44.34 -37.43
CA LYS B 1383 -0.98 45.25 -37.43
C LYS B 1383 0.06 44.63 -38.36
N PRO B 1384 0.69 45.40 -39.24
CA PRO B 1384 1.80 44.86 -40.03
C PRO B 1384 3.11 44.84 -39.27
N LEU B 1385 3.96 43.88 -39.62
CA LEU B 1385 5.24 43.70 -38.96
C LEU B 1385 6.35 43.71 -39.99
N PRO B 1386 7.55 44.14 -39.60
CA PRO B 1386 8.66 44.20 -40.56
C PRO B 1386 9.12 42.81 -40.99
N ASP B 1387 9.60 42.72 -42.23
CA ASP B 1387 10.21 41.50 -42.73
C ASP B 1387 11.46 41.09 -41.95
N ALA B 1388 12.11 42.04 -41.29
CA ALA B 1388 13.24 41.71 -40.41
C ALA B 1388 12.81 40.82 -39.26
N VAL B 1389 11.68 41.13 -38.62
CA VAL B 1389 11.19 40.30 -37.52
C VAL B 1389 10.84 38.91 -38.03
N LEU B 1390 10.25 38.84 -39.21
CA LEU B 1390 9.96 37.55 -39.82
C LEU B 1390 11.23 36.75 -40.06
N GLU B 1391 12.29 37.40 -40.55
CA GLU B 1391 13.54 36.67 -40.80
C GLU B 1391 14.21 36.15 -39.52
N GLU B 1392 14.29 36.94 -38.44
CA GLU B 1392 14.86 36.34 -37.22
C GLU B 1392 13.98 35.20 -36.72
N LEU B 1393 12.66 35.37 -36.75
CA LEU B 1393 11.78 34.29 -36.29
C LEU B 1393 11.99 33.03 -37.13
N GLN B 1394 12.10 33.17 -38.46
CA GLN B 1394 12.33 32.02 -39.32
C GLN B 1394 13.65 31.36 -38.99
N LYS B 1395 14.69 32.17 -38.73
CA LYS B 1395 15.99 31.61 -38.38
C LYS B 1395 15.93 30.85 -37.06
N THR B 1396 15.19 31.37 -36.08
CA THR B 1396 15.06 30.68 -34.80
C THR B 1396 14.26 29.40 -34.95
N VAL B 1397 13.25 29.40 -35.81
CA VAL B 1397 12.49 28.17 -36.06
C VAL B 1397 13.40 27.14 -36.71
N MET B 1398 14.27 27.59 -37.62
CA MET B 1398 15.24 26.68 -38.23
C MET B 1398 16.24 26.18 -37.20
N SER B 1399 16.49 26.97 -36.15
CA SER B 1399 17.50 26.65 -35.14
C SER B 1399 17.20 25.30 -34.47
N ASN B 1400 15.94 25.07 -34.11
CA ASN B 1400 15.52 23.79 -33.52
C ASN B 1400 14.48 23.17 -34.44
N SER B 1401 14.96 22.32 -35.34
CA SER B 1401 14.16 21.64 -36.33
C SER B 1401 13.68 20.28 -35.79
N THR B 1402 12.99 19.54 -36.66
CA THR B 1402 12.44 18.22 -36.37
C THR B 1402 11.40 18.26 -35.25
N SER B 1403 10.66 19.36 -35.15
CA SER B 1403 9.53 19.47 -34.24
C SER B 1403 8.33 20.02 -35.00
N VAL B 1404 7.28 19.23 -35.11
CA VAL B 1404 6.08 19.63 -35.85
C VAL B 1404 5.38 20.83 -35.20
N PRO B 1405 5.21 20.90 -33.87
CA PRO B 1405 4.50 22.07 -33.29
C PRO B 1405 5.03 23.41 -33.75
N ALA B 1406 6.36 23.61 -33.68
CA ALA B 1406 6.94 24.89 -34.09
C ALA B 1406 6.63 25.21 -35.54
N TRP B 1407 6.74 24.24 -36.43
CA TRP B 1407 6.41 24.49 -37.84
C TRP B 1407 4.94 24.87 -38.01
N GLN B 1408 4.04 24.19 -37.30
CA GLN B 1408 2.62 24.53 -37.41
C GLN B 1408 2.35 25.92 -36.86
N TRP B 1409 3.02 26.29 -35.77
CA TRP B 1409 2.86 27.62 -35.20
C TRP B 1409 3.37 28.69 -36.14
N LEU B 1410 4.52 28.46 -36.77
CA LEU B 1410 5.06 29.43 -37.72
C LEU B 1410 4.17 29.55 -38.94
N ALA B 1411 3.57 28.44 -39.39
CA ALA B 1411 2.61 28.51 -40.48
C ALA B 1411 1.39 29.35 -40.08
N HIS B 1412 0.92 29.17 -38.84
CA HIS B 1412 -0.18 30.00 -38.36
C HIS B 1412 0.19 31.47 -38.30
N VAL B 1413 1.40 31.78 -37.87
CA VAL B 1413 1.86 33.18 -37.83
C VAL B 1413 1.90 33.76 -39.23
N TYR B 1414 2.43 32.99 -40.19
CA TYR B 1414 2.47 33.44 -41.57
C TYR B 1414 1.05 33.72 -42.08
N GLN B 1415 0.12 32.81 -41.76
CA GLN B 1415 -1.26 33.00 -42.18
C GLN B 1415 -1.87 34.25 -41.53
N SER B 1416 -1.57 34.47 -40.24
CA SER B 1416 -2.12 35.62 -39.55
C SER B 1416 -1.65 36.94 -40.15
N GLN B 1417 -0.36 37.06 -40.48
CA GLN B 1417 0.04 38.24 -41.22
C GLN B 1417 -0.50 38.19 -42.64
N GLY B 1418 -0.66 36.99 -43.16
CA GLY B 1418 -1.17 36.64 -44.47
C GLY B 1418 -0.04 36.28 -45.41
N MET B 1419 0.22 34.99 -45.57
CA MET B 1419 1.11 34.47 -46.61
C MET B 1419 0.59 33.07 -46.92
N MET B 1420 -0.20 32.93 -47.98
CA MET B 1420 -0.82 31.63 -48.20
C MET B 1420 0.22 30.60 -48.65
N ARG B 1421 1.10 31.00 -49.58
CA ARG B 1421 2.15 30.10 -50.04
C ARG B 1421 3.12 29.73 -48.92
N ALA B 1422 3.53 30.69 -48.10
CA ALA B 1422 4.46 30.39 -47.03
C ALA B 1422 3.84 29.46 -46.00
N ALA B 1423 2.58 29.70 -45.64
CA ALA B 1423 1.92 28.81 -44.69
C ALA B 1423 1.78 27.42 -45.28
N GLU B 1424 1.43 27.33 -46.57
CA GLU B 1424 1.32 26.03 -47.23
C GLU B 1424 2.66 25.28 -47.27
N MET B 1425 3.75 25.98 -47.58
CA MET B 1425 5.06 25.33 -47.58
C MET B 1425 5.41 24.83 -46.18
N CYS B 1426 5.15 25.65 -45.15
CA CYS B 1426 5.46 25.22 -43.79
C CYS B 1426 4.61 24.02 -43.39
N TYR B 1427 3.34 24.01 -43.77
CA TYR B 1427 2.48 22.86 -43.49
C TYR B 1427 2.99 21.61 -44.19
N ARG B 1428 3.44 21.75 -45.44
CA ARG B 1428 4.02 20.61 -46.16
C ARG B 1428 5.28 20.11 -45.46
N LYS B 1429 6.11 21.03 -44.99
CA LYS B 1429 7.33 20.65 -44.27
C LYS B 1429 6.98 19.87 -43.00
N SER B 1430 6.00 20.37 -42.24
CA SER B 1430 5.57 19.66 -41.04
C SER B 1430 4.99 18.29 -41.38
N LEU B 1431 4.20 18.21 -42.46
CA LEU B 1431 3.64 16.93 -42.89
C LEU B 1431 4.73 15.92 -43.25
N GLN B 1432 5.72 16.35 -44.04
CA GLN B 1432 6.79 15.44 -44.42
C GLN B 1432 7.57 15.00 -43.20
N LEU B 1433 7.83 15.93 -42.27
CA LEU B 1433 8.57 15.62 -41.06
C LEU B 1433 7.81 14.60 -40.21
N ALA B 1434 6.50 14.80 -40.04
CA ALA B 1434 5.70 13.87 -39.26
C ALA B 1434 5.64 12.50 -39.92
N SER B 1435 5.48 12.46 -41.24
CA SER B 1435 5.42 11.18 -41.96
C SER B 1435 6.75 10.42 -41.87
N GLN B 1436 7.88 11.13 -42.00
CA GLN B 1436 9.17 10.44 -41.90
C GLN B 1436 9.39 9.86 -40.51
N ARG B 1437 9.03 10.61 -39.47
CA ARG B 1437 9.29 10.20 -38.10
C ARG B 1437 8.32 9.13 -37.60
N GLY B 1438 7.36 8.73 -38.43
CA GLY B 1438 6.44 7.67 -38.07
C GLY B 1438 5.25 8.11 -37.25
N SER B 1439 5.10 9.40 -36.96
CA SER B 1439 3.95 9.89 -36.23
C SER B 1439 2.71 9.92 -37.13
N TRP B 1440 1.55 9.87 -36.50
CA TRP B 1440 0.27 9.82 -37.20
C TRP B 1440 -0.64 10.99 -36.87
N SER B 1441 -0.72 11.42 -35.61
CA SER B 1441 -1.53 12.56 -35.25
C SER B 1441 -1.05 13.84 -35.92
N GLY B 1442 0.28 14.01 -36.00
CA GLY B 1442 0.82 15.19 -36.67
C GLY B 1442 0.48 15.24 -38.14
N LYS B 1443 0.50 14.08 -38.82
CA LYS B 1443 0.12 14.05 -40.22
C LYS B 1443 -1.32 14.49 -40.43
N LEU B 1444 -2.24 13.96 -39.60
CA LEU B 1444 -3.64 14.34 -39.71
C LEU B 1444 -3.83 15.82 -39.41
N SER B 1445 -3.16 16.33 -38.36
CA SER B 1445 -3.31 17.74 -38.02
C SER B 1445 -2.80 18.64 -39.14
N SER B 1446 -1.66 18.28 -39.75
CA SER B 1446 -1.14 19.06 -40.86
C SER B 1446 -2.10 19.04 -42.04
N LEU B 1447 -2.66 17.87 -42.34
CA LEU B 1447 -3.63 17.77 -43.44
C LEU B 1447 -4.83 18.67 -43.18
N LEU B 1448 -5.39 18.60 -41.97
CA LEU B 1448 -6.59 19.38 -41.68
C LEU B 1448 -6.29 20.88 -41.70
N ARG B 1449 -5.13 21.29 -41.17
CA ARG B 1449 -4.79 22.71 -41.18
C ARG B 1449 -4.60 23.22 -42.60
N LEU B 1450 -3.89 22.45 -43.45
CA LEU B 1450 -3.72 22.84 -44.84
C LEU B 1450 -5.08 22.95 -45.56
N ALA B 1451 -5.96 21.97 -45.32
CA ALA B 1451 -7.28 22.02 -45.94
C ALA B 1451 -8.05 23.25 -45.50
N LEU B 1452 -7.99 23.58 -44.20
CA LEU B 1452 -8.70 24.73 -43.69
C LEU B 1452 -8.16 26.02 -44.29
N LEU B 1453 -6.83 26.15 -44.38
CA LEU B 1453 -6.23 27.34 -44.96
C LEU B 1453 -6.63 27.52 -46.42
N ALA B 1454 -6.54 26.44 -47.20
CA ALA B 1454 -6.89 26.55 -48.61
C ALA B 1454 -8.38 26.86 -48.79
N LEU B 1455 -9.24 26.26 -47.97
CA LEU B 1455 -10.66 26.57 -48.06
C LEU B 1455 -10.93 28.03 -47.67
N LYS B 1456 -10.17 28.55 -46.70
CA LYS B 1456 -10.34 29.95 -46.31
C LYS B 1456 -9.97 30.88 -47.44
N VAL B 1457 -8.80 30.65 -48.06
CA VAL B 1457 -8.37 31.53 -49.14
C VAL B 1457 -9.32 31.41 -50.33
N CYS B 1458 -9.87 30.22 -50.57
CA CYS B 1458 -10.88 30.05 -51.62
C CYS B 1458 -12.19 30.78 -51.30
N MET B 1459 -12.58 30.86 -50.03
CA MET B 1459 -13.79 31.59 -49.66
C MET B 1459 -13.71 33.08 -49.97
N ALA B 1460 -12.51 33.65 -50.03
CA ALA B 1460 -12.39 35.05 -50.44
C ALA B 1460 -12.74 35.26 -51.91
N ASN B 1461 -13.13 34.21 -52.64
CA ASN B 1461 -13.53 34.30 -54.04
C ASN B 1461 -12.43 34.91 -54.91
N ILE B 1462 -11.22 34.43 -54.71
CA ILE B 1462 -10.07 34.89 -55.47
C ILE B 1462 -9.96 34.07 -56.76
N SER B 1463 -9.33 34.66 -57.78
CA SER B 1463 -9.07 33.99 -59.04
C SER B 1463 -7.86 33.09 -58.87
N ASN B 1464 -7.32 32.56 -59.96
CA ASN B 1464 -6.20 31.62 -59.90
C ASN B 1464 -6.57 30.40 -59.05
N ASP B 1465 -7.58 29.68 -59.56
CA ASP B 1465 -8.26 28.62 -58.85
C ASP B 1465 -7.41 27.35 -58.74
N HIS B 1466 -6.32 27.46 -57.99
CA HIS B 1466 -5.50 26.32 -57.59
C HIS B 1466 -5.72 25.92 -56.15
N TRP B 1467 -6.14 26.87 -55.31
CA TRP B 1467 -6.50 26.54 -53.93
C TRP B 1467 -7.60 25.48 -53.84
N PRO B 1468 -8.67 25.50 -54.65
CA PRO B 1468 -9.63 24.38 -54.61
C PRO B 1468 -8.99 23.04 -54.95
N SER B 1469 -8.03 23.01 -55.88
CA SER B 1469 -7.31 21.77 -56.17
C SER B 1469 -6.54 21.30 -54.96
N LEU B 1470 -5.91 22.24 -54.24
CA LEU B 1470 -5.20 21.90 -53.01
C LEU B 1470 -6.17 21.32 -51.98
N VAL B 1471 -7.36 21.92 -51.87
CA VAL B 1471 -8.37 21.40 -50.95
C VAL B 1471 -8.72 19.97 -51.33
N GLN B 1472 -8.98 19.73 -52.61
CA GLN B 1472 -9.39 18.40 -53.05
C GLN B 1472 -8.30 17.37 -52.77
N GLU B 1473 -7.05 17.69 -53.09
CA GLU B 1473 -5.96 16.75 -52.86
C GLU B 1473 -5.82 16.44 -51.36
N ALA B 1474 -5.86 17.49 -50.53
CA ALA B 1474 -5.70 17.28 -49.09
C ALA B 1474 -6.83 16.42 -48.53
N THR B 1475 -8.07 16.71 -48.93
CA THR B 1475 -9.21 15.94 -48.44
C THR B 1475 -9.17 14.50 -48.93
N THR B 1476 -8.77 14.28 -50.18
CA THR B 1476 -8.65 12.90 -50.68
C THR B 1476 -7.60 12.14 -49.88
N GLU B 1477 -6.47 12.78 -49.59
CA GLU B 1477 -5.44 12.11 -48.81
C GLU B 1477 -5.95 11.82 -47.38
N ALA B 1478 -6.67 12.77 -46.78
CA ALA B 1478 -7.21 12.54 -45.44
C ALA B 1478 -8.20 11.39 -45.44
N LEU B 1479 -9.07 11.31 -46.45
CA LEU B 1479 -10.02 10.20 -46.52
C LEU B 1479 -9.30 8.88 -46.72
N LYS B 1480 -8.22 8.87 -47.51
CA LYS B 1480 -7.43 7.66 -47.63
C LYS B 1480 -6.82 7.27 -46.28
N LEU B 1481 -6.39 8.26 -45.50
CA LEU B 1481 -5.83 7.97 -44.18
C LEU B 1481 -6.87 7.33 -43.27
N CYS B 1482 -7.99 8.03 -43.04
CA CYS B 1482 -9.05 7.54 -42.17
C CYS B 1482 -10.37 8.18 -42.62
N PHE B 1483 -11.42 7.90 -41.85
CA PHE B 1483 -12.77 8.41 -42.13
C PHE B 1483 -12.92 9.73 -41.38
N CYS B 1484 -12.67 10.84 -42.07
CA CYS B 1484 -12.69 12.14 -41.43
C CYS B 1484 -13.94 12.90 -41.79
N PRO B 1485 -14.91 13.05 -40.88
CA PRO B 1485 -16.08 13.91 -41.15
C PRO B 1485 -15.71 15.36 -41.44
N LEU B 1486 -14.67 15.90 -40.79
CA LEU B 1486 -14.26 17.26 -41.08
C LEU B 1486 -13.80 17.41 -42.53
N ALA B 1487 -13.05 16.42 -43.03
CA ALA B 1487 -12.59 16.49 -44.42
C ALA B 1487 -13.77 16.41 -45.40
N VAL B 1488 -14.74 15.53 -45.15
CA VAL B 1488 -15.88 15.45 -46.05
C VAL B 1488 -16.69 16.73 -45.98
N LEU B 1489 -16.78 17.36 -44.79
CA LEU B 1489 -17.48 18.62 -44.70
C LEU B 1489 -16.75 19.72 -45.46
N LEU B 1490 -15.41 19.70 -45.43
CA LEU B 1490 -14.66 20.69 -46.20
C LEU B 1490 -14.88 20.48 -47.69
N GLN B 1491 -14.90 19.22 -48.13
CA GLN B 1491 -15.21 18.90 -49.53
C GLN B 1491 -16.58 19.42 -49.91
N ALA B 1492 -17.58 19.17 -49.05
CA ALA B 1492 -18.93 19.62 -49.31
C ALA B 1492 -19.00 21.14 -49.36
N LEU B 1493 -18.29 21.82 -48.47
CA LEU B 1493 -18.30 23.27 -48.45
C LEU B 1493 -17.68 23.84 -49.73
N LEU B 1494 -16.55 23.27 -50.17
CA LEU B 1494 -15.95 23.74 -51.42
C LEU B 1494 -16.88 23.49 -52.61
N GLN B 1495 -17.47 22.29 -52.67
CA GLN B 1495 -18.39 21.96 -53.75
C GLN B 1495 -19.60 22.89 -53.74
N PHE B 1496 -20.07 23.21 -52.54
CA PHE B 1496 -21.17 24.15 -52.37
C PHE B 1496 -20.77 25.55 -52.84
N LYS B 1497 -19.51 25.94 -52.65
CA LYS B 1497 -19.08 27.25 -53.14
C LYS B 1497 -19.10 27.25 -54.68
N ARG B 1498 -18.61 26.16 -55.27
CA ARG B 1498 -18.51 26.02 -56.73
C ARG B 1498 -19.86 26.01 -57.44
N LYS B 1499 -20.83 25.30 -56.87
CA LYS B 1499 -22.12 24.95 -57.42
C LYS B 1499 -23.22 25.40 -56.47
N MET B 1500 -24.45 24.94 -56.70
CA MET B 1500 -25.73 25.29 -56.07
C MET B 1500 -26.87 24.82 -56.95
N GLY B 1501 -26.76 24.94 -58.27
CA GLY B 1501 -27.85 24.45 -59.11
C GLY B 1501 -27.99 22.94 -59.02
N ALA B 1502 -26.87 22.23 -59.04
CA ALA B 1502 -26.82 20.78 -59.02
C ALA B 1502 -27.49 20.15 -57.80
N ARG B 1503 -28.33 19.14 -58.05
CA ARG B 1503 -29.02 18.44 -56.97
C ARG B 1503 -28.02 17.74 -56.05
N GLU B 1504 -26.96 17.18 -56.63
CA GLU B 1504 -25.96 16.42 -55.89
C GLU B 1504 -25.48 17.17 -54.65
N THR B 1505 -25.19 18.48 -54.76
CA THR B 1505 -24.73 19.22 -53.59
C THR B 1505 -25.71 19.06 -52.44
N ARG B 1506 -27.01 19.20 -52.73
CA ARG B 1506 -28.06 19.00 -51.74
C ARG B 1506 -28.04 17.57 -51.20
N ARG B 1507 -27.83 16.59 -52.08
CA ARG B 1507 -27.79 15.20 -51.64
C ARG B 1507 -26.63 14.98 -50.67
N LEU B 1508 -25.46 15.51 -51.00
CA LEU B 1508 -24.28 15.36 -50.14
C LEU B 1508 -24.52 16.03 -48.79
N LEU B 1509 -25.07 17.24 -48.79
CA LEU B 1509 -25.30 17.94 -47.53
C LEU B 1509 -26.31 17.19 -46.67
N GLU B 1510 -27.37 16.65 -47.29
CA GLU B 1510 -28.35 15.89 -46.52
C GLU B 1510 -27.73 14.61 -45.97
N ARG B 1511 -26.86 13.97 -46.74
CA ARG B 1511 -26.15 12.79 -46.26
C ARG B 1511 -25.32 13.14 -45.03
N VAL B 1512 -24.57 14.24 -45.10
CA VAL B 1512 -23.70 14.63 -44.00
C VAL B 1512 -24.52 14.96 -42.76
N VAL B 1513 -25.64 15.66 -42.94
CA VAL B 1513 -26.43 16.11 -41.79
C VAL B 1513 -27.33 15.01 -41.23
N TYR B 1514 -27.61 13.96 -42.00
CA TYR B 1514 -28.57 12.93 -41.60
C TYR B 1514 -27.95 11.62 -41.18
N GLN B 1515 -26.75 11.29 -41.66
CA GLN B 1515 -26.12 10.06 -41.24
C GLN B 1515 -25.62 10.19 -39.80
N PRO B 1516 -25.89 9.20 -38.93
CA PRO B 1516 -25.53 9.32 -37.52
C PRO B 1516 -24.04 9.15 -37.25
N GLY B 1517 -23.68 9.16 -35.97
CA GLY B 1517 -22.28 9.09 -35.60
C GLY B 1517 -21.46 10.31 -35.98
N TYR B 1518 -21.99 11.50 -35.74
CA TYR B 1518 -21.33 12.75 -36.11
C TYR B 1518 -21.31 13.69 -34.93
N PRO B 1519 -20.28 14.54 -34.84
CA PRO B 1519 -20.25 15.56 -33.79
C PRO B 1519 -21.34 16.61 -33.99
N LYS B 1520 -21.68 17.28 -32.89
CA LYS B 1520 -22.80 18.21 -32.92
C LYS B 1520 -22.50 19.41 -33.82
N SER B 1521 -21.28 19.95 -33.76
CA SER B 1521 -20.99 21.18 -34.48
C SER B 1521 -20.99 20.95 -35.99
N ILE B 1522 -20.39 19.85 -36.44
CA ILE B 1522 -20.37 19.53 -37.87
C ILE B 1522 -21.78 19.30 -38.39
N ALA B 1523 -22.60 18.58 -37.62
CA ALA B 1523 -23.99 18.37 -38.02
C ALA B 1523 -24.75 19.68 -38.09
N SER B 1524 -24.49 20.59 -37.13
CA SER B 1524 -25.15 21.89 -37.13
C SER B 1524 -24.77 22.69 -38.36
N THR B 1525 -23.48 22.72 -38.71
CA THR B 1525 -23.03 23.44 -39.88
C THR B 1525 -23.62 22.86 -41.17
N ALA B 1526 -23.66 21.54 -41.27
CA ALA B 1526 -24.26 20.91 -42.44
C ALA B 1526 -25.75 21.23 -42.53
N ARG B 1527 -26.45 21.22 -41.39
CA ARG B 1527 -27.85 21.58 -41.37
C ARG B 1527 -28.05 23.02 -41.83
N TRP B 1528 -27.18 23.92 -41.36
CA TRP B 1528 -27.26 25.32 -41.72
C TRP B 1528 -27.11 25.49 -43.23
N TYR B 1529 -26.07 24.89 -43.80
CA TYR B 1529 -25.83 25.07 -45.24
C TYR B 1529 -26.91 24.38 -46.07
N LEU B 1530 -27.45 23.25 -45.59
CA LEU B 1530 -28.55 22.60 -46.30
C LEU B 1530 -29.81 23.46 -46.29
N LEU B 1531 -30.14 24.06 -45.14
CA LEU B 1531 -31.31 24.93 -45.09
C LEU B 1531 -31.13 26.15 -45.99
N ARG B 1532 -29.92 26.74 -46.00
CA ARG B 1532 -29.65 27.84 -46.91
C ARG B 1532 -29.86 27.43 -48.36
N HIS B 1533 -29.26 26.29 -48.75
CA HIS B 1533 -29.34 25.86 -50.14
C HIS B 1533 -30.78 25.56 -50.54
N LEU B 1534 -31.57 24.98 -49.63
CA LEU B 1534 -32.95 24.63 -49.98
C LEU B 1534 -33.86 25.85 -49.98
N TYR B 1535 -33.61 26.83 -49.11
CA TYR B 1535 -34.33 28.10 -49.21
C TYR B 1535 -34.03 28.79 -50.52
N ALA B 1536 -32.77 28.70 -50.98
CA ALA B 1536 -32.45 29.15 -52.33
C ALA B 1536 -33.20 28.34 -53.38
N LYS B 1537 -33.37 27.04 -53.14
CA LYS B 1537 -34.09 26.16 -54.04
C LYS B 1537 -35.60 26.17 -53.80
N ASP B 1538 -36.07 26.80 -52.72
CA ASP B 1538 -37.49 27.08 -52.51
C ASP B 1538 -38.31 25.78 -52.50
N ASP B 1539 -38.00 24.93 -51.51
CA ASP B 1539 -38.78 23.72 -51.23
C ASP B 1539 -39.20 23.78 -49.77
N TYR B 1540 -40.45 24.15 -49.53
CA TYR B 1540 -40.94 24.34 -48.16
C TYR B 1540 -41.11 23.03 -47.41
N GLU B 1541 -41.47 21.94 -48.09
CA GLU B 1541 -41.56 20.66 -47.40
C GLU B 1541 -40.21 20.20 -46.86
N LEU B 1542 -39.16 20.32 -47.68
CA LEU B 1542 -37.83 19.97 -47.20
C LEU B 1542 -37.35 20.92 -46.12
N ILE B 1543 -37.74 22.20 -46.21
CA ILE B 1543 -37.36 23.15 -45.19
C ILE B 1543 -38.02 22.80 -43.86
N ASP B 1544 -39.29 22.41 -43.90
CA ASP B 1544 -39.97 21.95 -42.70
C ASP B 1544 -39.33 20.69 -42.13
N VAL B 1545 -38.91 19.77 -43.01
CA VAL B 1545 -38.22 18.57 -42.54
C VAL B 1545 -36.95 18.95 -41.79
N LEU B 1546 -36.15 19.87 -42.35
CA LEU B 1546 -34.96 20.33 -41.65
C LEU B 1546 -35.29 21.03 -40.34
N VAL B 1547 -36.34 21.85 -40.34
CA VAL B 1547 -36.71 22.59 -39.13
C VAL B 1547 -37.09 21.63 -38.01
N ASN B 1548 -37.97 20.67 -38.29
CA ASN B 1548 -38.35 19.73 -37.24
C ASN B 1548 -37.19 18.83 -36.83
N ASN B 1549 -36.30 18.49 -37.78
CA ASN B 1549 -35.12 17.72 -37.43
C ASN B 1549 -34.23 18.49 -36.48
N ALA B 1550 -34.08 19.80 -36.72
CA ALA B 1550 -33.36 20.66 -35.78
C ALA B 1550 -34.08 20.76 -34.45
N LYS B 1551 -35.41 20.65 -34.46
CA LYS B 1551 -36.15 20.81 -33.20
C LYS B 1551 -36.03 19.57 -32.34
N THR B 1552 -35.94 18.38 -32.96
CA THR B 1552 -35.76 17.16 -32.17
C THR B 1552 -34.43 17.19 -31.41
N HIS B 1553 -33.38 17.71 -32.03
CA HIS B 1553 -32.11 17.92 -31.32
C HIS B 1553 -32.14 19.30 -30.66
N GLY B 1554 -31.00 19.71 -30.11
CA GLY B 1554 -30.92 21.02 -29.50
C GLY B 1554 -30.16 22.05 -30.31
N ASP B 1555 -30.85 23.08 -30.79
CA ASP B 1555 -30.18 24.10 -31.58
C ASP B 1555 -30.95 25.42 -31.47
N THR B 1556 -30.25 26.53 -31.63
CA THR B 1556 -30.89 27.83 -31.62
C THR B 1556 -30.57 28.67 -32.86
N ARG B 1557 -29.34 28.58 -33.37
CA ARG B 1557 -28.91 29.45 -34.46
C ARG B 1557 -29.65 29.14 -35.75
N ALA B 1558 -29.82 27.86 -36.07
CA ALA B 1558 -30.52 27.47 -37.29
C ALA B 1558 -31.96 27.94 -37.26
N LEU B 1559 -32.65 27.78 -36.13
CA LEU B 1559 -34.04 28.25 -36.04
C LEU B 1559 -34.11 29.77 -36.10
N GLU B 1560 -33.14 30.46 -35.49
CA GLU B 1560 -33.12 31.92 -35.54
C GLU B 1560 -32.99 32.41 -36.98
N LEU B 1561 -32.03 31.87 -37.73
CA LEU B 1561 -31.90 32.31 -39.12
C LEU B 1561 -33.09 31.84 -39.95
N ASN B 1562 -33.66 30.68 -39.64
CA ASN B 1562 -34.87 30.23 -40.33
C ASN B 1562 -36.00 31.25 -40.20
N GLN B 1563 -36.28 31.68 -38.97
CA GLN B 1563 -37.32 32.70 -38.76
C GLN B 1563 -36.92 34.00 -39.44
N ARG B 1564 -35.63 34.37 -39.37
CA ARG B 1564 -35.18 35.63 -39.95
C ARG B 1564 -35.41 35.68 -41.46
N LEU B 1565 -35.14 34.57 -42.15
CA LEU B 1565 -35.40 34.53 -43.59
C LEU B 1565 -36.84 34.20 -43.92
N SER B 1566 -37.63 33.70 -42.96
CA SER B 1566 -39.06 33.56 -43.18
C SER B 1566 -39.73 34.93 -43.30
N SER B 1567 -39.31 35.89 -42.48
CA SER B 1567 -39.75 37.29 -42.61
C SER B 1567 -38.69 38.05 -43.38
N GLN B 1568 -38.69 37.84 -44.70
CA GLN B 1568 -37.71 38.47 -45.59
C GLN B 1568 -37.79 40.00 -45.52
N MET C 1 -19.63 -10.81 26.67
CA MET C 1 -18.80 -9.76 27.24
C MET C 1 -18.74 -8.54 26.32
N THR C 2 -18.76 -8.79 25.01
CA THR C 2 -18.70 -7.70 24.03
C THR C 2 -20.03 -6.95 24.00
N ASN C 3 -19.95 -5.63 24.11
CA ASN C 3 -21.14 -4.81 24.30
C ASN C 3 -22.00 -4.81 23.03
N GLN C 4 -23.23 -4.32 23.18
CA GLN C 4 -24.16 -4.28 22.06
C GLN C 4 -23.87 -3.06 21.18
N TYR C 5 -23.73 -3.29 19.89
CA TYR C 5 -23.40 -2.24 18.93
C TYR C 5 -24.44 -2.18 17.83
N GLY C 6 -24.84 -0.97 17.48
CA GLY C 6 -25.88 -0.78 16.48
C GLY C 6 -25.62 0.49 15.70
N ILE C 7 -26.07 0.51 14.44
CA ILE C 7 -25.83 1.67 13.60
C ILE C 7 -26.76 2.82 13.99
N LEU C 8 -28.07 2.61 13.88
CA LEU C 8 -29.15 3.54 14.20
C LEU C 8 -29.31 4.63 13.16
N PHE C 9 -28.44 4.69 12.15
CA PHE C 9 -28.53 5.70 11.10
C PHE C 9 -27.67 5.33 9.88
N LYS C 10 -28.26 5.30 8.69
CA LYS C 10 -27.51 5.12 7.46
C LYS C 10 -27.98 6.11 6.42
N GLN C 11 -27.05 6.88 5.85
CA GLN C 11 -27.36 7.85 4.83
C GLN C 11 -27.15 7.25 3.45
N GLU C 12 -28.08 7.50 2.53
CA GLU C 12 -28.04 6.83 1.23
C GLU C 12 -26.94 7.42 0.35
N GLN C 13 -27.00 8.73 0.10
CA GLN C 13 -26.03 9.40 -0.77
C GLN C 13 -25.83 10.81 -0.24
N ALA C 14 -24.78 11.01 0.56
CA ALA C 14 -24.51 12.35 1.09
C ALA C 14 -23.92 13.25 0.01
N HIS C 15 -22.98 12.74 -0.78
CA HIS C 15 -22.33 13.51 -1.82
C HIS C 15 -22.40 12.74 -3.13
N ASP C 16 -21.75 13.27 -4.17
CA ASP C 16 -21.75 12.65 -5.49
C ASP C 16 -20.48 11.85 -5.77
N ASP C 17 -19.46 11.93 -4.93
CA ASP C 17 -18.21 11.21 -5.19
C ASP C 17 -17.64 10.70 -3.86
N ALA C 18 -16.42 10.18 -3.94
CA ALA C 18 -15.77 9.57 -2.78
C ALA C 18 -15.53 10.60 -1.69
N ILE C 19 -15.77 10.20 -0.44
CA ILE C 19 -15.54 11.07 0.71
C ILE C 19 -14.17 10.80 1.30
N TRP C 20 -13.38 11.86 1.48
CA TRP C 20 -11.98 11.73 1.86
C TRP C 20 -11.68 12.11 3.31
N SER C 21 -12.52 12.93 3.95
CA SER C 21 -12.26 13.34 5.31
C SER C 21 -13.56 13.68 6.01
N VAL C 22 -13.54 13.58 7.34
CA VAL C 22 -14.70 13.90 8.17
C VAL C 22 -14.19 14.42 9.52
N ALA C 23 -14.92 15.37 10.09
CA ALA C 23 -14.58 15.94 11.39
C ALA C 23 -15.83 16.14 12.21
N TRP C 24 -15.81 15.67 13.46
CA TRP C 24 -16.91 15.83 14.39
C TRP C 24 -16.46 16.75 15.52
N GLY C 25 -17.17 17.87 15.70
CA GLY C 25 -16.76 18.82 16.71
C GLY C 25 -17.87 19.27 17.65
N THR C 26 -17.70 18.98 18.94
CA THR C 26 -18.59 19.48 19.99
C THR C 26 -18.06 20.78 20.57
N ASN C 27 -17.92 21.78 19.69
CA ASN C 27 -17.17 22.99 20.04
C ASN C 27 -17.86 23.77 21.15
N LYS C 28 -19.14 24.08 20.98
CA LYS C 28 -19.84 24.92 21.94
C LYS C 28 -20.27 24.07 23.15
N LYS C 29 -20.52 24.75 24.28
CA LYS C 29 -20.80 24.04 25.52
C LYS C 29 -22.09 23.22 25.43
N GLU C 30 -23.13 23.76 24.78
CA GLU C 30 -24.37 23.01 24.63
C GLU C 30 -24.21 21.99 23.50
N ASN C 31 -25.31 21.32 23.14
CA ASN C 31 -25.26 20.26 22.14
C ASN C 31 -25.24 20.86 20.74
N SER C 32 -24.05 21.03 20.19
CA SER C 32 -23.90 21.49 18.82
C SER C 32 -23.78 20.32 17.85
N GLU C 33 -22.78 19.47 18.06
CA GLU C 33 -22.55 18.23 17.29
C GLU C 33 -22.48 18.53 15.79
N THR C 34 -21.54 19.40 15.42
CA THR C 34 -21.37 19.80 14.04
C THR C 34 -20.45 18.82 13.32
N VAL C 35 -20.86 18.39 12.14
CA VAL C 35 -20.11 17.44 11.32
C VAL C 35 -19.84 18.09 9.97
N VAL C 36 -18.58 18.10 9.56
CA VAL C 36 -18.15 18.70 8.31
C VAL C 36 -17.43 17.63 7.50
N THR C 37 -17.80 17.48 6.23
CA THR C 37 -17.21 16.47 5.37
C THR C 37 -16.77 17.08 4.06
N GLY C 38 -15.68 16.55 3.52
CA GLY C 38 -15.22 16.93 2.20
C GLY C 38 -15.01 15.70 1.33
N SER C 39 -15.44 15.79 0.07
CA SER C 39 -15.50 14.58 -0.74
C SER C 39 -15.20 14.96 -2.19
N LEU C 40 -13.92 14.82 -2.58
CA LEU C 40 -13.40 14.79 -3.94
C LEU C 40 -14.12 15.84 -4.78
N ASP C 41 -14.35 17.02 -4.20
CA ASP C 41 -15.09 18.07 -4.87
C ASP C 41 -14.77 19.40 -4.17
N ASP C 42 -15.47 20.44 -4.60
CA ASP C 42 -15.49 21.74 -3.94
C ASP C 42 -16.43 21.76 -2.74
N LEU C 43 -17.28 20.75 -2.60
CA LEU C 43 -18.34 20.74 -1.60
C LEU C 43 -17.76 20.41 -0.23
N VAL C 44 -18.06 21.27 0.75
CA VAL C 44 -17.60 21.13 2.13
C VAL C 44 -18.82 21.04 3.03
N LYS C 45 -19.89 20.43 2.52
CA LYS C 45 -21.20 20.37 3.19
C LYS C 45 -21.06 20.10 4.69
N VAL C 46 -21.83 20.84 5.47
CA VAL C 46 -21.86 20.74 6.92
C VAL C 46 -23.18 20.11 7.36
N TRP C 47 -23.10 19.02 8.09
CA TRP C 47 -24.28 18.30 8.57
C TRP C 47 -24.47 18.54 10.07
N LYS C 48 -25.66 18.20 10.55
CA LYS C 48 -25.98 18.31 11.97
C LYS C 48 -26.84 17.12 12.40
N TRP C 49 -26.45 16.49 13.49
CA TRP C 49 -27.20 15.37 14.07
C TRP C 49 -28.09 15.95 15.17
N ARG C 50 -29.37 16.20 14.89
CA ARG C 50 -30.14 16.94 15.89
C ARG C 50 -30.62 16.03 17.02
N ASP C 51 -31.47 15.06 16.71
CA ASP C 51 -31.87 14.12 17.77
C ASP C 51 -31.51 12.68 17.42
N GLU C 52 -31.90 12.22 16.23
CA GLU C 52 -31.58 10.88 15.78
C GLU C 52 -31.14 10.81 14.32
N ARG C 53 -31.15 11.93 13.59
CA ARG C 53 -30.81 11.93 12.17
C ARG C 53 -29.92 13.13 11.85
N LEU C 54 -29.39 13.13 10.64
CA LEU C 54 -28.59 14.24 10.14
C LEU C 54 -29.43 15.11 9.21
N ASP C 55 -29.38 16.43 9.42
CA ASP C 55 -30.09 17.38 8.58
C ASP C 55 -29.06 18.32 7.95
N LEU C 56 -29.11 18.46 6.63
CA LEU C 56 -28.16 19.32 5.94
C LEU C 56 -28.49 20.78 6.22
N GLN C 57 -27.47 21.54 6.60
CA GLN C 57 -27.63 22.95 6.95
C GLN C 57 -26.89 23.88 6.00
N TRP C 58 -25.61 23.64 5.77
CA TRP C 58 -24.80 24.47 4.89
C TRP C 58 -24.22 23.67 3.74
N SER C 59 -24.20 24.29 2.56
CA SER C 59 -23.58 23.75 1.36
C SER C 59 -22.53 24.71 0.83
N LEU C 60 -21.73 25.26 1.74
CA LEU C 60 -20.74 26.26 1.37
C LEU C 60 -19.72 25.67 0.41
N GLU C 61 -19.25 26.50 -0.52
CA GLU C 61 -18.34 26.06 -1.57
C GLU C 61 -17.44 27.24 -1.94
N GLY C 62 -16.70 27.10 -3.04
CA GLY C 62 -15.72 28.08 -3.46
C GLY C 62 -14.35 27.49 -3.71
N HIS C 63 -14.27 26.18 -3.86
CA HIS C 63 -13.03 25.51 -4.24
C HIS C 63 -13.09 25.12 -5.72
N GLN C 64 -11.92 24.85 -6.28
CA GLN C 64 -11.83 24.43 -7.68
C GLN C 64 -11.44 22.97 -7.87
N LEU C 65 -10.71 22.36 -6.94
CA LEU C 65 -10.37 20.95 -7.04
C LEU C 65 -10.87 20.20 -5.81
N GLY C 66 -10.63 18.88 -5.80
CA GLY C 66 -11.14 18.04 -4.72
C GLY C 66 -10.46 18.35 -3.40
N VAL C 67 -11.27 18.49 -2.36
CA VAL C 67 -10.78 18.75 -1.00
C VAL C 67 -10.30 17.45 -0.39
N VAL C 68 -9.07 17.45 0.14
CA VAL C 68 -8.48 16.21 0.62
C VAL C 68 -8.56 16.06 2.14
N SER C 69 -8.70 17.14 2.89
CA SER C 69 -8.72 17.05 4.34
C SER C 69 -9.53 18.20 4.93
N VAL C 70 -10.27 17.92 6.00
CA VAL C 70 -11.02 18.95 6.71
C VAL C 70 -10.83 18.73 8.20
N ASP C 71 -10.98 19.80 8.97
CA ASP C 71 -10.77 19.74 10.41
C ASP C 71 -11.64 20.81 11.03
N ILE C 72 -12.00 20.63 12.30
CA ILE C 72 -12.85 21.57 13.00
C ILE C 72 -12.28 21.85 14.39
N SER C 73 -12.52 23.08 14.87
CA SER C 73 -12.02 23.56 16.15
C SER C 73 -13.06 23.35 17.24
N HIS C 74 -12.56 23.21 18.48
CA HIS C 74 -13.40 23.03 19.65
C HIS C 74 -13.65 24.29 20.46
N THR C 75 -12.85 25.35 20.29
CA THR C 75 -13.06 26.56 21.09
C THR C 75 -13.98 27.56 20.37
N LEU C 76 -13.60 27.98 19.19
CA LEU C 76 -14.37 28.94 18.42
C LEU C 76 -15.10 28.23 17.28
N PRO C 77 -16.25 28.74 16.83
CA PRO C 77 -16.90 28.12 15.66
C PRO C 77 -16.18 28.55 14.39
N ILE C 78 -15.44 27.62 13.80
CA ILE C 78 -14.59 27.89 12.64
C ILE C 78 -14.26 26.56 11.99
N ALA C 79 -13.91 26.60 10.71
CA ALA C 79 -13.53 25.39 10.00
C ALA C 79 -12.48 25.75 8.96
N ALA C 80 -11.71 24.74 8.55
CA ALA C 80 -10.67 24.92 7.55
C ALA C 80 -10.65 23.71 6.63
N SER C 81 -10.17 23.94 5.40
CA SER C 81 -10.12 22.88 4.40
C SER C 81 -9.03 23.21 3.39
N SER C 82 -8.40 22.16 2.88
CA SER C 82 -7.40 22.28 1.83
C SER C 82 -7.70 21.28 0.73
N SER C 83 -7.19 21.58 -0.46
CA SER C 83 -7.46 20.77 -1.63
C SER C 83 -6.21 20.76 -2.51
N LEU C 84 -6.31 20.11 -3.66
CA LEU C 84 -5.26 20.22 -4.65
C LEU C 84 -5.23 21.59 -5.29
N ASP C 85 -6.22 22.44 -5.00
CA ASP C 85 -6.29 23.78 -5.53
C ASP C 85 -5.20 24.69 -4.98
N ALA C 86 -4.46 24.25 -3.96
CA ALA C 86 -3.42 25.04 -3.32
C ALA C 86 -4.00 26.31 -2.69
N HIS C 87 -4.99 26.11 -1.82
CA HIS C 87 -5.64 27.21 -1.13
C HIS C 87 -6.23 26.70 0.17
N ILE C 88 -5.81 27.30 1.28
CA ILE C 88 -6.37 27.00 2.60
C ILE C 88 -7.28 28.16 2.96
N ARG C 89 -8.57 28.00 2.66
CA ARG C 89 -9.58 29.00 2.98
C ARG C 89 -10.39 28.49 4.17
N LEU C 90 -10.42 29.27 5.24
CA LEU C 90 -11.10 28.89 6.47
C LEU C 90 -12.48 29.57 6.53
N TRP C 91 -13.50 28.79 6.86
CA TRP C 91 -14.87 29.26 6.81
C TRP C 91 -15.33 29.70 8.20
N ASP C 92 -16.42 30.47 8.20
CA ASP C 92 -16.97 31.01 9.44
C ASP C 92 -17.75 29.96 10.23
N LEU C 93 -18.40 29.03 9.53
CA LEU C 93 -19.15 27.89 10.04
C LEU C 93 -20.49 28.27 10.67
N GLU C 94 -20.78 29.56 10.82
CA GLU C 94 -22.11 29.94 11.27
C GLU C 94 -22.94 30.45 10.08
N ASN C 95 -22.40 31.41 9.33
CA ASN C 95 -22.97 31.79 8.05
C ASN C 95 -22.24 31.14 6.87
N GLY C 96 -21.00 30.71 7.07
CA GLY C 96 -20.28 29.95 6.05
C GLY C 96 -19.86 30.66 4.78
N LYS C 97 -19.26 31.85 4.88
CA LYS C 97 -18.73 32.55 3.68
C LYS C 97 -17.29 33.01 3.89
N GLN C 98 -16.35 32.10 3.59
CA GLN C 98 -14.98 32.42 3.20
C GLN C 98 -14.31 33.54 4.00
N ILE C 99 -14.13 33.35 5.31
CA ILE C 99 -13.50 34.39 6.13
C ILE C 99 -12.15 34.79 5.55
N LYS C 100 -11.32 33.80 5.23
CA LYS C 100 -9.98 34.07 4.71
C LYS C 100 -9.67 33.08 3.59
N SER C 101 -8.47 33.25 3.01
CA SER C 101 -7.99 32.39 1.95
C SER C 101 -6.48 32.52 1.90
N ILE C 102 -5.77 31.41 2.12
CA ILE C 102 -4.30 31.44 2.17
C ILE C 102 -3.76 30.67 0.98
N ASP C 103 -2.72 31.22 0.36
CA ASP C 103 -2.09 30.61 -0.80
C ASP C 103 -0.94 29.72 -0.34
N ALA C 104 -1.03 28.43 -0.65
CA ALA C 104 0.02 27.48 -0.30
C ALA C 104 -0.14 26.25 -1.17
N GLY C 105 0.89 25.92 -1.93
CA GLY C 105 0.85 24.80 -2.83
C GLY C 105 1.03 23.47 -2.15
N PRO C 106 0.90 22.40 -2.92
CA PRO C 106 1.23 21.06 -2.38
C PRO C 106 2.66 20.97 -1.92
N VAL C 107 3.52 21.88 -2.37
CA VAL C 107 4.88 22.00 -1.87
C VAL C 107 4.95 22.84 -0.61
N ASP C 108 3.81 23.35 -0.14
CA ASP C 108 3.76 24.17 1.07
C ASP C 108 2.83 23.63 2.15
N ALA C 109 1.74 22.95 1.80
CA ALA C 109 0.81 22.46 2.80
C ALA C 109 0.04 21.26 2.25
N TRP C 110 -0.09 20.21 3.04
CA TRP C 110 -0.83 19.02 2.63
C TRP C 110 -2.05 18.74 3.47
N THR C 111 -1.92 18.67 4.80
CA THR C 111 -3.03 18.34 5.68
C THR C 111 -3.22 19.45 6.71
N LEU C 112 -4.39 19.46 7.36
CA LEU C 112 -4.76 20.53 8.26
C LEU C 112 -4.89 20.01 9.69
N ALA C 113 -4.61 20.88 10.65
CA ALA C 113 -4.78 20.54 12.06
C ALA C 113 -4.84 21.82 12.88
N PHE C 114 -5.93 22.02 13.64
CA PHE C 114 -6.02 23.19 14.49
C PHE C 114 -5.25 22.98 15.78
N SER C 115 -4.77 24.10 16.33
CA SER C 115 -4.08 24.11 17.60
C SER C 115 -5.07 23.83 18.73
N PRO C 116 -4.61 23.31 19.87
CA PRO C 116 -5.52 23.09 21.01
C PRO C 116 -6.23 24.36 21.44
N ASP C 117 -5.60 25.52 21.30
CA ASP C 117 -6.26 26.79 21.54
C ASP C 117 -6.76 27.42 20.25
N SER C 118 -6.68 26.70 19.14
CA SER C 118 -7.14 27.15 17.82
C SER C 118 -6.48 28.47 17.42
N GLN C 119 -5.15 28.43 17.30
CA GLN C 119 -4.38 29.63 17.02
C GLN C 119 -3.36 29.50 15.90
N TYR C 120 -2.94 28.30 15.52
CA TYR C 120 -1.80 28.21 14.60
C TYR C 120 -2.08 27.49 13.29
N LEU C 121 -2.85 26.41 13.30
CA LEU C 121 -3.27 25.74 12.05
C LEU C 121 -2.03 25.31 11.24
N ALA C 122 -1.27 24.41 11.84
CA ALA C 122 -0.04 23.91 11.22
C ALA C 122 -0.35 22.98 10.05
N THR C 123 0.57 22.95 9.09
CA THR C 123 0.47 22.09 7.91
C THR C 123 1.83 21.49 7.62
N GLY C 124 1.86 20.54 6.69
CA GLY C 124 3.09 19.87 6.31
C GLY C 124 3.36 20.01 4.83
N THR C 125 4.64 20.11 4.49
CA THR C 125 5.08 20.40 3.13
C THR C 125 5.83 19.22 2.50
N HIS C 126 6.15 19.40 1.21
CA HIS C 126 6.86 18.38 0.44
C HIS C 126 8.30 18.22 0.92
N VAL C 127 8.99 19.33 1.21
CA VAL C 127 10.41 19.32 1.53
C VAL C 127 10.66 18.76 2.93
N GLY C 128 9.59 18.38 3.63
CA GLY C 128 9.70 17.73 4.91
C GLY C 128 9.40 18.62 6.10
N LYS C 129 9.45 19.93 5.94
CA LYS C 129 9.20 20.84 7.04
C LYS C 129 7.73 20.78 7.45
N VAL C 130 7.41 21.46 8.55
CA VAL C 130 6.05 21.57 9.04
C VAL C 130 5.71 23.05 9.13
N ASN C 131 5.07 23.56 8.07
CA ASN C 131 4.74 24.97 7.99
C ASN C 131 3.63 25.30 8.99
N ILE C 132 3.86 26.33 9.79
CA ILE C 132 2.89 26.79 10.79
C ILE C 132 2.46 28.19 10.42
N PHE C 133 1.16 28.37 10.19
CA PHE C 133 0.58 29.66 9.86
C PHE C 133 0.02 30.30 11.13
N GLY C 134 -0.63 31.45 10.98
CA GLY C 134 -1.28 32.07 12.13
C GLY C 134 -2.70 32.52 11.81
N VAL C 135 -3.69 31.99 12.52
CA VAL C 135 -5.05 32.43 12.30
C VAL C 135 -5.21 33.85 12.84
N GLU C 136 -5.79 34.73 12.03
CA GLU C 136 -6.19 36.12 12.29
C GLU C 136 -4.98 37.04 12.44
N SER C 137 -3.76 36.50 12.37
CA SER C 137 -2.53 37.27 12.62
C SER C 137 -1.68 37.43 11.37
N GLY C 138 -1.38 36.34 10.67
CA GLY C 138 -0.52 36.45 9.51
C GLY C 138 -0.25 35.09 8.90
N LYS C 139 0.64 35.09 7.91
CA LYS C 139 0.98 33.90 7.13
C LYS C 139 2.44 33.55 7.32
N LYS C 140 2.70 32.30 7.71
CA LYS C 140 4.04 31.70 7.68
C LYS C 140 5.03 32.55 8.50
N GLU C 141 4.76 32.58 9.81
CA GLU C 141 5.66 33.29 10.72
C GLU C 141 6.92 32.46 11.01
N TYR C 142 6.78 31.14 11.15
CA TYR C 142 7.95 30.27 11.31
C TYR C 142 7.52 28.84 11.01
N SER C 143 8.52 27.97 10.89
CA SER C 143 8.30 26.58 10.56
C SER C 143 9.39 25.71 11.16
N LEU C 144 9.00 24.64 11.82
CA LEU C 144 9.95 23.67 12.36
C LEU C 144 10.48 22.80 11.23
N ASP C 145 11.77 22.49 11.27
CA ASP C 145 12.46 21.80 10.19
C ASP C 145 12.92 20.42 10.64
N THR C 146 12.62 19.41 9.83
CA THR C 146 13.18 18.07 9.95
C THR C 146 13.69 17.62 8.60
N ARG C 147 14.71 16.75 8.62
CA ARG C 147 15.42 16.33 7.41
C ARG C 147 14.83 15.00 6.95
N GLY C 148 13.80 15.08 6.11
CA GLY C 148 13.15 13.87 5.66
C GLY C 148 12.45 14.06 4.33
N LYS C 149 11.63 13.08 3.99
CA LYS C 149 10.90 13.02 2.73
C LYS C 149 9.54 13.70 2.90
N PHE C 150 8.66 13.53 1.91
CA PHE C 150 7.31 14.07 1.98
C PHE C 150 6.66 13.71 3.30
N ILE C 151 6.04 14.72 3.94
CA ILE C 151 5.38 14.55 5.22
C ILE C 151 3.88 14.61 5.01
N LEU C 152 3.14 13.76 5.73
CA LEU C 152 1.72 13.61 5.49
C LEU C 152 0.86 14.01 6.69
N SER C 153 1.16 13.48 7.88
CA SER C 153 0.33 13.64 9.06
C SER C 153 0.91 14.66 10.03
N ILE C 154 0.01 15.42 10.66
CA ILE C 154 0.37 16.37 11.71
C ILE C 154 -0.65 16.18 12.84
N ALA C 155 -0.14 15.93 14.05
CA ALA C 155 -0.99 15.66 15.20
C ALA C 155 -0.60 16.50 16.41
N TYR C 156 -1.60 16.91 17.17
CA TYR C 156 -1.45 17.70 18.39
C TYR C 156 -1.91 16.92 19.60
N SER C 157 -1.13 17.00 20.67
CA SER C 157 -1.53 16.44 21.95
C SER C 157 -2.65 17.30 22.53
N PRO C 158 -3.60 16.69 23.26
CA PRO C 158 -4.72 17.48 23.80
C PRO C 158 -4.35 18.40 24.94
N ASP C 159 -3.07 18.48 25.31
CA ASP C 159 -2.62 19.41 26.34
C ASP C 159 -1.53 20.34 25.83
N GLY C 160 -1.11 20.19 24.58
CA GLY C 160 -0.07 21.01 23.99
C GLY C 160 1.33 20.48 24.22
N LYS C 161 2.30 21.36 23.95
CA LYS C 161 3.72 21.17 24.19
C LYS C 161 4.31 19.98 23.43
N TYR C 162 3.55 19.38 22.51
CA TYR C 162 3.99 18.27 21.68
C TYR C 162 3.41 18.42 20.28
N LEU C 163 4.12 17.86 19.30
CA LEU C 163 3.68 17.93 17.91
C LEU C 163 4.35 16.77 17.18
N ALA C 164 3.55 15.80 16.74
CA ALA C 164 4.04 14.66 16.01
C ALA C 164 3.83 14.85 14.51
N SER C 165 4.54 14.04 13.72
CA SER C 165 4.49 14.20 12.27
C SER C 165 4.94 12.91 11.61
N GLY C 166 4.05 12.27 10.87
CA GLY C 166 4.40 11.10 10.09
C GLY C 166 4.76 11.44 8.66
N ALA C 167 5.63 10.63 8.07
CA ALA C 167 6.17 10.92 6.75
C ALA C 167 6.25 9.66 5.91
N ILE C 168 6.39 9.87 4.60
CA ILE C 168 6.69 8.76 3.69
C ILE C 168 7.99 8.10 4.11
N ASP C 169 8.05 6.77 3.99
CA ASP C 169 9.11 5.80 4.32
C ASP C 169 9.13 5.50 5.82
N GLY C 170 8.23 6.08 6.61
CA GLY C 170 8.00 5.62 7.97
C GLY C 170 8.72 6.40 9.05
N ILE C 171 9.57 7.36 8.71
CA ILE C 171 10.32 8.08 9.72
C ILE C 171 9.38 9.02 10.46
N ILE C 172 9.40 8.95 11.79
CA ILE C 172 8.55 9.73 12.66
C ILE C 172 9.41 10.69 13.48
N ASN C 173 9.02 11.96 13.49
CA ASN C 173 9.74 13.01 14.21
C ASN C 173 8.82 13.60 15.27
N ILE C 174 9.39 13.95 16.42
CA ILE C 174 8.65 14.53 17.54
C ILE C 174 9.30 15.85 17.92
N PHE C 175 8.49 16.90 17.98
CA PHE C 175 8.94 18.23 18.35
C PHE C 175 8.24 18.67 19.63
N ASP C 176 8.86 19.61 20.33
CA ASP C 176 8.27 20.23 21.51
C ASP C 176 7.94 21.68 21.21
N ILE C 177 6.69 22.07 21.50
CA ILE C 177 6.25 23.43 21.15
C ILE C 177 6.99 24.47 21.99
N ALA C 178 7.32 24.13 23.24
CA ALA C 178 7.92 25.10 24.15
C ALA C 178 9.25 25.64 23.64
N THR C 179 10.08 24.77 23.07
CA THR C 179 11.40 25.17 22.57
C THR C 179 11.55 25.04 21.06
N GLY C 180 11.00 23.98 20.47
CA GLY C 180 11.12 23.77 19.04
C GLY C 180 12.34 22.98 18.60
N LYS C 181 12.94 22.20 19.49
CA LYS C 181 14.12 21.41 19.16
C LYS C 181 13.71 19.95 18.98
N LEU C 182 14.32 19.30 17.99
CA LEU C 182 14.02 17.89 17.74
C LEU C 182 14.43 17.05 18.95
N LEU C 183 13.45 16.44 19.61
CA LEU C 183 13.75 15.62 20.78
C LEU C 183 14.31 14.26 20.38
N HIS C 184 13.53 13.48 19.63
CA HIS C 184 13.97 12.18 19.19
C HIS C 184 13.16 11.76 17.97
N THR C 185 13.81 11.01 17.07
CA THR C 185 13.21 10.55 15.84
C THR C 185 12.98 9.04 15.94
N LEU C 186 11.77 8.61 15.61
CA LEU C 186 11.45 7.18 15.62
C LEU C 186 11.46 6.64 14.20
N GLU C 187 12.14 5.50 14.02
CA GLU C 187 12.25 4.90 12.70
C GLU C 187 10.90 4.42 12.18
N GLY C 188 10.05 3.89 13.07
CA GLY C 188 8.71 3.46 12.70
C GLY C 188 8.66 2.31 11.72
N HIS C 189 8.00 2.51 10.58
CA HIS C 189 7.81 1.47 9.58
C HIS C 189 8.70 1.72 8.37
N ALA C 190 8.53 0.87 7.36
CA ALA C 190 9.19 1.02 6.07
C ALA C 190 8.23 1.43 4.96
N MET C 191 7.03 1.85 5.33
CA MET C 191 5.97 2.22 4.39
C MET C 191 5.36 3.52 4.89
N PRO C 192 4.65 4.27 4.03
CA PRO C 192 4.09 5.54 4.47
C PRO C 192 3.13 5.37 5.64
N ILE C 193 3.06 6.41 6.46
CA ILE C 193 2.29 6.34 7.71
C ILE C 193 0.87 6.83 7.45
N ARG C 194 0.75 8.08 7.00
CA ARG C 194 -0.49 8.76 6.62
C ARG C 194 -1.56 8.77 7.72
N SER C 195 -1.20 8.52 8.98
CA SER C 195 -2.18 8.63 10.06
C SER C 195 -1.50 8.69 11.42
N LEU C 196 -1.82 9.73 12.19
CA LEU C 196 -1.33 9.85 13.57
C LEU C 196 -2.39 10.54 14.41
N THR C 197 -2.35 10.27 15.73
CA THR C 197 -3.23 10.92 16.69
C THR C 197 -2.68 10.65 18.09
N PHE C 198 -2.82 11.64 18.97
CA PHE C 198 -2.48 11.47 20.38
C PHE C 198 -3.70 11.02 21.18
N SER C 199 -3.56 11.02 22.50
CA SER C 199 -4.62 10.72 23.44
C SER C 199 -4.65 11.80 24.51
N PRO C 200 -5.77 11.97 25.21
CA PRO C 200 -5.78 12.87 26.37
C PRO C 200 -4.75 12.45 27.41
N ASP C 201 -4.41 13.40 28.28
CA ASP C 201 -3.32 13.28 29.26
C ASP C 201 -2.10 12.57 28.68
N SER C 202 -1.71 13.03 27.50
CA SER C 202 -0.96 12.24 26.52
C SER C 202 0.22 11.49 27.13
N GLN C 203 0.17 10.16 27.07
CA GLN C 203 1.32 9.32 27.35
C GLN C 203 1.43 8.16 26.36
N LEU C 204 0.56 8.10 25.35
CA LEU C 204 0.57 7.05 24.35
C LEU C 204 0.44 7.66 22.97
N LEU C 205 1.26 7.19 22.03
CA LEU C 205 1.22 7.65 20.65
C LEU C 205 0.95 6.43 19.79
N VAL C 206 -0.13 6.49 19.00
CA VAL C 206 -0.57 5.37 18.16
C VAL C 206 -0.32 5.69 16.70
N THR C 207 0.37 4.78 16.01
CA THR C 207 0.71 4.95 14.61
C THR C 207 0.00 3.90 13.76
N ALA C 208 -0.45 4.32 12.58
CA ALA C 208 -1.02 3.44 11.57
C ALA C 208 -0.15 3.56 10.33
N SER C 209 0.15 2.43 9.69
CA SER C 209 1.06 2.44 8.55
C SER C 209 0.39 1.83 7.33
N ASP C 210 1.17 1.71 6.26
CA ASP C 210 0.67 1.22 4.98
C ASP C 210 0.80 -0.29 4.83
N ASP C 211 1.48 -0.97 5.75
CA ASP C 211 1.67 -2.40 5.67
C ASP C 211 0.65 -3.19 6.47
N GLY C 212 -0.28 -2.51 7.14
CA GLY C 212 -1.32 -3.18 7.90
C GLY C 212 -1.06 -3.26 9.39
N TYR C 213 0.17 -2.98 9.83
CA TYR C 213 0.50 -3.05 11.25
C TYR C 213 0.14 -1.76 11.97
N ILE C 214 -0.09 -1.88 13.28
CA ILE C 214 -0.41 -0.75 14.15
C ILE C 214 0.54 -0.80 15.33
N LYS C 215 1.46 0.16 15.42
CA LYS C 215 2.43 0.25 16.49
C LYS C 215 1.88 1.10 17.63
N ILE C 216 2.20 0.71 18.86
CA ILE C 216 1.82 1.46 20.04
C ILE C 216 3.11 1.93 20.71
N TYR C 217 3.41 3.21 20.57
CA TYR C 217 4.62 3.81 21.13
C TYR C 217 4.30 4.55 22.42
N ASP C 218 5.36 4.86 23.17
CA ASP C 218 5.26 5.62 24.40
C ASP C 218 6.00 6.94 24.21
N VAL C 219 5.33 8.05 24.50
CA VAL C 219 5.95 9.36 24.31
C VAL C 219 7.04 9.54 25.37
N GLN C 220 7.90 10.53 25.17
CA GLN C 220 9.04 10.97 25.99
C GLN C 220 10.15 9.92 26.02
N HIS C 221 9.97 8.79 25.34
CA HIS C 221 11.00 7.78 25.16
C HIS C 221 10.76 7.08 23.83
N ALA C 222 11.54 6.04 23.55
CA ALA C 222 11.39 5.29 22.31
C ALA C 222 10.85 3.88 22.54
N ASN C 223 10.21 3.65 23.69
CA ASN C 223 9.70 2.33 24.02
C ASN C 223 8.36 2.11 23.32
N LEU C 224 8.25 1.00 22.60
CA LEU C 224 7.01 0.60 21.95
C LEU C 224 6.29 -0.42 22.83
N ALA C 225 4.99 -0.21 23.04
CA ALA C 225 4.22 -1.07 23.94
C ALA C 225 3.66 -2.30 23.26
N GLY C 226 3.74 -2.40 21.94
CA GLY C 226 3.25 -3.57 21.25
C GLY C 226 2.93 -3.24 19.80
N THR C 227 2.58 -4.30 19.07
CA THR C 227 2.21 -4.19 17.66
C THR C 227 0.91 -4.94 17.43
N LEU C 228 -0.09 -4.25 16.88
CA LEU C 228 -1.40 -4.84 16.64
C LEU C 228 -1.54 -5.13 15.14
N SER C 229 -1.83 -6.38 14.80
CA SER C 229 -1.94 -6.82 13.41
C SER C 229 -3.21 -7.64 13.25
N GLY C 230 -4.31 -6.97 12.87
CA GLY C 230 -5.56 -7.67 12.65
C GLY C 230 -6.17 -7.40 11.28
N HIS C 231 -5.72 -6.34 10.63
CA HIS C 231 -6.26 -5.94 9.34
C HIS C 231 -5.57 -6.70 8.21
N ALA C 232 -6.24 -6.72 7.05
CA ALA C 232 -5.75 -7.42 5.87
C ALA C 232 -5.25 -6.49 4.78
N SER C 233 -5.65 -5.21 4.81
CA SER C 233 -5.28 -4.24 3.79
C SER C 233 -4.70 -2.99 4.44
N TRP C 234 -4.48 -1.95 3.65
CA TRP C 234 -3.92 -0.70 4.18
C TRP C 234 -4.80 -0.14 5.28
N VAL C 235 -4.16 0.48 6.27
CA VAL C 235 -4.86 1.21 7.33
C VAL C 235 -4.72 2.70 7.03
N LEU C 236 -5.86 3.38 6.96
CA LEU C 236 -5.90 4.76 6.48
C LEU C 236 -6.13 5.80 7.57
N ASN C 237 -6.98 5.52 8.55
CA ASN C 237 -7.27 6.49 9.59
C ASN C 237 -7.50 5.78 10.92
N VAL C 238 -7.07 6.43 12.01
CA VAL C 238 -7.24 5.93 13.36
C VAL C 238 -7.67 7.08 14.26
N ALA C 239 -8.74 6.89 15.01
CA ALA C 239 -9.23 7.89 15.94
C ALA C 239 -9.33 7.28 17.32
N PHE C 240 -9.04 8.10 18.34
CA PHE C 240 -8.96 7.62 19.72
C PHE C 240 -10.22 8.04 20.47
N CYS C 241 -10.62 7.20 21.44
CA CYS C 241 -11.82 7.44 22.23
C CYS C 241 -11.57 8.52 23.30
N PRO C 242 -12.61 9.25 23.71
CA PRO C 242 -12.41 10.27 24.76
C PRO C 242 -11.87 9.74 26.09
N ASP C 243 -12.08 8.48 26.42
CA ASP C 243 -11.48 7.87 27.61
C ASP C 243 -10.45 6.85 27.16
N ASP C 244 -9.31 6.81 27.84
CA ASP C 244 -8.19 6.01 27.35
C ASP C 244 -8.36 4.51 27.56
N THR C 245 -9.35 3.94 26.87
CA THR C 245 -9.65 2.51 26.95
C THR C 245 -9.84 1.85 25.59
N HIS C 246 -10.17 2.61 24.54
CA HIS C 246 -10.39 2.06 23.21
C HIS C 246 -9.93 3.06 22.16
N PHE C 247 -9.80 2.57 20.92
CA PHE C 247 -9.57 3.42 19.76
C PHE C 247 -10.04 2.68 18.52
N VAL C 248 -10.54 3.44 17.55
CA VAL C 248 -11.15 2.90 16.35
C VAL C 248 -10.21 3.10 15.17
N SER C 249 -10.08 2.08 14.33
CA SER C 249 -9.24 2.11 13.14
C SER C 249 -10.05 1.67 11.93
N SER C 250 -9.81 2.33 10.79
CA SER C 250 -10.48 2.01 9.54
C SER C 250 -9.43 1.64 8.50
N SER C 251 -9.61 0.50 7.85
CA SER C 251 -8.64 0.00 6.88
C SER C 251 -9.22 0.03 5.47
N SER C 252 -8.41 -0.43 4.53
CA SER C 252 -8.76 -0.46 3.11
C SER C 252 -9.43 -1.78 2.68
N ASP C 253 -9.68 -2.70 3.61
CA ASP C 253 -10.34 -3.96 3.31
C ASP C 253 -11.84 -3.90 3.55
N LYS C 254 -12.42 -2.70 3.55
CA LYS C 254 -13.86 -2.49 3.74
C LYS C 254 -14.30 -3.03 5.10
N SER C 255 -13.56 -2.66 6.14
CA SER C 255 -13.86 -3.09 7.50
C SER C 255 -13.38 -2.03 8.48
N VAL C 256 -14.24 -1.68 9.43
CA VAL C 256 -13.90 -0.73 10.49
C VAL C 256 -13.84 -1.50 11.81
N LYS C 257 -12.68 -1.51 12.44
CA LYS C 257 -12.47 -2.25 13.66
C LYS C 257 -12.10 -1.33 14.81
N VAL C 258 -12.53 -1.70 16.01
CA VAL C 258 -12.27 -0.98 17.24
C VAL C 258 -11.44 -1.86 18.16
N TRP C 259 -10.31 -1.34 18.63
CA TRP C 259 -9.42 -2.08 19.51
C TRP C 259 -9.48 -1.52 20.93
N ASP C 260 -8.81 -2.22 21.84
CA ASP C 260 -8.71 -1.82 23.23
C ASP C 260 -7.25 -1.88 23.64
N VAL C 261 -6.77 -0.80 24.27
CA VAL C 261 -5.36 -0.69 24.61
C VAL C 261 -5.02 -1.57 25.81
N GLY C 262 -5.98 -1.78 26.73
CA GLY C 262 -5.68 -2.52 27.94
C GLY C 262 -5.27 -3.95 27.69
N THR C 263 -5.99 -4.65 26.80
CA THR C 263 -5.71 -6.04 26.51
C THR C 263 -5.15 -6.28 25.11
N ARG C 264 -5.12 -5.25 24.26
CA ARG C 264 -4.58 -5.33 22.90
C ARG C 264 -5.29 -6.43 22.10
N THR C 265 -6.61 -6.24 21.92
CA THR C 265 -7.40 -7.17 21.13
C THR C 265 -8.54 -6.42 20.48
N CYS C 266 -9.11 -7.04 19.43
CA CYS C 266 -10.22 -6.45 18.68
C CYS C 266 -11.53 -6.91 19.31
N VAL C 267 -12.25 -5.99 19.93
CA VAL C 267 -13.48 -6.35 20.61
C VAL C 267 -14.61 -6.60 19.61
N HIS C 268 -14.71 -5.77 18.56
CA HIS C 268 -15.77 -5.95 17.59
C HIS C 268 -15.32 -5.49 16.21
N THR C 269 -15.99 -6.02 15.19
CA THR C 269 -15.78 -5.63 13.81
C THR C 269 -17.13 -5.39 13.15
N PHE C 270 -17.21 -4.33 12.35
CA PHE C 270 -18.42 -3.99 11.60
C PHE C 270 -18.24 -4.36 10.13
N PHE C 271 -19.18 -5.12 9.59
CA PHE C 271 -19.15 -5.49 8.18
C PHE C 271 -20.19 -4.64 7.45
N ASP C 272 -19.77 -3.44 7.07
CA ASP C 272 -20.51 -2.44 6.33
C ASP C 272 -19.53 -1.83 5.34
N HIS C 273 -19.89 -0.71 4.72
CA HIS C 273 -18.91 0.07 3.94
C HIS C 273 -18.29 -0.79 2.83
N GLN C 274 -19.15 -1.16 1.88
CA GLN C 274 -18.78 -2.06 0.80
C GLN C 274 -17.50 -1.64 0.08
N ASP C 275 -17.08 -0.39 0.19
CA ASP C 275 -15.85 0.07 -0.43
C ASP C 275 -14.93 0.61 0.67
N GLN C 276 -13.78 1.17 0.27
CA GLN C 276 -12.80 1.62 1.25
C GLN C 276 -13.35 2.73 2.13
N VAL C 277 -12.85 2.79 3.36
CA VAL C 277 -13.25 3.78 4.35
C VAL C 277 -12.08 4.75 4.53
N TRP C 278 -12.34 6.04 4.34
CA TRP C 278 -11.28 7.03 4.36
C TRP C 278 -11.25 7.88 5.63
N GLY C 279 -12.22 7.69 6.54
CA GLY C 279 -12.24 8.49 7.75
C GLY C 279 -13.15 7.98 8.84
N VAL C 280 -12.67 8.00 10.08
CA VAL C 280 -13.48 7.65 11.25
C VAL C 280 -13.15 8.63 12.37
N LYS C 281 -14.17 9.05 13.11
CA LYS C 281 -13.97 10.00 14.20
C LYS C 281 -14.93 9.67 15.34
N TYR C 282 -14.56 10.11 16.53
CA TYR C 282 -15.40 10.04 17.72
C TYR C 282 -16.10 11.37 17.95
N ASN C 283 -17.12 11.33 18.79
CA ASN C 283 -17.83 12.53 19.23
C ASN C 283 -17.32 12.97 20.59
N GLY C 284 -17.98 13.98 21.17
CA GLY C 284 -17.53 14.54 22.44
C GLY C 284 -17.36 13.49 23.53
N ASN C 285 -18.39 12.70 23.77
CA ASN C 285 -18.33 11.56 24.66
C ASN C 285 -18.37 10.27 23.87
N GLY C 286 -17.72 9.24 24.39
CA GLY C 286 -17.53 8.01 23.65
C GLY C 286 -18.74 7.13 23.52
N SER C 287 -19.76 7.60 22.79
CA SER C 287 -20.99 6.86 22.61
C SER C 287 -21.33 6.55 21.16
N LYS C 288 -20.85 7.35 20.21
CA LYS C 288 -21.19 7.18 18.80
C LYS C 288 -19.92 7.26 17.96
N ILE C 289 -19.96 6.61 16.79
CA ILE C 289 -18.84 6.58 15.87
C ILE C 289 -19.36 6.96 14.49
N VAL C 290 -18.67 7.89 13.83
CA VAL C 290 -18.99 8.29 12.47
C VAL C 290 -17.93 7.69 11.55
N SER C 291 -18.34 7.36 10.32
CA SER C 291 -17.41 6.79 9.35
C SER C 291 -17.87 7.12 7.95
N VAL C 292 -16.95 7.65 7.15
CA VAL C 292 -17.21 7.96 5.75
C VAL C 292 -16.28 7.11 4.89
N GLY C 293 -16.81 6.62 3.76
CA GLY C 293 -16.09 5.69 2.91
C GLY C 293 -15.91 6.21 1.49
N ASP C 294 -15.16 5.44 0.71
CA ASP C 294 -14.95 5.77 -0.69
C ASP C 294 -16.28 5.74 -1.46
N ASP C 295 -17.14 4.79 -1.14
CA ASP C 295 -18.50 4.81 -1.64
C ASP C 295 -19.30 5.90 -0.91
N GLN C 296 -20.24 6.52 -1.64
CA GLN C 296 -20.98 7.69 -1.13
C GLN C 296 -22.05 7.32 -0.12
N GLU C 297 -21.62 7.11 1.12
CA GLU C 297 -22.48 6.82 2.26
C GLU C 297 -21.81 7.31 3.53
N ILE C 298 -22.62 7.87 4.43
CA ILE C 298 -22.18 8.32 5.74
C ILE C 298 -22.82 7.41 6.78
N HIS C 299 -21.99 6.76 7.58
CA HIS C 299 -22.46 5.81 8.59
C HIS C 299 -22.14 6.34 9.98
N ILE C 300 -23.13 6.28 10.86
CA ILE C 300 -23.01 6.61 12.27
C ILE C 300 -23.29 5.35 13.07
N TYR C 301 -22.45 5.05 14.05
CA TYR C 301 -22.62 3.86 14.87
C TYR C 301 -22.92 4.25 16.31
N ASP C 302 -23.05 3.24 17.16
CA ASP C 302 -23.33 3.44 18.59
C ASP C 302 -22.41 2.52 19.39
N CYS C 303 -21.61 3.12 20.26
CA CYS C 303 -20.73 2.35 21.14
C CYS C 303 -21.01 2.68 22.60
N PRO C 304 -21.62 1.78 23.37
CA PRO C 304 -21.93 2.09 24.76
C PRO C 304 -20.68 2.18 25.63
N ILE C 305 -20.77 2.96 26.69
CA ILE C 305 -19.65 3.17 27.60
C ILE C 305 -19.31 1.87 28.33
N MET D 1 -8.12 -52.14 -34.71
CA MET D 1 -9.38 -51.73 -34.09
C MET D 1 -9.60 -50.22 -34.25
N THR D 2 -8.51 -49.46 -34.21
CA THR D 2 -8.60 -48.01 -34.34
C THR D 2 -8.91 -47.63 -35.79
N ASN D 3 -9.93 -46.79 -35.96
CA ASN D 3 -10.46 -46.47 -37.27
C ASN D 3 -9.45 -45.66 -38.08
N GLN D 4 -9.71 -45.56 -39.39
CA GLN D 4 -8.82 -44.82 -40.27
C GLN D 4 -9.11 -43.32 -40.13
N TYR D 5 -8.07 -42.54 -39.90
CA TYR D 5 -8.19 -41.11 -39.68
C TYR D 5 -7.30 -40.35 -40.65
N GLY D 6 -7.83 -39.28 -41.23
CA GLY D 6 -7.10 -38.50 -42.22
C GLY D 6 -7.50 -37.05 -42.11
N ILE D 7 -6.56 -36.17 -42.46
CA ILE D 7 -6.82 -34.73 -42.37
C ILE D 7 -7.73 -34.28 -43.51
N LEU D 8 -7.27 -34.45 -44.74
CA LEU D 8 -7.95 -34.11 -45.99
C LEU D 8 -7.97 -32.61 -46.27
N PHE D 9 -7.47 -31.79 -45.36
CA PHE D 9 -7.43 -30.34 -45.55
C PHE D 9 -6.49 -29.67 -44.55
N LYS D 10 -5.54 -28.88 -45.04
CA LYS D 10 -4.68 -28.09 -44.17
C LYS D 10 -4.56 -26.68 -44.74
N GLN D 11 -4.85 -25.68 -43.91
CA GLN D 11 -4.75 -24.29 -44.32
C GLN D 11 -3.39 -23.72 -43.92
N GLU D 12 -2.78 -22.97 -44.83
CA GLU D 12 -1.41 -22.52 -44.60
C GLU D 12 -1.36 -21.40 -43.58
N GLN D 13 -2.07 -20.30 -43.83
CA GLN D 13 -2.07 -19.15 -42.93
C GLN D 13 -3.45 -18.51 -43.00
N ALA D 14 -4.32 -18.85 -42.05
CA ALA D 14 -5.65 -18.24 -42.04
C ALA D 14 -5.59 -16.81 -41.53
N HIS D 15 -4.83 -16.57 -40.48
CA HIS D 15 -4.71 -15.24 -39.88
C HIS D 15 -3.23 -14.89 -39.73
N ASP D 16 -2.97 -13.74 -39.11
CA ASP D 16 -1.62 -13.25 -38.91
C ASP D 16 -1.05 -13.52 -37.53
N ASP D 17 -1.86 -13.99 -36.57
CA ASP D 17 -1.37 -14.23 -35.23
C ASP D 17 -2.02 -15.48 -34.65
N ALA D 18 -1.80 -15.71 -33.36
CA ALA D 18 -2.29 -16.90 -32.69
C ALA D 18 -3.81 -16.94 -32.65
N ILE D 19 -4.37 -18.13 -32.89
CA ILE D 19 -5.82 -18.32 -32.86
C ILE D 19 -6.22 -18.82 -31.48
N TRP D 20 -7.18 -18.13 -30.86
CA TRP D 20 -7.55 -18.38 -29.48
C TRP D 20 -8.88 -19.09 -29.30
N SER D 21 -9.79 -19.01 -30.27
CA SER D 21 -11.09 -19.64 -30.14
C SER D 21 -11.63 -19.98 -31.52
N VAL D 22 -12.51 -20.97 -31.55
CA VAL D 22 -13.14 -21.43 -32.79
C VAL D 22 -14.53 -21.95 -32.48
N ALA D 23 -15.46 -21.74 -33.40
CA ALA D 23 -16.83 -22.20 -33.23
C ALA D 23 -17.32 -22.76 -34.56
N TRP D 24 -17.89 -23.97 -34.52
CA TRP D 24 -18.45 -24.63 -35.70
C TRP D 24 -19.96 -24.73 -35.54
N GLY D 25 -20.69 -24.15 -36.49
CA GLY D 25 -22.14 -24.16 -36.38
C GLY D 25 -22.88 -24.64 -37.61
N THR D 26 -23.63 -25.73 -37.45
CA THR D 26 -24.53 -26.24 -38.49
C THR D 26 -25.94 -25.68 -38.30
N ASN D 27 -26.03 -24.35 -38.35
CA ASN D 27 -27.25 -23.67 -37.93
C ASN D 27 -28.43 -24.02 -38.84
N LYS D 28 -28.26 -23.86 -40.15
CA LYS D 28 -29.40 -24.09 -41.03
C LYS D 28 -29.57 -25.58 -41.30
N LYS D 29 -30.78 -25.95 -41.71
CA LYS D 29 -31.10 -27.36 -41.92
C LYS D 29 -30.24 -27.95 -43.02
N GLU D 30 -29.99 -27.19 -44.08
CA GLU D 30 -29.18 -27.67 -45.20
C GLU D 30 -27.70 -27.56 -44.83
N ASN D 31 -26.82 -27.81 -45.79
CA ASN D 31 -25.38 -27.83 -45.54
C ASN D 31 -24.85 -26.41 -45.52
N SER D 32 -24.76 -25.83 -44.33
CA SER D 32 -24.16 -24.51 -44.16
C SER D 32 -22.67 -24.63 -43.81
N GLU D 33 -22.37 -25.34 -42.73
CA GLU D 33 -21.00 -25.62 -42.29
C GLU D 33 -20.21 -24.32 -42.11
N THR D 34 -20.74 -23.44 -41.25
CA THR D 34 -20.11 -22.16 -41.00
C THR D 34 -19.09 -22.28 -39.89
N VAL D 35 -17.90 -21.74 -40.12
CA VAL D 35 -16.80 -21.76 -39.16
C VAL D 35 -16.39 -20.32 -38.87
N VAL D 36 -16.35 -19.96 -37.60
CA VAL D 36 -15.97 -18.61 -37.19
C VAL D 36 -14.79 -18.72 -36.24
N THR D 37 -13.75 -17.92 -36.49
CA THR D 37 -12.54 -17.95 -35.68
C THR D 37 -12.14 -16.54 -35.29
N GLY D 38 -11.56 -16.43 -34.10
CA GLY D 38 -10.97 -15.19 -33.66
C GLY D 38 -9.55 -15.42 -33.21
N SER D 39 -8.65 -14.52 -33.60
CA SER D 39 -7.23 -14.81 -33.43
C SER D 39 -6.47 -13.50 -33.16
N LEU D 40 -6.27 -13.21 -31.88
CA LEU D 40 -5.30 -12.23 -31.38
C LEU D 40 -5.29 -10.97 -32.25
N ASP D 41 -6.47 -10.53 -32.66
CA ASP D 41 -6.61 -9.38 -33.56
C ASP D 41 -8.03 -8.85 -33.45
N ASP D 42 -8.34 -7.88 -34.30
CA ASP D 42 -9.70 -7.41 -34.49
C ASP D 42 -10.48 -8.32 -35.42
N LEU D 43 -9.78 -9.21 -36.12
CA LEU D 43 -10.37 -10.04 -37.16
C LEU D 43 -11.16 -11.19 -36.54
N VAL D 44 -12.41 -11.32 -36.95
CA VAL D 44 -13.33 -12.35 -36.48
C VAL D 44 -13.75 -13.13 -37.73
N LYS D 45 -12.82 -13.23 -38.69
CA LYS D 45 -13.08 -13.81 -40.01
C LYS D 45 -13.95 -15.06 -39.93
N VAL D 46 -14.92 -15.14 -40.83
CA VAL D 46 -15.87 -16.23 -40.94
C VAL D 46 -15.55 -17.02 -42.20
N TRP D 47 -15.30 -18.31 -42.04
CA TRP D 47 -14.98 -19.20 -43.15
C TRP D 47 -16.18 -20.09 -43.45
N LYS D 48 -16.15 -20.71 -44.64
CA LYS D 48 -17.20 -21.64 -45.03
C LYS D 48 -16.60 -22.83 -45.77
N TRP D 49 -17.00 -24.02 -45.35
CA TRP D 49 -16.59 -25.30 -45.94
C TRP D 49 -17.65 -25.76 -46.93
N ARG D 50 -17.44 -25.51 -48.24
CA ARG D 50 -18.54 -25.78 -49.16
C ARG D 50 -18.63 -27.26 -49.52
N ASP D 51 -17.61 -27.80 -50.18
CA ASP D 51 -17.63 -29.23 -50.47
C ASP D 51 -16.46 -29.99 -49.88
N GLU D 52 -15.24 -29.51 -50.11
CA GLU D 52 -14.03 -30.14 -49.58
C GLU D 52 -13.00 -29.15 -49.04
N ARG D 53 -13.26 -27.85 -49.12
CA ARG D 53 -12.30 -26.83 -48.69
C ARG D 53 -13.03 -25.74 -47.93
N LEU D 54 -12.26 -24.85 -47.32
CA LEU D 54 -12.79 -23.69 -46.63
C LEU D 54 -12.64 -22.47 -47.52
N ASP D 55 -13.71 -21.69 -47.65
CA ASP D 55 -13.72 -20.48 -48.45
C ASP D 55 -14.05 -19.29 -47.56
N LEU D 56 -13.20 -18.27 -47.58
CA LEU D 56 -13.45 -17.09 -46.77
C LEU D 56 -14.61 -16.29 -47.35
N GLN D 57 -15.56 -15.92 -46.50
CA GLN D 57 -16.74 -15.18 -46.93
C GLN D 57 -16.80 -13.79 -46.31
N TRP D 58 -16.67 -13.68 -45.00
CA TRP D 58 -16.72 -12.41 -44.29
C TRP D 58 -15.41 -12.19 -43.53
N SER D 59 -14.95 -10.95 -43.53
CA SER D 59 -13.78 -10.52 -42.77
C SER D 59 -14.15 -9.38 -41.82
N LEU D 60 -15.29 -9.51 -41.15
CA LEU D 60 -15.79 -8.46 -40.27
C LEU D 60 -14.82 -8.21 -39.12
N GLU D 61 -14.74 -6.94 -38.72
CA GLU D 61 -13.80 -6.48 -37.69
C GLU D 61 -14.44 -5.30 -36.97
N GLY D 62 -13.64 -4.61 -36.15
CA GLY D 62 -14.15 -3.54 -35.33
C GLY D 62 -13.82 -3.66 -33.86
N HIS D 63 -12.83 -4.48 -33.54
CA HIS D 63 -12.32 -4.61 -32.18
C HIS D 63 -11.00 -3.87 -32.06
N GLN D 64 -10.60 -3.58 -30.82
CA GLN D 64 -9.35 -2.90 -30.56
C GLN D 64 -8.28 -3.76 -29.94
N LEU D 65 -8.66 -4.81 -29.21
CA LEU D 65 -7.69 -5.75 -28.64
C LEU D 65 -8.02 -7.17 -29.12
N GLY D 66 -7.19 -8.12 -28.68
CA GLY D 66 -7.34 -9.49 -29.14
C GLY D 66 -8.63 -10.13 -28.65
N VAL D 67 -9.34 -10.78 -29.57
CA VAL D 67 -10.58 -11.47 -29.24
C VAL D 67 -10.27 -12.82 -28.60
N VAL D 68 -10.88 -13.08 -27.44
CA VAL D 68 -10.55 -14.28 -26.67
C VAL D 68 -11.57 -15.41 -26.82
N SER D 69 -12.80 -15.12 -27.23
CA SER D 69 -13.82 -16.15 -27.31
C SER D 69 -14.84 -15.80 -28.38
N VAL D 70 -15.30 -16.82 -29.11
CA VAL D 70 -16.33 -16.66 -30.13
C VAL D 70 -17.30 -17.82 -30.00
N ASP D 71 -18.54 -17.61 -30.46
CA ASP D 71 -19.59 -18.60 -30.35
C ASP D 71 -20.57 -18.40 -31.50
N ILE D 72 -21.26 -19.48 -31.87
CA ILE D 72 -22.23 -19.45 -32.95
C ILE D 72 -23.49 -20.17 -32.52
N SER D 73 -24.62 -19.72 -33.04
CA SER D 73 -25.93 -20.27 -32.71
C SER D 73 -26.35 -21.32 -33.73
N HIS D 74 -27.18 -22.26 -33.28
CA HIS D 74 -27.69 -23.29 -34.18
C HIS D 74 -29.09 -23.02 -34.69
N THR D 75 -29.86 -22.13 -34.06
CA THR D 75 -31.21 -21.86 -34.51
C THR D 75 -31.27 -20.68 -35.49
N LEU D 76 -30.81 -19.51 -35.05
CA LEU D 76 -30.79 -18.31 -35.86
C LEU D 76 -29.38 -18.00 -36.34
N PRO D 77 -29.21 -17.35 -37.50
CA PRO D 77 -27.87 -16.94 -37.92
C PRO D 77 -27.40 -15.71 -37.17
N ILE D 78 -26.44 -15.90 -36.26
CA ILE D 78 -25.97 -14.84 -35.39
C ILE D 78 -24.63 -15.27 -34.82
N ALA D 79 -23.83 -14.29 -34.40
CA ALA D 79 -22.54 -14.58 -33.79
C ALA D 79 -22.23 -13.51 -32.74
N ALA D 80 -21.34 -13.87 -31.82
CA ALA D 80 -20.93 -12.97 -30.74
C ALA D 80 -19.44 -13.14 -30.50
N SER D 81 -18.82 -12.08 -29.98
CA SER D 81 -17.39 -12.11 -29.71
C SER D 81 -17.08 -11.10 -28.62
N SER D 82 -16.09 -11.43 -27.80
CA SER D 82 -15.60 -10.55 -26.75
C SER D 82 -14.08 -10.49 -26.80
N SER D 83 -13.52 -9.42 -26.26
CA SER D 83 -12.08 -9.20 -26.32
C SER D 83 -11.65 -8.49 -25.03
N LEU D 84 -10.35 -8.17 -24.97
CA LEU D 84 -9.86 -7.32 -23.89
C LEU D 84 -10.32 -5.89 -24.03
N ASP D 85 -10.98 -5.55 -25.15
CA ASP D 85 -11.49 -4.21 -25.41
C ASP D 85 -12.66 -3.86 -24.51
N ALA D 86 -13.18 -4.83 -23.75
CA ALA D 86 -14.34 -4.63 -22.88
C ALA D 86 -15.58 -4.24 -23.68
N HIS D 87 -15.90 -5.09 -24.66
CA HIS D 87 -17.06 -4.87 -25.51
C HIS D 87 -17.54 -6.20 -26.06
N ILE D 88 -18.81 -6.52 -25.83
CA ILE D 88 -19.43 -7.70 -26.40
C ILE D 88 -20.34 -7.25 -27.53
N ARG D 89 -19.80 -7.25 -28.75
CA ARG D 89 -20.53 -6.85 -29.94
C ARG D 89 -20.91 -8.10 -30.72
N LEU D 90 -22.21 -8.29 -30.95
CA LEU D 90 -22.71 -9.47 -31.65
C LEU D 90 -23.00 -9.14 -33.11
N TRP D 91 -22.52 -10.01 -34.01
CA TRP D 91 -22.61 -9.76 -35.43
C TRP D 91 -23.81 -10.48 -36.03
N ASP D 92 -24.18 -10.05 -37.25
CA ASP D 92 -25.35 -10.65 -37.90
C ASP D 92 -25.00 -12.00 -38.50
N LEU D 93 -23.77 -12.15 -38.98
CA LEU D 93 -23.21 -13.38 -39.55
C LEU D 93 -23.78 -13.62 -40.94
N GLU D 94 -24.75 -12.82 -41.37
CA GLU D 94 -25.25 -12.90 -42.73
C GLU D 94 -24.70 -11.76 -43.57
N ASN D 95 -24.89 -10.52 -43.12
CA ASN D 95 -24.19 -9.38 -43.69
C ASN D 95 -22.99 -8.94 -42.87
N GLY D 96 -22.96 -9.30 -41.58
CA GLY D 96 -21.81 -9.06 -40.73
C GLY D 96 -21.56 -7.60 -40.40
N LYS D 97 -22.60 -6.84 -40.02
CA LYS D 97 -22.40 -5.45 -39.60
C LYS D 97 -23.07 -5.13 -38.25
N GLN D 98 -22.35 -5.39 -37.18
CA GLN D 98 -22.51 -4.74 -35.87
C GLN D 98 -23.97 -4.54 -35.45
N ILE D 99 -24.71 -5.65 -35.31
CA ILE D 99 -26.10 -5.55 -34.89
C ILE D 99 -26.23 -4.76 -33.59
N LYS D 100 -25.42 -5.11 -32.59
CA LYS D 100 -25.49 -4.45 -31.29
C LYS D 100 -24.07 -4.27 -30.74
N SER D 101 -24.00 -3.66 -29.55
CA SER D 101 -22.72 -3.45 -28.87
C SER D 101 -23.03 -3.22 -27.40
N ILE D 102 -22.52 -4.09 -26.53
CA ILE D 102 -22.79 -4.02 -25.09
C ILE D 102 -21.49 -3.68 -24.37
N ASP D 103 -21.59 -2.77 -23.39
CA ASP D 103 -20.44 -2.34 -22.61
C ASP D 103 -20.31 -3.22 -21.36
N ALA D 104 -19.18 -3.93 -21.25
CA ALA D 104 -18.91 -4.76 -20.08
C ALA D 104 -17.42 -5.05 -20.04
N GLY D 105 -16.76 -4.68 -18.95
CA GLY D 105 -15.34 -4.86 -18.83
C GLY D 105 -14.95 -6.27 -18.49
N PRO D 106 -13.64 -6.53 -18.47
CA PRO D 106 -13.15 -7.82 -17.97
C PRO D 106 -13.57 -8.09 -16.53
N VAL D 107 -13.95 -7.05 -15.79
CA VAL D 107 -14.52 -7.20 -14.46
C VAL D 107 -16.02 -7.47 -14.51
N ASP D 108 -16.59 -7.51 -15.71
CA ASP D 108 -18.01 -7.77 -15.89
C ASP D 108 -18.31 -8.98 -16.77
N ALA D 109 -17.46 -9.28 -17.75
CA ALA D 109 -17.70 -10.41 -18.64
C ALA D 109 -16.37 -10.88 -19.20
N TRP D 110 -16.15 -12.20 -19.21
CA TRP D 110 -14.92 -12.76 -19.78
C TRP D 110 -15.17 -13.64 -20.99
N THR D 111 -16.05 -14.63 -20.89
CA THR D 111 -16.29 -15.56 -21.98
C THR D 111 -17.77 -15.57 -22.38
N LEU D 112 -18.03 -16.13 -23.56
CA LEU D 112 -19.35 -16.13 -24.16
C LEU D 112 -19.88 -17.55 -24.28
N ALA D 113 -21.20 -17.68 -24.23
CA ALA D 113 -21.88 -18.96 -24.40
C ALA D 113 -23.32 -18.70 -24.76
N PHE D 114 -23.78 -19.21 -25.89
CA PHE D 114 -25.17 -18.98 -26.28
C PHE D 114 -26.09 -19.92 -25.53
N SER D 115 -27.32 -19.44 -25.32
CA SER D 115 -28.37 -20.23 -24.71
C SER D 115 -28.83 -21.32 -25.68
N PRO D 116 -29.39 -22.43 -25.17
CA PRO D 116 -29.91 -23.46 -26.08
C PRO D 116 -30.95 -22.88 -27.02
N ASP D 117 -31.74 -21.92 -26.55
CA ASP D 117 -32.66 -21.19 -27.41
C ASP D 117 -32.07 -19.85 -27.86
N SER D 118 -30.80 -19.61 -27.55
CA SER D 118 -30.09 -18.37 -27.94
C SER D 118 -30.82 -17.14 -27.42
N GLN D 119 -30.92 -17.05 -26.09
CA GLN D 119 -31.69 -16.00 -25.44
C GLN D 119 -31.00 -15.28 -24.29
N TYR D 120 -29.95 -15.84 -23.68
CA TYR D 120 -29.46 -15.26 -22.42
C TYR D 120 -28.01 -14.78 -22.44
N LEU D 121 -27.08 -15.50 -23.09
CA LEU D 121 -25.70 -15.03 -23.23
C LEU D 121 -25.03 -14.76 -21.87
N ALA D 122 -24.89 -15.81 -21.08
CA ALA D 122 -24.26 -15.64 -19.77
C ALA D 122 -22.76 -15.42 -19.93
N THR D 123 -22.19 -14.69 -18.97
CA THR D 123 -20.75 -14.44 -18.95
C THR D 123 -20.28 -14.55 -17.51
N GLY D 124 -18.97 -14.53 -17.31
CA GLY D 124 -18.39 -14.63 -15.98
C GLY D 124 -17.49 -13.46 -15.67
N THR D 125 -17.50 -13.04 -14.41
CA THR D 125 -16.77 -11.88 -13.94
C THR D 125 -15.69 -12.30 -12.95
N HIS D 126 -14.88 -11.31 -12.54
CA HIS D 126 -13.83 -11.57 -11.57
C HIS D 126 -14.40 -11.86 -10.19
N VAL D 127 -15.43 -11.12 -9.79
CA VAL D 127 -15.96 -11.19 -8.43
C VAL D 127 -16.75 -12.48 -8.24
N GLY D 128 -16.82 -13.30 -9.27
CA GLY D 128 -17.42 -14.60 -9.16
C GLY D 128 -18.82 -14.73 -9.73
N LYS D 129 -19.53 -13.62 -9.92
CA LYS D 129 -20.90 -13.72 -10.41
C LYS D 129 -20.92 -14.21 -11.86
N VAL D 130 -22.12 -14.48 -12.34
CA VAL D 130 -22.35 -14.90 -13.71
C VAL D 130 -23.36 -13.93 -14.32
N ASN D 131 -22.87 -12.90 -15.00
CA ASN D 131 -23.74 -11.90 -15.59
C ASN D 131 -24.49 -12.47 -16.79
N ILE D 132 -25.81 -12.30 -16.81
CA ILE D 132 -26.65 -12.75 -17.93
C ILE D 132 -27.29 -11.52 -18.56
N PHE D 133 -27.03 -11.30 -19.84
CA PHE D 133 -27.58 -10.19 -20.58
C PHE D 133 -28.80 -10.70 -21.34
N GLY D 134 -29.38 -9.85 -22.18
CA GLY D 134 -30.49 -10.33 -22.98
C GLY D 134 -30.39 -9.94 -24.45
N VAL D 135 -30.32 -10.92 -25.35
CA VAL D 135 -30.27 -10.57 -26.76
C VAL D 135 -31.63 -10.03 -27.17
N GLU D 136 -31.61 -8.90 -27.87
CA GLU D 136 -32.74 -8.19 -28.50
C GLU D 136 -33.68 -7.59 -27.47
N SER D 137 -33.44 -7.80 -26.17
CA SER D 137 -34.33 -7.38 -25.11
C SER D 137 -33.74 -6.29 -24.23
N GLY D 138 -32.54 -6.49 -23.70
CA GLY D 138 -31.96 -5.52 -22.80
C GLY D 138 -30.61 -5.98 -22.27
N LYS D 139 -30.09 -5.20 -21.33
CA LYS D 139 -28.77 -5.41 -20.76
C LYS D 139 -28.86 -5.70 -19.27
N LYS D 140 -28.24 -6.81 -18.83
CA LYS D 140 -28.00 -7.07 -17.41
C LYS D 140 -29.30 -7.07 -16.60
N GLU D 141 -30.15 -8.05 -16.92
CA GLU D 141 -31.39 -8.19 -16.16
C GLU D 141 -31.14 -8.87 -14.82
N TYR D 142 -30.27 -9.87 -14.75
CA TYR D 142 -29.92 -10.48 -13.47
C TYR D 142 -28.63 -11.27 -13.63
N SER D 143 -28.08 -11.69 -12.49
CA SER D 143 -26.82 -12.41 -12.46
C SER D 143 -26.79 -13.33 -11.23
N LEU D 144 -26.43 -14.59 -11.43
CA LEU D 144 -26.26 -15.49 -10.29
C LEU D 144 -24.93 -15.19 -9.62
N ASP D 145 -24.92 -15.23 -8.28
CA ASP D 145 -23.76 -14.83 -7.51
C ASP D 145 -23.18 -16.02 -6.76
N THR D 146 -21.87 -16.20 -6.87
CA THR D 146 -21.11 -17.13 -6.04
C THR D 146 -19.89 -16.42 -5.49
N ARG D 147 -19.43 -16.86 -4.32
CA ARG D 147 -18.35 -16.19 -3.59
C ARG D 147 -17.05 -16.92 -3.92
N GLY D 148 -16.39 -16.47 -4.98
CA GLY D 148 -15.18 -17.11 -5.42
C GLY D 148 -14.29 -16.17 -6.21
N LYS D 149 -13.29 -16.76 -6.86
CA LYS D 149 -12.29 -16.03 -7.61
C LYS D 149 -12.71 -15.88 -9.08
N PHE D 150 -11.78 -15.44 -9.91
CA PHE D 150 -11.99 -15.31 -11.35
C PHE D 150 -12.62 -16.57 -11.93
N ILE D 151 -13.66 -16.39 -12.75
CA ILE D 151 -14.37 -17.49 -13.37
C ILE D 151 -14.00 -17.53 -14.85
N LEU D 152 -13.79 -18.73 -15.38
CA LEU D 152 -13.25 -18.89 -16.72
C LEU D 152 -14.23 -19.57 -17.67
N SER D 153 -14.77 -20.72 -17.28
CA SER D 153 -15.59 -21.55 -18.16
C SER D 153 -17.07 -21.39 -17.82
N ILE D 154 -17.90 -21.39 -18.86
CA ILE D 154 -19.36 -21.36 -18.72
C ILE D 154 -19.93 -22.40 -19.67
N ALA D 155 -20.74 -23.32 -19.14
CA ALA D 155 -21.30 -24.40 -19.94
C ALA D 155 -22.80 -24.54 -19.71
N TYR D 156 -23.51 -24.85 -20.80
CA TYR D 156 -24.95 -25.08 -20.78
C TYR D 156 -25.29 -26.51 -21.14
N SER D 157 -26.24 -27.08 -20.40
CA SER D 157 -26.77 -28.38 -20.74
C SER D 157 -27.61 -28.25 -22.01
N PRO D 158 -27.65 -29.28 -22.86
CA PRO D 158 -28.39 -29.15 -24.13
C PRO D 158 -29.90 -29.18 -23.96
N ASP D 159 -30.41 -29.25 -22.73
CA ASP D 159 -31.83 -29.18 -22.46
C ASP D 159 -32.20 -28.04 -21.51
N GLY D 160 -31.21 -27.29 -21.04
CA GLY D 160 -31.43 -26.19 -20.13
C GLY D 160 -31.41 -26.62 -18.68
N LYS D 161 -31.91 -25.72 -17.83
CA LYS D 161 -32.11 -25.94 -16.40
C LYS D 161 -30.83 -26.27 -15.64
N TYR D 162 -29.66 -26.13 -16.28
CA TYR D 162 -28.38 -26.39 -15.65
C TYR D 162 -27.37 -25.38 -16.14
N LEU D 163 -26.36 -25.11 -15.30
CA LEU D 163 -25.31 -24.15 -15.65
C LEU D 163 -24.09 -24.45 -14.80
N ALA D 164 -23.02 -24.91 -15.45
CA ALA D 164 -21.76 -25.18 -14.78
C ALA D 164 -20.80 -24.01 -15.01
N SER D 165 -19.76 -23.95 -14.18
CA SER D 165 -18.82 -22.84 -14.24
C SER D 165 -17.51 -23.26 -13.59
N GLY D 166 -16.43 -23.29 -14.37
CA GLY D 166 -15.12 -23.56 -13.83
C GLY D 166 -14.38 -22.25 -13.54
N ALA D 167 -13.50 -22.30 -12.55
CA ALA D 167 -12.83 -21.10 -12.08
C ALA D 167 -11.37 -21.38 -11.77
N ILE D 168 -10.60 -20.28 -11.68
CA ILE D 168 -9.24 -20.37 -11.16
C ILE D 168 -9.33 -20.92 -9.74
N ASP D 169 -8.34 -21.74 -9.37
CA ASP D 169 -8.03 -22.53 -8.15
C ASP D 169 -8.87 -23.80 -8.11
N GLY D 170 -9.70 -24.07 -9.12
CA GLY D 170 -10.29 -25.38 -9.29
C GLY D 170 -11.69 -25.54 -8.73
N ILE D 171 -12.23 -24.54 -8.05
CA ILE D 171 -13.55 -24.68 -7.46
C ILE D 171 -14.59 -24.67 -8.57
N ILE D 172 -15.48 -25.66 -8.56
CA ILE D 172 -16.51 -25.83 -9.58
C ILE D 172 -17.87 -25.66 -8.92
N ASN D 173 -18.71 -24.82 -9.51
CA ASN D 173 -20.06 -24.54 -9.03
C ASN D 173 -21.05 -24.92 -10.12
N ILE D 174 -22.20 -25.46 -9.70
CA ILE D 174 -23.26 -25.86 -10.62
C ILE D 174 -24.55 -25.16 -10.21
N PHE D 175 -25.17 -24.48 -11.17
CA PHE D 175 -26.41 -23.76 -10.95
C PHE D 175 -27.52 -24.36 -11.80
N ASP D 176 -28.77 -24.13 -11.38
CA ASP D 176 -29.95 -24.52 -12.14
C ASP D 176 -30.64 -23.27 -12.67
N ILE D 177 -30.93 -23.26 -13.97
CA ILE D 177 -31.50 -22.08 -14.59
C ILE D 177 -32.92 -21.81 -14.08
N ALA D 178 -33.66 -22.87 -13.76
CA ALA D 178 -35.06 -22.70 -13.38
C ALA D 178 -35.21 -21.85 -12.13
N THR D 179 -34.34 -22.05 -11.14
CA THR D 179 -34.42 -21.32 -9.88
C THR D 179 -33.22 -20.41 -9.64
N GLY D 180 -32.02 -20.85 -9.99
CA GLY D 180 -30.83 -20.05 -9.76
C GLY D 180 -30.15 -20.25 -8.42
N LYS D 181 -30.39 -21.37 -7.75
CA LYS D 181 -29.81 -21.63 -6.45
C LYS D 181 -28.66 -22.62 -6.58
N LEU D 182 -27.59 -22.39 -5.83
CA LEU D 182 -26.42 -23.26 -5.85
C LEU D 182 -26.78 -24.66 -5.35
N LEU D 183 -26.65 -25.66 -6.22
CA LEU D 183 -26.98 -27.03 -5.82
C LEU D 183 -25.88 -27.65 -4.96
N HIS D 184 -24.68 -27.76 -5.52
CA HIS D 184 -23.55 -28.35 -4.80
C HIS D 184 -22.24 -27.90 -5.44
N THR D 185 -21.20 -27.77 -4.61
CA THR D 185 -19.89 -27.33 -5.07
C THR D 185 -18.92 -28.51 -5.02
N LEU D 186 -18.20 -28.72 -6.11
CA LEU D 186 -17.20 -29.77 -6.20
C LEU D 186 -15.82 -29.15 -6.04
N GLU D 187 -14.98 -29.74 -5.19
CA GLU D 187 -13.64 -29.19 -4.97
C GLU D 187 -12.80 -29.26 -6.24
N GLY D 188 -12.91 -30.35 -6.99
CA GLY D 188 -12.19 -30.45 -8.25
C GLY D 188 -10.69 -30.45 -8.02
N HIS D 189 -10.01 -29.50 -8.64
CA HIS D 189 -8.56 -29.36 -8.59
C HIS D 189 -8.21 -28.16 -7.71
N ALA D 190 -6.90 -27.86 -7.64
CA ALA D 190 -6.44 -26.66 -6.95
C ALA D 190 -5.90 -25.62 -7.91
N MET D 191 -6.13 -25.77 -9.21
CA MET D 191 -5.66 -24.89 -10.25
C MET D 191 -6.78 -24.60 -11.24
N PRO D 192 -6.66 -23.53 -12.04
CA PRO D 192 -7.75 -23.16 -12.95
C PRO D 192 -8.12 -24.25 -13.94
N ILE D 193 -9.39 -24.23 -14.33
CA ILE D 193 -10.04 -25.25 -15.16
C ILE D 193 -9.93 -24.87 -16.64
N ARG D 194 -10.48 -23.70 -16.98
CA ARG D 194 -10.45 -23.09 -18.32
C ARG D 194 -11.04 -23.99 -19.42
N SER D 195 -11.81 -25.02 -19.06
CA SER D 195 -12.47 -25.83 -20.07
C SER D 195 -13.57 -26.66 -19.42
N LEU D 196 -14.79 -26.55 -19.94
CA LEU D 196 -15.92 -27.34 -19.50
C LEU D 196 -16.85 -27.62 -20.68
N THR D 197 -17.60 -28.72 -20.59
CA THR D 197 -18.59 -29.05 -21.60
C THR D 197 -19.53 -30.11 -21.05
N PHE D 198 -20.80 -30.04 -21.43
CA PHE D 198 -21.78 -31.06 -21.13
C PHE D 198 -21.84 -32.08 -22.26
N SER D 199 -22.84 -32.96 -22.20
CA SER D 199 -23.12 -33.97 -23.22
C SER D 199 -24.59 -33.92 -23.56
N PRO D 200 -24.99 -34.42 -24.74
CA PRO D 200 -26.43 -34.57 -25.01
C PRO D 200 -27.09 -35.46 -23.97
N ASP D 201 -28.42 -35.35 -23.88
CA ASP D 201 -29.23 -35.97 -22.83
C ASP D 201 -28.54 -35.90 -21.47
N SER D 202 -28.08 -34.68 -21.15
CA SER D 202 -26.95 -34.48 -20.24
C SER D 202 -27.07 -35.28 -18.95
N GLN D 203 -26.11 -36.19 -18.77
CA GLN D 203 -25.91 -36.87 -17.50
C GLN D 203 -24.43 -37.01 -17.17
N LEU D 204 -23.54 -36.44 -17.99
CA LEU D 204 -22.10 -36.50 -17.78
C LEU D 204 -21.48 -35.12 -17.94
N LEU D 205 -20.59 -34.76 -17.02
CA LEU D 205 -19.88 -33.49 -17.07
C LEU D 205 -18.38 -33.80 -17.12
N VAL D 206 -17.71 -33.29 -18.16
CA VAL D 206 -16.30 -33.56 -18.38
C VAL D 206 -15.52 -32.28 -18.10
N THR D 207 -14.51 -32.38 -17.24
CA THR D 207 -13.69 -31.25 -16.84
C THR D 207 -12.26 -31.44 -17.31
N ALA D 208 -11.65 -30.36 -17.77
CA ALA D 208 -10.24 -30.32 -18.13
C ALA D 208 -9.54 -29.31 -17.24
N SER D 209 -8.36 -29.65 -16.74
CA SER D 209 -7.66 -28.78 -15.80
C SER D 209 -6.28 -28.43 -16.34
N ASP D 210 -5.52 -27.72 -15.51
CA ASP D 210 -4.21 -27.21 -15.88
C ASP D 210 -3.07 -28.17 -15.56
N ASP D 211 -3.33 -29.25 -14.82
CA ASP D 211 -2.31 -30.21 -14.42
C ASP D 211 -2.20 -31.40 -15.36
N GLY D 212 -3.01 -31.47 -16.41
CA GLY D 212 -2.95 -32.55 -17.36
C GLY D 212 -3.99 -33.62 -17.16
N TYR D 213 -4.67 -33.63 -16.01
CA TYR D 213 -5.68 -34.62 -15.72
C TYR D 213 -7.02 -34.20 -16.32
N ILE D 214 -7.87 -35.19 -16.59
CA ILE D 214 -9.21 -34.97 -17.13
C ILE D 214 -10.19 -35.72 -16.25
N LYS D 215 -11.01 -34.99 -15.49
CA LYS D 215 -12.00 -35.59 -14.62
C LYS D 215 -13.31 -35.75 -15.38
N ILE D 216 -14.01 -36.84 -15.13
CA ILE D 216 -15.33 -37.09 -15.71
C ILE D 216 -16.31 -37.15 -14.56
N TYR D 217 -17.11 -36.09 -14.39
CA TYR D 217 -18.08 -36.04 -13.31
C TYR D 217 -19.47 -36.40 -13.82
N ASP D 218 -20.35 -36.70 -12.87
CA ASP D 218 -21.75 -37.01 -13.13
C ASP D 218 -22.63 -35.93 -12.52
N VAL D 219 -23.52 -35.35 -13.33
CA VAL D 219 -24.40 -34.29 -12.85
C VAL D 219 -25.41 -34.95 -11.90
N GLN D 220 -26.11 -34.12 -11.12
CA GLN D 220 -27.15 -34.42 -10.12
C GLN D 220 -26.60 -35.15 -8.90
N HIS D 221 -25.30 -35.44 -8.86
CA HIS D 221 -24.65 -35.99 -7.66
C HIS D 221 -23.21 -35.52 -7.66
N ALA D 222 -22.43 -36.00 -6.68
CA ALA D 222 -21.01 -35.65 -6.59
C ALA D 222 -20.09 -36.83 -6.89
N ASN D 223 -20.60 -37.88 -7.53
CA ASN D 223 -19.78 -39.05 -7.82
C ASN D 223 -18.96 -38.84 -9.09
N LEU D 224 -17.65 -39.07 -8.97
CA LEU D 224 -16.74 -38.99 -10.11
C LEU D 224 -16.49 -40.40 -10.66
N ALA D 225 -16.59 -40.54 -11.99
CA ALA D 225 -16.48 -41.83 -12.63
C ALA D 225 -15.05 -42.23 -12.96
N GLY D 226 -14.09 -41.33 -12.81
CA GLY D 226 -12.71 -41.68 -13.07
C GLY D 226 -11.89 -40.45 -13.39
N THR D 227 -10.58 -40.67 -13.54
CA THR D 227 -9.62 -39.63 -13.87
C THR D 227 -8.75 -40.10 -15.02
N LEU D 228 -8.70 -39.32 -16.10
CA LEU D 228 -7.93 -39.66 -17.28
C LEU D 228 -6.67 -38.80 -17.32
N SER D 229 -5.52 -39.46 -17.41
CA SER D 229 -4.22 -38.79 -17.41
C SER D 229 -3.37 -39.37 -18.55
N GLY D 230 -3.42 -38.73 -19.70
CA GLY D 230 -2.63 -39.17 -20.83
C GLY D 230 -1.77 -38.07 -21.43
N HIS D 231 -2.11 -36.81 -21.13
CA HIS D 231 -1.40 -35.68 -21.68
C HIS D 231 -0.17 -35.34 -20.86
N ALA D 232 0.74 -34.60 -21.49
CA ALA D 232 2.01 -34.22 -20.88
C ALA D 232 2.08 -32.75 -20.48
N SER D 233 1.22 -31.91 -21.05
CA SER D 233 1.23 -30.47 -20.78
C SER D 233 -0.15 -29.99 -20.38
N TRP D 234 -0.32 -28.67 -20.29
CA TRP D 234 -1.61 -28.10 -19.92
C TRP D 234 -2.69 -28.51 -20.90
N VAL D 235 -3.91 -28.71 -20.40
CA VAL D 235 -5.08 -28.99 -21.21
C VAL D 235 -5.92 -27.72 -21.31
N LEU D 236 -6.22 -27.29 -22.52
CA LEU D 236 -6.83 -25.98 -22.75
C LEU D 236 -8.29 -26.05 -23.16
N ASN D 237 -8.69 -27.01 -24.00
CA ASN D 237 -10.07 -27.07 -24.46
C ASN D 237 -10.49 -28.52 -24.63
N VAL D 238 -11.75 -28.81 -24.33
CA VAL D 238 -12.35 -30.14 -24.48
C VAL D 238 -13.74 -29.99 -25.08
N ALA D 239 -14.01 -30.74 -26.15
CA ALA D 239 -15.32 -30.74 -26.80
C ALA D 239 -15.85 -32.16 -26.85
N PHE D 240 -17.16 -32.31 -26.71
CA PHE D 240 -17.79 -33.61 -26.63
C PHE D 240 -18.48 -33.93 -27.97
N CYS D 241 -18.54 -35.23 -28.31
CA CYS D 241 -19.13 -35.66 -29.56
C CYS D 241 -20.66 -35.63 -29.50
N PRO D 242 -21.34 -35.45 -30.63
CA PRO D 242 -22.81 -35.48 -30.63
C PRO D 242 -23.44 -36.77 -30.11
N ASP D 243 -22.74 -37.90 -30.21
CA ASP D 243 -23.19 -39.16 -29.64
C ASP D 243 -22.31 -39.52 -28.45
N ASP D 244 -22.92 -40.02 -27.38
CA ASP D 244 -22.18 -40.19 -26.15
C ASP D 244 -21.24 -41.40 -26.21
N THR D 245 -20.24 -41.33 -27.08
CA THR D 245 -19.26 -42.40 -27.24
C THR D 245 -17.82 -41.92 -27.26
N HIS D 246 -17.55 -40.66 -27.58
CA HIS D 246 -16.20 -40.12 -27.64
C HIS D 246 -16.23 -38.66 -27.22
N PHE D 247 -15.03 -38.13 -26.94
CA PHE D 247 -14.85 -36.70 -26.72
C PHE D 247 -13.40 -36.36 -27.05
N VAL D 248 -13.19 -35.15 -27.56
CA VAL D 248 -11.89 -34.71 -28.03
C VAL D 248 -11.32 -33.71 -27.04
N SER D 249 -10.03 -33.85 -26.74
CA SER D 249 -9.33 -32.97 -25.82
C SER D 249 -8.07 -32.45 -26.51
N SER D 250 -7.76 -31.18 -26.27
CA SER D 250 -6.57 -30.54 -26.82
C SER D 250 -5.70 -30.01 -25.69
N SER D 251 -4.42 -30.37 -25.72
CA SER D 251 -3.50 -29.98 -24.66
C SER D 251 -2.45 -29.00 -25.20
N SER D 252 -1.55 -28.60 -24.31
CA SER D 252 -0.49 -27.65 -24.62
C SER D 252 0.81 -28.32 -25.08
N ASP D 253 0.83 -29.64 -25.22
CA ASP D 253 2.02 -30.36 -25.67
C ASP D 253 2.03 -30.61 -27.17
N LYS D 254 1.29 -29.81 -27.95
CA LYS D 254 1.26 -29.93 -29.40
C LYS D 254 0.79 -31.31 -29.83
N SER D 255 -0.34 -31.75 -29.26
CA SER D 255 -0.92 -33.05 -29.57
C SER D 255 -2.42 -32.98 -29.39
N VAL D 256 -3.16 -33.50 -30.36
CA VAL D 256 -4.61 -33.57 -30.29
C VAL D 256 -5.00 -35.03 -30.15
N LYS D 257 -5.65 -35.37 -29.04
CA LYS D 257 -6.03 -36.73 -28.74
C LYS D 257 -7.54 -36.86 -28.63
N VAL D 258 -8.05 -38.01 -29.03
CA VAL D 258 -9.48 -38.34 -28.95
C VAL D 258 -9.65 -39.51 -28.00
N TRP D 259 -10.52 -39.35 -27.01
CA TRP D 259 -10.80 -40.36 -26.01
C TRP D 259 -12.18 -40.97 -26.21
N ASP D 260 -12.47 -42.00 -25.43
CA ASP D 260 -13.75 -42.69 -25.42
C ASP D 260 -14.20 -42.80 -23.97
N VAL D 261 -15.45 -42.40 -23.71
CA VAL D 261 -15.94 -42.35 -22.34
C VAL D 261 -16.23 -43.75 -21.82
N GLY D 262 -16.61 -44.68 -22.70
CA GLY D 262 -17.02 -46.00 -22.24
C GLY D 262 -15.88 -46.76 -21.55
N THR D 263 -14.69 -46.72 -22.13
CA THR D 263 -13.55 -47.44 -21.57
C THR D 263 -12.47 -46.52 -21.01
N ARG D 264 -12.59 -45.21 -21.19
CA ARG D 264 -11.65 -44.22 -20.66
C ARG D 264 -10.21 -44.51 -21.14
N THR D 265 -10.04 -44.45 -22.45
CA THR D 265 -8.72 -44.64 -23.06
C THR D 265 -8.64 -43.81 -24.34
N CYS D 266 -7.40 -43.57 -24.78
CA CYS D 266 -7.14 -42.78 -25.96
C CYS D 266 -7.07 -43.70 -27.18
N VAL D 267 -8.06 -43.59 -28.07
CA VAL D 267 -8.12 -44.46 -29.23
C VAL D 267 -7.08 -44.04 -30.28
N HIS D 268 -6.91 -42.74 -30.49
CA HIS D 268 -5.95 -42.25 -31.48
C HIS D 268 -5.38 -40.91 -31.05
N THR D 269 -4.20 -40.60 -31.57
CA THR D 269 -3.54 -39.32 -31.36
C THR D 269 -3.04 -38.78 -32.69
N PHE D 270 -3.20 -37.47 -32.88
CA PHE D 270 -2.71 -36.78 -34.07
C PHE D 270 -1.47 -35.98 -33.71
N PHE D 271 -0.38 -36.21 -34.45
CA PHE D 271 0.87 -35.48 -34.23
C PHE D 271 1.02 -34.44 -35.34
N ASP D 272 0.40 -33.29 -35.11
CA ASP D 272 0.41 -32.11 -35.98
C ASP D 272 0.54 -30.91 -35.05
N HIS D 273 0.29 -29.71 -35.58
CA HIS D 273 0.15 -28.52 -34.74
C HIS D 273 1.40 -28.30 -33.87
N GLN D 274 2.50 -27.99 -34.58
CA GLN D 274 3.82 -27.84 -33.98
C GLN D 274 3.84 -26.91 -32.77
N ASP D 275 2.84 -26.05 -32.60
CA ASP D 275 2.79 -25.18 -31.44
C ASP D 275 1.50 -25.47 -30.67
N GLN D 276 1.23 -24.69 -29.63
CA GLN D 276 0.07 -24.97 -28.78
C GLN D 276 -1.24 -24.85 -29.56
N VAL D 277 -2.21 -25.66 -29.15
CA VAL D 277 -3.54 -25.69 -29.74
C VAL D 277 -4.51 -25.10 -28.74
N TRP D 278 -5.26 -24.07 -29.14
CA TRP D 278 -6.11 -23.35 -28.21
C TRP D 278 -7.60 -23.67 -28.35
N GLY D 279 -7.99 -24.50 -29.31
CA GLY D 279 -9.39 -24.79 -29.50
C GLY D 279 -9.71 -25.99 -30.37
N VAL D 280 -10.66 -26.81 -29.94
CA VAL D 280 -11.15 -27.94 -30.73
C VAL D 280 -12.66 -28.01 -30.58
N LYS D 281 -13.34 -28.33 -31.68
CA LYS D 281 -14.79 -28.40 -31.67
C LYS D 281 -15.25 -29.50 -32.63
N TYR D 282 -16.45 -30.01 -32.38
CA TYR D 282 -17.11 -30.95 -33.27
C TYR D 282 -18.09 -30.22 -34.17
N ASN D 283 -18.51 -30.92 -35.23
CA ASN D 283 -19.54 -30.42 -36.13
C ASN D 283 -20.89 -31.04 -35.77
N GLY D 284 -21.90 -30.77 -36.60
CA GLY D 284 -23.24 -31.24 -36.32
C GLY D 284 -23.33 -32.73 -36.05
N ASN D 285 -22.79 -33.53 -36.98
CA ASN D 285 -22.66 -34.96 -36.79
C ASN D 285 -21.19 -35.32 -36.60
N GLY D 286 -20.94 -36.38 -35.82
CA GLY D 286 -19.59 -36.71 -35.42
C GLY D 286 -18.72 -37.33 -36.49
N SER D 287 -18.38 -36.54 -37.52
CA SER D 287 -17.57 -37.02 -38.63
C SER D 287 -16.28 -36.24 -38.84
N LYS D 288 -16.23 -34.98 -38.41
CA LYS D 288 -15.08 -34.12 -38.63
C LYS D 288 -14.70 -33.41 -37.34
N ILE D 289 -13.41 -33.07 -37.23
CA ILE D 289 -12.87 -32.38 -36.07
C ILE D 289 -12.10 -31.16 -36.54
N VAL D 290 -12.38 -30.01 -35.92
CA VAL D 290 -11.66 -28.77 -36.20
C VAL D 290 -10.71 -28.51 -35.04
N SER D 291 -9.58 -27.87 -35.33
CA SER D 291 -8.58 -27.57 -34.33
C SER D 291 -7.81 -26.34 -34.76
N VAL D 292 -7.70 -25.35 -33.88
CA VAL D 292 -6.93 -24.14 -34.13
C VAL D 292 -5.78 -24.07 -33.14
N GLY D 293 -4.61 -23.63 -33.61
CA GLY D 293 -3.41 -23.63 -32.80
C GLY D 293 -2.81 -22.24 -32.66
N ASP D 294 -1.76 -22.16 -31.83
CA ASP D 294 -1.05 -20.89 -31.66
C ASP D 294 -0.40 -20.44 -32.96
N ASP D 295 0.12 -21.39 -33.73
CA ASP D 295 0.55 -21.08 -35.09
C ASP D 295 -0.66 -20.89 -36.00
N GLN D 296 -0.49 -19.99 -36.99
CA GLN D 296 -1.57 -19.59 -37.89
C GLN D 296 -1.86 -20.70 -38.90
N GLU D 297 -2.65 -21.68 -38.48
CA GLU D 297 -3.05 -22.79 -39.34
C GLU D 297 -4.42 -23.29 -38.90
N ILE D 298 -5.25 -23.64 -39.88
CA ILE D 298 -6.56 -24.22 -39.64
C ILE D 298 -6.55 -25.66 -40.12
N HIS D 299 -6.82 -26.59 -39.21
CA HIS D 299 -6.83 -28.01 -39.53
C HIS D 299 -8.23 -28.58 -39.37
N ILE D 300 -8.67 -29.34 -40.38
CA ILE D 300 -9.91 -30.10 -40.35
C ILE D 300 -9.55 -31.57 -40.46
N TYR D 301 -10.13 -32.40 -39.62
CA TYR D 301 -9.85 -33.82 -39.64
C TYR D 301 -11.08 -34.61 -40.06
N ASP D 302 -10.94 -35.94 -40.05
CA ASP D 302 -12.02 -36.85 -40.43
C ASP D 302 -12.08 -37.98 -39.42
N CYS D 303 -13.22 -38.14 -38.76
CA CYS D 303 -13.42 -39.24 -37.81
C CYS D 303 -14.64 -40.06 -38.25
N PRO D 304 -14.45 -41.28 -38.74
CA PRO D 304 -15.60 -42.07 -39.20
C PRO D 304 -16.45 -42.54 -38.03
N ILE D 305 -17.73 -42.76 -38.32
CA ILE D 305 -18.69 -43.18 -37.31
C ILE D 305 -18.36 -44.58 -36.81
#